data_2FFT
#
_entry.id   2FFT
#
_cell.length_a   1.000
_cell.length_b   1.000
_cell.length_c   1.000
_cell.angle_alpha   90.00
_cell.angle_beta   90.00
_cell.angle_gamma   90.00
#
_symmetry.space_group_name_H-M   'P 1'
#
_entity_poly.entity_id   1
_entity_poly.type   'polypeptide(L)'
_entity_poly.pdbx_seq_one_letter_code
;SAAKGTAETKQEKSFVDWLLGKITKEDQFYETDPILRGGDVKSSGSTSGKKGGTTSGKKGTVSIPSKKKNGNGGVFGGLF
AKKD
;
_entity_poly.pdbx_strand_id   A
#
# COMPACT_ATOMS: atom_id res chain seq x y z
N SER A 1 -29.31 24.55 -7.16
CA SER A 1 -28.48 25.40 -8.02
C SER A 1 -27.35 24.60 -8.65
N ALA A 2 -27.60 23.31 -8.86
CA ALA A 2 -26.60 22.43 -9.46
C ALA A 2 -27.23 21.15 -9.99
N ALA A 3 -26.57 20.52 -10.94
CA ALA A 3 -27.07 19.28 -11.53
C ALA A 3 -25.96 18.54 -12.28
N LYS A 4 -25.74 17.29 -11.92
CA LYS A 4 -24.71 16.47 -12.55
C LYS A 4 -23.35 17.15 -12.47
N GLY A 5 -22.35 16.53 -13.09
CA GLY A 5 -21.01 17.09 -13.06
C GLY A 5 -19.94 16.03 -13.28
N THR A 6 -18.72 16.33 -12.84
CA THR A 6 -17.61 15.40 -12.98
C THR A 6 -17.36 14.63 -11.68
N ALA A 7 -18.06 13.52 -11.52
CA ALA A 7 -17.91 12.70 -10.32
C ALA A 7 -16.69 11.79 -10.43
N GLU A 8 -16.57 11.09 -11.56
CA GLU A 8 -15.44 10.19 -11.79
C GLU A 8 -14.22 10.95 -12.26
N THR A 9 -13.19 11.01 -11.42
CA THR A 9 -11.96 11.72 -11.75
C THR A 9 -10.84 11.35 -10.78
N LYS A 10 -9.72 10.89 -11.34
CA LYS A 10 -8.57 10.51 -10.51
C LYS A 10 -7.37 10.15 -11.39
N GLN A 11 -6.40 11.06 -11.46
CA GLN A 11 -5.20 10.84 -12.27
C GLN A 11 -3.94 11.07 -11.44
N GLU A 12 -3.36 9.99 -10.94
CA GLU A 12 -2.14 10.08 -10.14
C GLU A 12 -1.01 9.29 -10.76
N LYS A 13 -0.32 9.91 -11.72
CA LYS A 13 0.79 9.26 -12.42
C LYS A 13 2.05 10.10 -12.31
N SER A 14 2.45 10.43 -11.08
CA SER A 14 3.63 11.22 -10.84
C SER A 14 4.43 10.68 -9.65
N PHE A 15 5.62 11.24 -9.43
CA PHE A 15 6.47 10.81 -8.33
C PHE A 15 5.80 11.09 -6.99
N VAL A 16 4.95 12.11 -6.97
CA VAL A 16 4.24 12.49 -5.74
C VAL A 16 3.41 11.31 -5.22
N ASP A 17 2.82 10.55 -6.13
CA ASP A 17 2.01 9.41 -5.76
C ASP A 17 2.80 8.41 -4.92
N TRP A 18 4.08 8.24 -5.26
CA TRP A 18 4.95 7.33 -4.54
C TRP A 18 5.58 8.01 -3.33
N LEU A 19 5.93 9.28 -3.49
CA LEU A 19 6.54 10.05 -2.41
C LEU A 19 5.59 10.19 -1.23
N LEU A 20 4.40 10.71 -1.51
CA LEU A 20 3.37 10.90 -0.48
C LEU A 20 3.02 9.57 0.18
N GLY A 21 3.21 8.48 -0.55
CA GLY A 21 2.90 7.16 -0.02
C GLY A 21 3.83 6.77 1.10
N LYS A 22 5.01 7.38 1.15
CA LYS A 22 6.00 7.08 2.18
C LYS A 22 5.64 7.76 3.49
N ILE A 23 4.86 8.84 3.40
CA ILE A 23 4.44 9.58 4.59
C ILE A 23 3.13 9.02 5.15
N THR A 24 2.29 8.50 4.26
CA THR A 24 1.01 7.93 4.67
C THR A 24 1.08 6.41 4.72
N LYS A 25 2.27 5.88 4.99
CA LYS A 25 2.46 4.44 5.07
C LYS A 25 2.30 3.79 3.70
N GLU A 26 1.05 3.65 3.27
CA GLU A 26 0.75 3.04 1.97
C GLU A 26 1.38 1.65 1.87
N ASP A 27 1.59 1.01 3.01
CA ASP A 27 2.18 -0.32 3.04
C ASP A 27 1.25 -1.34 2.40
N GLN A 28 1.75 -2.57 2.23
CA GLN A 28 0.97 -3.63 1.61
C GLN A 28 0.60 -4.69 2.65
N PHE A 29 1.58 -5.47 3.07
CA PHE A 29 1.36 -6.52 4.06
C PHE A 29 2.67 -6.96 4.70
N TYR A 30 3.63 -6.05 4.74
CA TYR A 30 4.94 -6.35 5.32
C TYR A 30 4.89 -6.29 6.83
N GLU A 31 5.01 -7.46 7.46
CA GLU A 31 4.96 -7.54 8.92
C GLU A 31 6.35 -7.82 9.48
N THR A 32 7.16 -8.57 8.72
CA THR A 32 8.50 -8.90 9.16
C THR A 32 9.32 -7.64 9.45
N ASP A 33 8.95 -6.54 8.82
CA ASP A 33 9.64 -5.27 9.00
C ASP A 33 11.10 -5.37 8.55
N PRO A 34 11.30 -5.46 7.24
CA PRO A 34 12.63 -5.56 6.64
C PRO A 34 13.44 -4.27 6.78
N ILE A 35 13.99 -4.05 7.96
CA ILE A 35 14.79 -2.85 8.22
C ILE A 35 16.27 -3.11 8.00
N LEU A 36 16.68 -4.37 8.17
CA LEU A 36 18.07 -4.75 7.99
C LEU A 36 18.21 -6.26 7.84
N ARG A 37 18.05 -6.99 8.95
CA ARG A 37 18.15 -8.44 8.94
C ARG A 37 16.81 -9.07 9.27
N GLY A 38 15.98 -8.34 10.00
CA GLY A 38 14.67 -8.86 10.38
C GLY A 38 14.05 -8.07 11.51
N GLY A 39 14.88 -7.42 12.32
CA GLY A 39 14.37 -6.64 13.43
C GLY A 39 14.10 -7.49 14.66
N ASP A 40 14.92 -8.51 14.86
CA ASP A 40 14.76 -9.40 16.01
C ASP A 40 16.12 -9.91 16.49
N VAL A 41 16.52 -9.47 17.68
CA VAL A 41 17.79 -9.88 18.26
C VAL A 41 17.69 -11.27 18.89
N LYS A 42 16.50 -11.59 19.39
CA LYS A 42 16.27 -12.88 20.02
C LYS A 42 17.19 -13.08 21.21
N SER A 43 17.16 -14.28 21.78
CA SER A 43 18.00 -14.60 22.94
C SER A 43 18.54 -16.02 22.84
N SER A 44 17.63 -16.99 22.94
CA SER A 44 18.01 -18.40 22.86
C SER A 44 16.79 -19.29 22.73
N GLY A 45 17.02 -20.60 22.66
CA GLY A 45 15.92 -21.54 22.53
C GLY A 45 16.36 -22.97 22.73
N SER A 46 16.93 -23.27 23.89
CA SER A 46 17.41 -24.61 24.20
C SER A 46 17.77 -24.74 25.68
N THR A 47 16.94 -24.14 26.53
CA THR A 47 17.17 -24.17 27.97
C THR A 47 16.74 -25.52 28.55
N SER A 48 15.73 -26.13 27.95
CA SER A 48 15.23 -27.42 28.41
C SER A 48 16.00 -28.57 27.78
N GLY A 49 15.69 -29.79 28.20
CA GLY A 49 16.37 -30.95 27.67
C GLY A 49 15.59 -32.24 27.91
N LYS A 50 15.54 -33.09 26.90
CA LYS A 50 14.82 -34.36 27.00
C LYS A 50 15.80 -35.53 27.09
N LYS A 51 17.00 -35.34 26.54
CA LYS A 51 18.02 -36.38 26.56
C LYS A 51 17.57 -37.61 25.79
N GLY A 52 18.50 -38.48 25.45
CA GLY A 52 18.18 -39.69 24.72
C GLY A 52 18.24 -40.92 25.59
N GLY A 53 17.36 -40.98 26.59
CA GLY A 53 17.32 -42.13 27.49
C GLY A 53 17.15 -43.44 26.74
N THR A 54 16.25 -43.45 25.76
CA THR A 54 15.99 -44.65 24.98
C THR A 54 16.22 -44.40 23.50
N THR A 55 16.68 -45.42 22.79
CA THR A 55 16.94 -45.32 21.36
C THR A 55 16.20 -46.40 20.59
N SER A 56 14.99 -46.72 21.04
CA SER A 56 14.18 -47.75 20.38
C SER A 56 12.79 -47.81 21.01
N GLY A 57 11.77 -47.73 20.15
CA GLY A 57 10.40 -47.79 20.64
C GLY A 57 9.50 -48.60 19.74
N LYS A 58 9.10 -48.02 18.62
CA LYS A 58 8.24 -48.70 17.66
C LYS A 58 8.78 -48.58 16.24
N LYS A 59 9.57 -49.57 15.84
CA LYS A 59 10.16 -49.58 14.50
C LYS A 59 9.07 -49.50 13.43
N GLY A 60 8.18 -50.48 13.43
CA GLY A 60 7.10 -50.51 12.45
C GLY A 60 7.35 -51.51 11.34
N THR A 61 8.16 -52.52 11.63
CA THR A 61 8.48 -53.55 10.65
C THR A 61 8.54 -54.93 11.29
N VAL A 62 9.26 -55.02 12.41
CA VAL A 62 9.40 -56.28 13.13
C VAL A 62 8.60 -56.27 14.43
N SER A 63 8.40 -55.07 14.98
CA SER A 63 7.66 -54.92 16.22
C SER A 63 6.19 -55.30 16.04
N ILE A 64 5.47 -54.49 15.27
CA ILE A 64 4.06 -54.74 15.01
C ILE A 64 3.84 -56.17 14.52
N PRO A 65 2.61 -56.68 14.72
CA PRO A 65 2.25 -58.03 14.30
C PRO A 65 2.17 -58.18 12.79
N SER A 66 2.02 -57.05 12.09
CA SER A 66 1.94 -57.06 10.64
C SER A 66 0.86 -58.02 10.16
N LYS A 67 -0.26 -58.05 10.89
CA LYS A 67 -1.37 -58.92 10.54
C LYS A 67 -2.56 -58.68 11.45
N LYS A 68 -2.29 -58.41 12.73
CA LYS A 68 -3.34 -58.15 13.71
C LYS A 68 -4.25 -59.36 13.85
N LYS A 69 -3.90 -60.27 14.74
CA LYS A 69 -4.70 -61.47 14.96
C LYS A 69 -6.01 -61.13 15.67
N ASN A 70 -5.96 -60.11 16.51
CA ASN A 70 -7.14 -59.67 17.26
C ASN A 70 -7.83 -58.50 16.56
N GLY A 71 -9.07 -58.23 16.95
CA GLY A 71 -9.81 -57.14 16.35
C GLY A 71 -11.31 -57.33 16.46
N ASN A 72 -11.74 -58.58 16.58
CA ASN A 72 -13.16 -58.89 16.70
C ASN A 72 -13.71 -58.42 18.04
N GLY A 73 -12.87 -58.48 19.07
CA GLY A 73 -13.29 -58.06 20.40
C GLY A 73 -13.40 -56.56 20.52
N GLY A 74 -13.53 -56.07 21.75
CA GLY A 74 -13.65 -54.65 21.98
C GLY A 74 -15.08 -54.23 22.28
N VAL A 75 -15.30 -53.78 23.51
CA VAL A 75 -16.64 -53.35 23.93
C VAL A 75 -16.79 -51.84 23.81
N PHE A 76 -15.75 -51.11 24.21
CA PHE A 76 -15.76 -49.65 24.14
C PHE A 76 -14.86 -49.15 23.02
N GLY A 77 -13.56 -49.33 23.18
CA GLY A 77 -12.61 -48.89 22.17
C GLY A 77 -11.39 -48.22 22.77
N GLY A 78 -11.58 -47.54 23.88
CA GLY A 78 -10.48 -46.85 24.53
C GLY A 78 -10.09 -47.51 25.85
N LEU A 79 -10.21 -48.83 25.90
CA LEU A 79 -9.87 -49.58 27.11
C LEU A 79 -8.46 -50.15 27.01
N PHE A 80 -8.08 -50.57 25.80
CA PHE A 80 -6.76 -51.14 25.57
C PHE A 80 -5.94 -50.25 24.64
N ALA A 81 -6.28 -48.97 24.61
CA ALA A 81 -5.58 -48.01 23.75
C ALA A 81 -4.49 -47.28 24.53
N LYS A 82 -3.30 -47.20 23.95
CA LYS A 82 -2.17 -46.53 24.59
C LYS A 82 -1.80 -45.26 23.83
N LYS A 83 -1.57 -44.19 24.58
CA LYS A 83 -1.20 -42.90 23.99
C LYS A 83 -0.70 -41.93 25.05
N ASP A 84 0.31 -42.35 25.79
CA ASP A 84 0.88 -41.52 26.84
C ASP A 84 1.38 -40.20 26.27
N SER A 1 -0.69 35.16 2.64
CA SER A 1 -0.86 36.22 1.66
C SER A 1 0.06 36.00 0.46
N ALA A 2 -0.49 35.45 -0.62
CA ALA A 2 0.27 35.19 -1.82
C ALA A 2 -0.60 35.31 -3.07
N ALA A 3 -0.02 35.79 -4.16
CA ALA A 3 -0.74 35.95 -5.41
C ALA A 3 -0.89 34.62 -6.13
N LYS A 4 0.23 33.99 -6.47
CA LYS A 4 0.21 32.71 -7.16
C LYS A 4 -0.45 32.84 -8.53
N GLY A 5 0.35 33.19 -9.53
CA GLY A 5 -0.17 33.34 -10.88
C GLY A 5 0.17 32.17 -11.78
N THR A 6 0.35 31.00 -11.17
CA THR A 6 0.69 29.79 -11.91
C THR A 6 0.06 28.56 -11.30
N ALA A 7 -0.96 28.02 -11.96
CA ALA A 7 -1.64 26.83 -11.48
C ALA A 7 -0.67 25.71 -11.16
N GLU A 8 0.11 25.30 -12.17
CA GLU A 8 1.09 24.24 -11.99
C GLU A 8 0.41 22.93 -11.59
N THR A 9 -0.20 22.26 -12.58
CA THR A 9 -0.89 21.00 -12.32
C THR A 9 0.00 19.81 -12.67
N LYS A 10 0.19 18.92 -11.71
CA LYS A 10 1.01 17.74 -11.90
C LYS A 10 0.71 16.68 -10.85
N GLN A 11 -0.36 15.92 -11.07
CA GLN A 11 -0.76 14.87 -10.14
C GLN A 11 -1.29 13.65 -10.89
N GLU A 12 -0.53 13.21 -11.89
CA GLU A 12 -0.93 12.06 -12.69
C GLU A 12 0.19 11.01 -12.72
N LYS A 13 0.15 10.09 -11.77
CA LYS A 13 1.15 9.03 -11.68
C LYS A 13 2.55 9.63 -11.56
N SER A 14 2.64 10.83 -11.02
CA SER A 14 3.91 11.51 -10.85
C SER A 14 4.68 10.94 -9.66
N PHE A 15 5.92 11.41 -9.47
CA PHE A 15 6.74 10.94 -8.37
C PHE A 15 6.05 11.17 -7.02
N VAL A 16 5.24 12.22 -6.96
CA VAL A 16 4.52 12.55 -5.73
C VAL A 16 3.55 11.43 -5.36
N ASP A 17 2.95 10.80 -6.37
CA ASP A 17 2.00 9.72 -6.14
C ASP A 17 2.65 8.59 -5.33
N TRP A 18 3.92 8.34 -5.61
CA TRP A 18 4.65 7.28 -4.92
C TRP A 18 5.27 7.81 -3.62
N LEU A 19 5.75 9.04 -3.67
CA LEU A 19 6.37 9.67 -2.50
C LEU A 19 5.36 9.80 -1.37
N LEU A 20 4.24 10.43 -1.66
CA LEU A 20 3.18 10.63 -0.66
C LEU A 20 2.63 9.29 -0.18
N GLY A 21 2.71 8.28 -1.04
CA GLY A 21 2.23 6.96 -0.69
C GLY A 21 2.80 6.46 0.62
N LYS A 22 4.08 6.74 0.84
CA LYS A 22 4.75 6.30 2.06
C LYS A 22 4.49 7.28 3.20
N ILE A 23 4.23 8.53 2.85
CA ILE A 23 3.96 9.57 3.84
C ILE A 23 2.59 9.38 4.49
N THR A 24 1.62 8.98 3.67
CA THR A 24 0.27 8.76 4.16
C THR A 24 -0.29 10.00 4.86
N LYS A 25 -0.73 10.97 4.08
CA LYS A 25 -1.28 12.21 4.62
C LYS A 25 -2.50 11.93 5.48
N GLU A 26 -3.13 12.99 5.97
CA GLU A 26 -4.31 12.86 6.81
C GLU A 26 -5.58 12.81 5.97
N ASP A 27 -5.59 11.93 4.98
CA ASP A 27 -6.74 11.77 4.09
C ASP A 27 -7.08 13.10 3.42
N GLN A 28 -8.14 13.09 2.62
CA GLN A 28 -8.57 14.29 1.92
C GLN A 28 -8.93 15.40 2.90
N PHE A 29 -10.02 15.22 3.62
CA PHE A 29 -10.47 16.21 4.60
C PHE A 29 -11.27 15.55 5.72
N TYR A 30 -10.98 14.27 5.97
CA TYR A 30 -11.68 13.52 7.02
C TYR A 30 -11.46 14.17 8.37
N GLU A 31 -12.56 14.42 9.09
CA GLU A 31 -12.49 15.03 10.42
C GLU A 31 -12.57 13.97 11.51
N THR A 32 -12.15 12.75 11.18
CA THR A 32 -12.17 11.65 12.13
C THR A 32 -10.84 11.54 12.86
N ASP A 33 -9.77 12.02 12.24
CA ASP A 33 -8.45 11.97 12.84
C ASP A 33 -8.09 10.55 13.25
N PRO A 34 -7.82 9.68 12.26
CA PRO A 34 -7.46 8.29 12.50
C PRO A 34 -6.08 8.14 13.14
N ILE A 35 -6.05 7.84 14.43
CA ILE A 35 -4.80 7.67 15.15
C ILE A 35 -4.94 6.63 16.26
N LEU A 36 -3.91 6.51 17.08
CA LEU A 36 -3.92 5.56 18.19
C LEU A 36 -3.71 6.27 19.52
N ARG A 37 -2.47 6.69 19.76
CA ARG A 37 -2.13 7.38 21.01
C ARG A 37 -1.82 8.86 20.74
N GLY A 38 -1.37 9.15 19.53
CA GLY A 38 -1.04 10.51 19.17
C GLY A 38 -0.60 10.64 17.72
N GLY A 39 0.08 9.62 17.21
CA GLY A 39 0.54 9.65 15.84
C GLY A 39 1.56 10.75 15.58
N ASP A 40 2.20 11.22 16.66
CA ASP A 40 3.19 12.27 16.55
C ASP A 40 4.60 11.72 16.76
N VAL A 41 4.70 10.69 17.58
CA VAL A 41 5.98 10.07 17.87
C VAL A 41 6.68 9.61 16.59
N LYS A 42 5.87 9.27 15.59
CA LYS A 42 6.41 8.82 14.30
C LYS A 42 6.89 10.00 13.47
N SER A 43 8.20 10.18 13.41
CA SER A 43 8.79 11.28 12.64
C SER A 43 10.12 10.86 12.03
N SER A 44 10.36 11.29 10.79
CA SER A 44 11.59 10.95 10.09
C SER A 44 11.82 11.90 8.91
N GLY A 45 13.07 12.07 8.52
CA GLY A 45 13.40 12.94 7.41
C GLY A 45 14.55 12.41 6.57
N SER A 46 14.91 13.15 5.54
CA SER A 46 16.00 12.75 4.65
C SER A 46 15.71 11.39 4.03
N THR A 47 14.44 11.14 3.71
CA THR A 47 14.03 9.88 3.11
C THR A 47 14.85 9.57 1.86
N SER A 48 15.18 10.62 1.11
CA SER A 48 15.96 10.45 -0.12
C SER A 48 16.77 11.71 -0.42
N GLY A 49 18.06 11.53 -0.67
CA GLY A 49 18.93 12.66 -0.96
C GLY A 49 20.13 12.26 -1.79
N LYS A 50 20.03 11.14 -2.48
CA LYS A 50 21.13 10.64 -3.31
C LYS A 50 20.94 11.10 -4.76
N LYS A 51 19.94 10.54 -5.42
CA LYS A 51 19.65 10.88 -6.81
C LYS A 51 18.18 10.66 -7.14
N GLY A 52 17.65 11.50 -8.03
CA GLY A 52 16.26 11.38 -8.41
C GLY A 52 15.97 11.99 -9.78
N GLY A 53 16.77 11.60 -10.77
CA GLY A 53 16.59 12.12 -12.11
C GLY A 53 16.74 11.05 -13.17
N THR A 54 15.61 10.56 -13.69
CA THR A 54 15.63 9.52 -14.71
C THR A 54 15.44 10.13 -16.10
N THR A 55 14.27 10.70 -16.34
CA THR A 55 13.96 11.31 -17.62
C THR A 55 14.11 10.30 -18.76
N SER A 56 13.16 9.38 -18.86
CA SER A 56 13.20 8.36 -19.91
C SER A 56 11.81 8.14 -20.50
N GLY A 57 11.77 7.60 -21.70
CA GLY A 57 10.50 7.35 -22.37
C GLY A 57 10.67 6.73 -23.74
N LYS A 58 11.57 5.75 -23.84
CA LYS A 58 11.83 5.08 -25.11
C LYS A 58 12.59 6.00 -26.06
N LYS A 59 11.92 7.04 -26.53
CA LYS A 59 12.54 7.99 -27.45
C LYS A 59 12.94 7.31 -28.75
N GLY A 60 13.71 8.02 -29.57
CA GLY A 60 14.15 7.46 -30.84
C GLY A 60 13.35 7.99 -32.02
N THR A 61 12.17 8.53 -31.73
CA THR A 61 11.30 9.08 -32.77
C THR A 61 11.08 10.57 -32.58
N VAL A 62 11.31 11.04 -31.36
CA VAL A 62 11.14 12.45 -31.05
C VAL A 62 12.48 13.10 -30.68
N SER A 63 13.35 12.33 -30.05
CA SER A 63 14.66 12.82 -29.64
C SER A 63 15.45 13.31 -30.86
N ILE A 64 15.36 12.59 -31.96
CA ILE A 64 16.06 12.95 -33.18
C ILE A 64 15.12 12.92 -34.38
N PRO A 65 15.49 13.66 -35.44
CA PRO A 65 14.70 13.73 -36.67
C PRO A 65 14.73 12.44 -37.46
N SER A 66 13.98 11.44 -36.98
CA SER A 66 13.92 10.14 -37.64
C SER A 66 13.60 10.31 -39.12
N LYS A 67 12.67 11.21 -39.44
CA LYS A 67 12.27 11.46 -40.81
C LYS A 67 12.52 12.92 -41.19
N LYS A 68 13.79 13.30 -41.25
CA LYS A 68 14.16 14.67 -41.60
C LYS A 68 13.53 15.67 -40.63
N LYS A 69 13.80 16.95 -40.86
CA LYS A 69 13.27 18.01 -40.01
C LYS A 69 11.79 18.22 -40.27
N ASN A 70 11.47 18.73 -41.46
CA ASN A 70 10.09 18.98 -41.85
C ASN A 70 9.39 19.86 -40.80
N GLY A 71 9.92 21.06 -40.59
CA GLY A 71 9.33 21.96 -39.62
C GLY A 71 9.97 23.33 -39.64
N ASN A 72 9.17 24.36 -39.93
CA ASN A 72 9.67 25.73 -39.99
C ASN A 72 9.26 26.51 -38.73
N GLY A 73 9.19 25.81 -37.61
CA GLY A 73 8.81 26.45 -36.36
C GLY A 73 8.08 25.52 -35.42
N GLY A 74 7.76 26.00 -34.23
CA GLY A 74 7.06 25.19 -33.25
C GLY A 74 5.67 24.80 -33.71
N VAL A 75 5.30 23.54 -33.49
CA VAL A 75 3.99 23.06 -33.87
C VAL A 75 2.91 23.54 -32.91
N PHE A 76 3.19 23.44 -31.62
CA PHE A 76 2.25 23.87 -30.59
C PHE A 76 2.84 25.00 -29.75
N GLY A 77 2.00 25.60 -28.90
CA GLY A 77 2.46 26.68 -28.05
C GLY A 77 2.50 26.29 -26.59
N GLY A 78 3.19 25.19 -26.30
CA GLY A 78 3.29 24.72 -24.92
C GLY A 78 4.35 23.65 -24.75
N LEU A 79 5.38 23.70 -25.59
CA LEU A 79 6.46 22.72 -25.52
C LEU A 79 7.69 23.29 -24.82
N PHE A 80 7.81 24.63 -24.86
CA PHE A 80 8.94 25.30 -24.23
C PHE A 80 8.57 25.78 -22.83
N ALA A 81 7.57 25.14 -22.24
CA ALA A 81 7.11 25.50 -20.90
C ALA A 81 8.09 24.99 -19.85
N LYS A 82 8.74 23.88 -20.14
CA LYS A 82 9.70 23.28 -19.21
C LYS A 82 10.49 22.17 -19.87
N LYS A 83 11.30 21.47 -19.09
CA LYS A 83 12.11 20.37 -19.60
C LYS A 83 12.98 20.83 -20.77
N ASP A 84 14.08 21.49 -20.45
CA ASP A 84 15.00 21.99 -21.46
C ASP A 84 15.81 20.84 -22.08
N SER A 1 -7.60 27.02 -1.71
CA SER A 1 -8.16 28.28 -2.19
C SER A 1 -8.92 28.08 -3.49
N ALA A 2 -8.52 27.06 -4.26
CA ALA A 2 -9.16 26.76 -5.52
C ALA A 2 -8.93 25.31 -5.93
N ALA A 3 -9.33 24.96 -7.16
CA ALA A 3 -9.16 23.61 -7.66
C ALA A 3 -8.11 23.56 -8.76
N LYS A 4 -7.17 22.63 -8.63
CA LYS A 4 -6.11 22.47 -9.62
C LYS A 4 -6.26 21.17 -10.39
N GLY A 5 -7.35 21.05 -11.13
CA GLY A 5 -7.60 19.85 -11.91
C GLY A 5 -8.57 20.09 -13.05
N THR A 6 -8.42 21.22 -13.73
CA THR A 6 -9.29 21.57 -14.85
C THR A 6 -8.84 20.87 -16.13
N ALA A 7 -7.54 20.60 -16.22
CA ALA A 7 -6.98 19.94 -17.39
C ALA A 7 -7.66 18.61 -17.64
N GLU A 8 -7.40 17.63 -16.78
CA GLU A 8 -7.98 16.30 -16.90
C GLU A 8 -7.89 15.55 -15.58
N THR A 9 -6.67 15.36 -15.09
CA THR A 9 -6.45 14.65 -13.83
C THR A 9 -7.14 13.29 -13.85
N LYS A 10 -6.46 12.29 -14.43
CA LYS A 10 -7.00 10.95 -14.50
C LYS A 10 -6.04 9.94 -13.88
N GLN A 11 -6.52 9.21 -12.88
CA GLN A 11 -5.71 8.21 -12.20
C GLN A 11 -4.48 8.85 -11.57
N GLU A 12 -3.70 8.04 -10.85
CA GLU A 12 -2.49 8.53 -10.20
C GLU A 12 -1.30 7.64 -10.52
N LYS A 13 -0.29 8.22 -11.16
CA LYS A 13 0.91 7.47 -11.52
C LYS A 13 2.13 8.38 -11.53
N SER A 14 2.11 9.40 -10.68
CA SER A 14 3.22 10.35 -10.59
C SER A 14 4.11 10.03 -9.40
N PHE A 15 5.28 10.64 -9.36
CA PHE A 15 6.24 10.43 -8.27
C PHE A 15 5.61 10.78 -6.93
N VAL A 16 4.75 11.79 -6.93
CA VAL A 16 4.08 12.23 -5.71
C VAL A 16 3.30 11.09 -5.07
N ASP A 17 2.71 10.24 -5.90
CA ASP A 17 1.95 9.10 -5.41
C ASP A 17 2.82 8.16 -4.58
N TRP A 18 4.09 8.05 -4.98
CA TRP A 18 5.03 7.19 -4.27
C TRP A 18 5.67 7.93 -3.11
N LEU A 19 5.94 9.22 -3.31
CA LEU A 19 6.56 10.04 -2.28
C LEU A 19 5.63 10.23 -1.09
N LEU A 20 4.43 10.71 -1.36
CA LEU A 20 3.43 10.94 -0.32
C LEU A 20 3.09 9.63 0.39
N GLY A 21 3.26 8.52 -0.31
CA GLY A 21 2.98 7.22 0.29
C GLY A 21 3.93 6.87 1.41
N LYS A 22 5.09 7.52 1.43
CA LYS A 22 6.09 7.28 2.46
C LYS A 22 5.74 8.00 3.74
N ILE A 23 4.95 9.06 3.63
CA ILE A 23 4.54 9.84 4.80
C ILE A 23 3.22 9.31 5.36
N THR A 24 2.42 8.71 4.50
CA THR A 24 1.12 8.16 4.92
C THR A 24 1.17 6.64 4.97
N LYS A 25 2.34 6.09 5.30
CA LYS A 25 2.50 4.64 5.38
C LYS A 25 1.49 4.03 6.34
N GLU A 26 1.48 2.70 6.41
CA GLU A 26 0.55 2.00 7.29
C GLU A 26 -0.89 2.28 6.90
N ASP A 27 -1.12 2.47 5.59
CA ASP A 27 -2.46 2.73 5.08
C ASP A 27 -3.37 1.53 5.29
N GLN A 28 -4.68 1.76 5.14
CA GLN A 28 -5.66 0.69 5.31
C GLN A 28 -5.57 0.09 6.71
N PHE A 29 -6.34 -0.98 6.93
CA PHE A 29 -6.34 -1.65 8.23
C PHE A 29 -5.81 -3.07 8.12
N TYR A 30 -5.87 -3.62 6.90
CA TYR A 30 -5.40 -4.98 6.66
C TYR A 30 -3.97 -5.16 7.18
N GLU A 31 -3.56 -6.41 7.33
CA GLU A 31 -2.23 -6.73 7.82
C GLU A 31 -1.68 -7.99 7.16
N THR A 32 -2.15 -8.27 5.95
CA THR A 32 -1.72 -9.45 5.21
C THR A 32 -1.88 -10.71 6.04
N ASP A 33 -3.12 -11.09 6.30
CA ASP A 33 -3.41 -12.29 7.08
C ASP A 33 -4.31 -13.25 6.31
N PRO A 34 -3.73 -13.87 5.27
CA PRO A 34 -4.47 -14.83 4.43
C PRO A 34 -4.79 -16.13 5.16
N ILE A 35 -6.07 -16.34 5.43
CA ILE A 35 -6.51 -17.54 6.13
C ILE A 35 -7.89 -17.98 5.67
N LEU A 36 -8.45 -18.97 6.34
CA LEU A 36 -9.78 -19.48 6.00
C LEU A 36 -10.66 -19.57 7.24
N ARG A 37 -10.39 -20.58 8.07
CA ARG A 37 -11.16 -20.79 9.29
C ARG A 37 -10.37 -20.33 10.51
N GLY A 38 -9.05 -20.34 10.39
CA GLY A 38 -8.20 -19.92 11.50
C GLY A 38 -6.81 -20.50 11.41
N GLY A 39 -6.25 -20.54 10.19
CA GLY A 39 -4.93 -21.08 9.99
C GLY A 39 -4.83 -22.54 10.35
N ASP A 40 -3.74 -22.91 11.00
CA ASP A 40 -3.52 -24.30 11.41
C ASP A 40 -2.31 -24.41 12.33
N VAL A 41 -1.26 -23.65 12.02
CA VAL A 41 -0.03 -23.68 12.81
C VAL A 41 -0.24 -22.96 14.14
N LYS A 42 -1.18 -22.01 14.17
CA LYS A 42 -1.47 -21.26 15.37
C LYS A 42 -2.82 -20.55 15.27
N SER A 43 -3.80 -21.05 16.00
CA SER A 43 -5.14 -20.46 15.99
C SER A 43 -5.41 -19.70 17.28
N SER A 44 -6.03 -18.53 17.15
CA SER A 44 -6.36 -17.70 18.29
C SER A 44 -7.53 -16.77 17.98
N GLY A 45 -7.37 -15.96 16.94
CA GLY A 45 -8.43 -15.04 16.56
C GLY A 45 -7.91 -13.63 16.37
N SER A 46 -8.77 -12.75 15.85
CA SER A 46 -8.41 -11.36 15.62
C SER A 46 -9.63 -10.47 15.57
N THR A 47 -9.94 -9.82 16.69
CA THR A 47 -11.09 -8.94 16.78
C THR A 47 -11.10 -8.17 18.09
N SER A 48 -11.52 -6.91 18.03
CA SER A 48 -11.57 -6.06 19.22
C SER A 48 -10.18 -5.91 19.83
N GLY A 49 -9.40 -4.98 19.31
CA GLY A 49 -8.06 -4.75 19.83
C GLY A 49 -7.10 -4.31 18.75
N LYS A 50 -7.22 -3.04 18.32
CA LYS A 50 -6.35 -2.50 17.29
C LYS A 50 -5.21 -1.69 17.91
N LYS A 51 -4.82 -2.06 19.12
CA LYS A 51 -3.74 -1.37 19.82
C LYS A 51 -4.09 0.09 20.06
N GLY A 52 -3.21 0.80 20.76
CA GLY A 52 -3.44 2.21 21.03
C GLY A 52 -2.86 3.12 19.97
N GLY A 53 -3.48 3.15 18.80
CA GLY A 53 -2.99 3.98 17.72
C GLY A 53 -3.49 5.40 17.82
N THR A 54 -4.59 5.60 18.55
CA THR A 54 -5.17 6.92 18.72
C THR A 54 -5.47 7.56 17.37
N THR A 55 -5.91 8.82 17.40
CA THR A 55 -6.24 9.55 16.18
C THR A 55 -5.02 10.29 15.64
N SER A 56 -4.14 10.71 16.54
CA SER A 56 -2.94 11.43 16.15
C SER A 56 -2.07 10.59 15.22
N GLY A 57 -0.97 11.17 14.76
CA GLY A 57 -0.07 10.46 13.87
C GLY A 57 -0.24 10.87 12.41
N LYS A 58 0.09 12.12 12.13
CA LYS A 58 -0.03 12.65 10.77
C LYS A 58 -1.49 12.64 10.31
N LYS A 59 -1.77 13.41 9.26
CA LYS A 59 -3.12 13.50 8.72
C LYS A 59 -3.13 14.20 7.36
N GLY A 60 -2.30 15.23 7.24
CA GLY A 60 -2.22 15.97 5.99
C GLY A 60 -3.25 17.08 5.92
N THR A 61 -3.72 17.54 7.07
CA THR A 61 -4.71 18.60 7.13
C THR A 61 -4.30 19.68 8.13
N VAL A 62 -3.00 19.79 8.36
CA VAL A 62 -2.48 20.78 9.30
C VAL A 62 -0.95 20.76 9.33
N SER A 63 -0.38 19.57 9.20
CA SER A 63 1.07 19.40 9.22
C SER A 63 1.70 19.98 7.96
N ILE A 64 1.16 19.57 6.81
CA ILE A 64 1.67 20.05 5.53
C ILE A 64 1.74 21.58 5.50
N PRO A 65 2.64 22.10 4.65
CA PRO A 65 2.83 23.55 4.50
C PRO A 65 1.64 24.22 3.82
N SER A 66 1.12 23.57 2.78
CA SER A 66 0.00 24.10 2.03
C SER A 66 0.36 25.42 1.36
N LYS A 67 1.65 25.59 1.07
CA LYS A 67 2.13 26.81 0.42
C LYS A 67 3.46 26.55 -0.30
N LYS A 68 4.34 25.80 0.36
CA LYS A 68 5.64 25.49 -0.22
C LYS A 68 6.46 26.74 -0.45
N LYS A 69 7.24 27.13 0.55
CA LYS A 69 8.08 28.33 0.44
C LYS A 69 9.52 27.95 0.08
N ASN A 70 9.67 26.97 -0.80
CA ASN A 70 10.99 26.52 -1.22
C ASN A 70 10.97 26.08 -2.69
N GLY A 71 12.07 26.30 -3.38
CA GLY A 71 12.16 25.93 -4.78
C GLY A 71 13.01 26.89 -5.59
N ASN A 72 14.12 26.39 -6.13
CA ASN A 72 15.02 27.21 -6.93
C ASN A 72 16.04 26.35 -7.66
N GLY A 73 16.36 26.74 -8.88
CA GLY A 73 17.33 26.00 -9.67
C GLY A 73 18.65 26.74 -9.82
N GLY A 74 19.58 26.12 -10.55
CA GLY A 74 20.88 26.74 -10.76
C GLY A 74 21.28 26.77 -12.22
N VAL A 75 20.94 27.86 -12.91
CA VAL A 75 21.27 28.00 -14.32
C VAL A 75 22.76 27.85 -14.55
N PHE A 76 23.56 28.14 -13.52
CA PHE A 76 25.01 28.04 -13.62
C PHE A 76 25.65 28.35 -12.27
N GLY A 77 26.99 28.32 -12.25
CA GLY A 77 27.71 28.60 -11.02
C GLY A 77 27.85 27.39 -10.13
N GLY A 78 27.68 26.21 -10.72
CA GLY A 78 27.78 24.97 -9.97
C GLY A 78 27.41 23.75 -10.79
N LEU A 79 26.48 23.93 -11.71
CA LEU A 79 26.04 22.83 -12.57
C LEU A 79 26.93 22.71 -13.81
N PHE A 80 27.30 23.86 -14.37
CA PHE A 80 28.14 23.87 -15.57
C PHE A 80 29.56 23.43 -15.23
N ALA A 81 29.98 23.69 -13.99
CA ALA A 81 31.32 23.32 -13.54
C ALA A 81 31.43 21.81 -13.37
N LYS A 82 30.81 21.28 -12.32
CA LYS A 82 30.85 19.86 -12.05
C LYS A 82 29.47 19.23 -12.26
N LYS A 83 29.42 17.90 -12.14
CA LYS A 83 28.16 17.18 -12.30
C LYS A 83 28.34 15.70 -12.00
N ASP A 84 29.48 15.15 -12.41
CA ASP A 84 29.78 13.74 -12.17
C ASP A 84 29.83 13.44 -10.68
N SER A 1 -14.39 -8.33 -12.91
CA SER A 1 -13.52 -7.63 -13.85
C SER A 1 -13.95 -7.89 -15.29
N ALA A 2 -15.07 -7.28 -15.68
CA ALA A 2 -15.60 -7.44 -17.02
C ALA A 2 -15.12 -6.33 -17.95
N ALA A 3 -15.52 -5.09 -17.63
CA ALA A 3 -15.14 -3.94 -18.42
C ALA A 3 -14.72 -2.77 -17.53
N LYS A 4 -15.70 -2.13 -16.91
CA LYS A 4 -15.43 -0.99 -16.03
C LYS A 4 -16.72 -0.44 -15.44
N GLY A 5 -16.87 -0.56 -14.12
CA GLY A 5 -18.06 -0.07 -13.46
C GLY A 5 -17.78 1.14 -12.60
N THR A 6 -16.67 1.82 -12.87
CA THR A 6 -16.29 2.99 -12.10
C THR A 6 -15.96 4.16 -13.02
N ALA A 7 -16.82 5.18 -13.02
CA ALA A 7 -16.62 6.35 -13.86
C ALA A 7 -16.05 7.52 -13.04
N GLU A 8 -15.35 7.19 -11.96
CA GLU A 8 -14.75 8.20 -11.09
C GLU A 8 -13.27 8.35 -11.39
N THR A 9 -12.93 9.34 -12.20
CA THR A 9 -11.54 9.60 -12.56
C THR A 9 -10.77 10.18 -11.38
N LYS A 10 -9.92 9.36 -10.78
CA LYS A 10 -9.12 9.78 -9.64
C LYS A 10 -8.07 8.74 -9.28
N GLN A 11 -7.35 8.27 -10.30
CA GLN A 11 -6.31 7.26 -10.09
C GLN A 11 -4.98 7.91 -9.75
N GLU A 12 -4.63 8.97 -10.48
CA GLU A 12 -3.38 9.68 -10.25
C GLU A 12 -2.18 8.79 -10.55
N LYS A 13 -1.08 9.42 -10.96
CA LYS A 13 0.14 8.68 -11.29
C LYS A 13 1.31 9.64 -11.49
N SER A 14 1.72 10.31 -10.42
CA SER A 14 2.83 11.25 -10.48
C SER A 14 3.82 11.00 -9.35
N PHE A 15 4.92 11.75 -9.35
CA PHE A 15 5.94 11.61 -8.33
C PHE A 15 5.34 11.75 -6.93
N VAL A 16 4.65 12.87 -6.71
CA VAL A 16 4.02 13.13 -5.41
C VAL A 16 3.08 11.99 -5.02
N ASP A 17 2.40 11.43 -6.00
CA ASP A 17 1.48 10.33 -5.76
C ASP A 17 2.20 9.12 -5.16
N TRP A 18 3.44 8.91 -5.59
CA TRP A 18 4.24 7.80 -5.09
C TRP A 18 4.97 8.17 -3.81
N LEU A 19 5.40 9.43 -3.73
CA LEU A 19 6.12 9.91 -2.55
C LEU A 19 5.19 9.98 -1.35
N LEU A 20 4.07 10.67 -1.49
CA LEU A 20 3.09 10.81 -0.42
C LEU A 20 2.53 9.44 -0.01
N GLY A 21 2.55 8.51 -0.95
CA GLY A 21 2.04 7.18 -0.68
C GLY A 21 2.75 6.52 0.49
N LYS A 22 3.96 6.99 0.80
CA LYS A 22 4.75 6.45 1.89
C LYS A 22 4.43 7.17 3.19
N ILE A 23 4.50 8.50 3.16
CA ILE A 23 4.22 9.31 4.34
C ILE A 23 2.79 9.09 4.83
N THR A 24 1.86 8.95 3.89
CA THR A 24 0.46 8.72 4.23
C THR A 24 0.30 7.54 5.16
N LYS A 25 1.20 6.57 5.06
CA LYS A 25 1.16 5.38 5.89
C LYS A 25 1.53 5.72 7.33
N GLU A 26 2.79 6.06 7.56
CA GLU A 26 3.27 6.40 8.89
C GLU A 26 2.97 5.28 9.88
N ASP A 27 3.10 4.04 9.41
CA ASP A 27 2.86 2.88 10.25
C ASP A 27 4.10 2.00 10.33
N GLN A 28 4.68 1.69 9.18
CA GLN A 28 5.87 0.85 9.12
C GLN A 28 6.75 1.24 7.94
N PHE A 29 8.07 1.12 8.13
CA PHE A 29 9.02 1.47 7.07
C PHE A 29 9.83 0.24 6.67
N TYR A 30 9.32 -0.51 5.70
CA TYR A 30 9.99 -1.71 5.22
C TYR A 30 11.00 -1.36 4.13
N GLU A 31 11.89 -2.31 3.83
CA GLU A 31 12.91 -2.11 2.80
C GLU A 31 13.08 -3.36 1.96
N THR A 32 13.23 -4.50 2.63
CA THR A 32 13.42 -5.77 1.93
C THR A 32 12.19 -6.12 1.10
N ASP A 33 11.04 -5.59 1.51
CA ASP A 33 9.80 -5.86 0.79
C ASP A 33 9.24 -4.58 0.17
N PRO A 34 9.89 -4.12 -0.91
CA PRO A 34 9.49 -2.90 -1.62
C PRO A 34 8.17 -3.08 -2.36
N ILE A 35 7.16 -2.33 -1.95
CA ILE A 35 5.85 -2.40 -2.58
C ILE A 35 5.15 -1.04 -2.54
N LEU A 36 3.88 -1.02 -2.96
CA LEU A 36 3.10 0.21 -2.97
C LEU A 36 1.83 0.05 -2.14
N ARG A 37 0.85 -0.68 -2.67
CA ARG A 37 -0.41 -0.91 -1.99
C ARG A 37 -0.56 -2.37 -1.59
N GLY A 38 0.11 -3.25 -2.34
CA GLY A 38 0.04 -4.67 -2.05
C GLY A 38 0.98 -5.49 -2.91
N GLY A 39 1.16 -5.05 -4.15
CA GLY A 39 2.04 -5.76 -5.07
C GLY A 39 1.66 -5.56 -6.53
N ASP A 40 0.56 -6.17 -6.94
CA ASP A 40 0.09 -6.06 -8.31
C ASP A 40 -1.44 -6.19 -8.38
N VAL A 41 -2.12 -5.06 -8.44
CA VAL A 41 -3.57 -5.04 -8.51
C VAL A 41 -4.06 -5.59 -9.84
N LYS A 42 -3.25 -5.42 -10.88
CA LYS A 42 -3.60 -5.90 -12.21
C LYS A 42 -4.91 -5.28 -12.70
N SER A 43 -4.81 -4.10 -13.30
CA SER A 43 -5.99 -3.40 -13.81
C SER A 43 -6.28 -3.78 -15.25
N SER A 44 -7.55 -4.03 -15.55
CA SER A 44 -7.96 -4.42 -16.90
C SER A 44 -8.12 -3.19 -17.79
N GLY A 45 -8.43 -2.06 -17.16
CA GLY A 45 -8.61 -0.83 -17.91
C GLY A 45 -9.90 -0.12 -17.56
N SER A 46 -9.91 1.21 -17.69
CA SER A 46 -11.08 2.00 -17.38
C SER A 46 -11.52 2.81 -18.59
N THR A 47 -10.60 3.60 -19.14
CA THR A 47 -10.89 4.44 -20.29
C THR A 47 -11.95 5.48 -19.97
N SER A 48 -12.12 6.45 -20.86
CA SER A 48 -13.10 7.51 -20.67
C SER A 48 -14.02 7.63 -21.89
N GLY A 49 -15.04 8.47 -21.77
CA GLY A 49 -15.97 8.66 -22.86
C GLY A 49 -16.59 10.04 -22.86
N LYS A 50 -16.37 10.78 -23.94
CA LYS A 50 -16.92 12.13 -24.06
C LYS A 50 -18.08 12.17 -25.04
N LYS A 51 -18.05 11.26 -26.02
CA LYS A 51 -19.11 11.19 -27.02
C LYS A 51 -19.17 12.47 -27.83
N GLY A 52 -19.91 12.42 -28.94
CA GLY A 52 -20.06 13.59 -29.79
C GLY A 52 -21.43 14.23 -29.69
N GLY A 53 -22.47 13.40 -29.76
CA GLY A 53 -23.82 13.91 -29.69
C GLY A 53 -24.47 14.04 -31.05
N THR A 54 -25.63 14.70 -31.09
CA THR A 54 -26.35 14.89 -32.33
C THR A 54 -26.55 13.57 -33.06
N THR A 55 -27.04 13.65 -34.29
CA THR A 55 -27.28 12.46 -35.10
C THR A 55 -27.25 12.79 -36.59
N SER A 56 -28.15 13.69 -37.01
CA SER A 56 -28.24 14.08 -38.40
C SER A 56 -28.50 12.87 -39.30
N GLY A 57 -29.23 11.91 -38.78
CA GLY A 57 -29.55 10.71 -39.54
C GLY A 57 -30.63 10.95 -40.57
N LYS A 58 -31.57 11.84 -40.25
CA LYS A 58 -32.67 12.15 -41.15
C LYS A 58 -32.94 13.65 -41.17
N LYS A 59 -33.84 14.07 -42.05
CA LYS A 59 -34.20 15.49 -42.17
C LYS A 59 -35.71 15.67 -42.04
N GLY A 60 -36.46 15.10 -42.98
CA GLY A 60 -37.91 15.22 -42.96
C GLY A 60 -38.48 15.49 -44.33
N THR A 61 -37.64 15.98 -45.24
CA THR A 61 -38.08 16.29 -46.59
C THR A 61 -37.27 15.51 -47.62
N VAL A 62 -36.83 14.31 -47.23
CA VAL A 62 -36.04 13.47 -48.12
C VAL A 62 -36.79 12.18 -48.46
N SER A 63 -37.64 11.74 -47.54
CA SER A 63 -38.41 10.52 -47.72
C SER A 63 -39.84 10.70 -47.20
N ILE A 64 -40.62 11.52 -47.89
CA ILE A 64 -42.00 11.77 -47.49
C ILE A 64 -42.89 12.00 -48.72
N PRO A 65 -44.20 11.81 -48.53
CA PRO A 65 -45.19 11.99 -49.60
C PRO A 65 -45.35 13.45 -49.99
N SER A 66 -44.65 14.34 -49.30
CA SER A 66 -44.72 15.77 -49.57
C SER A 66 -44.57 16.04 -51.06
N LYS A 67 -43.82 15.18 -51.74
CA LYS A 67 -43.60 15.33 -53.18
C LYS A 67 -44.34 14.24 -53.96
N LYS A 68 -44.78 13.21 -53.25
CA LYS A 68 -45.50 12.11 -53.87
C LYS A 68 -46.64 12.61 -54.74
N LYS A 69 -47.72 13.06 -54.09
CA LYS A 69 -48.87 13.58 -54.82
C LYS A 69 -49.32 12.60 -55.90
N ASN A 70 -49.65 11.38 -55.49
CA ASN A 70 -50.09 10.36 -56.44
C ASN A 70 -49.09 10.19 -57.57
N GLY A 71 -48.07 9.38 -57.33
CA GLY A 71 -47.05 9.14 -58.35
C GLY A 71 -46.59 7.69 -58.38
N ASN A 72 -46.55 7.13 -59.58
CA ASN A 72 -46.12 5.74 -59.75
C ASN A 72 -45.84 5.43 -61.22
N GLY A 73 -46.89 5.50 -62.05
CA GLY A 73 -46.73 5.23 -63.46
C GLY A 73 -47.82 4.33 -64.00
N GLY A 74 -48.96 4.93 -64.34
CA GLY A 74 -50.08 4.15 -64.86
C GLY A 74 -50.67 3.21 -63.83
N VAL A 75 -51.98 3.01 -63.91
CA VAL A 75 -52.66 2.13 -62.97
C VAL A 75 -53.00 0.79 -63.62
N PHE A 76 -53.54 0.84 -64.83
CA PHE A 76 -53.91 -0.36 -65.56
C PHE A 76 -53.69 -0.18 -67.07
N GLY A 77 -53.85 -1.26 -67.81
CA GLY A 77 -53.68 -1.20 -69.26
C GLY A 77 -54.99 -1.06 -69.99
N GLY A 78 -56.01 -0.55 -69.29
CA GLY A 78 -57.31 -0.39 -69.91
C GLY A 78 -58.35 0.15 -68.94
N LEU A 79 -58.10 1.35 -68.43
CA LEU A 79 -59.01 1.98 -67.48
C LEU A 79 -60.03 2.86 -68.21
N PHE A 80 -59.65 3.36 -69.38
CA PHE A 80 -60.52 4.21 -70.18
C PHE A 80 -61.29 3.38 -71.21
N ALA A 81 -61.38 2.08 -70.97
CA ALA A 81 -62.09 1.19 -71.88
C ALA A 81 -63.60 1.41 -71.81
N LYS A 82 -64.35 0.58 -72.53
CA LYS A 82 -65.80 0.67 -72.55
C LYS A 82 -66.25 2.00 -73.14
N LYS A 83 -67.54 2.11 -73.43
CA LYS A 83 -68.09 3.34 -74.00
C LYS A 83 -67.92 4.51 -73.03
N ASP A 84 -67.45 5.64 -73.56
CA ASP A 84 -67.24 6.83 -72.75
C ASP A 84 -68.57 7.41 -72.28
N SER A 1 -2.67 -21.20 -17.20
CA SER A 1 -1.36 -20.59 -17.32
C SER A 1 -0.88 -20.03 -15.99
N ALA A 2 -1.13 -20.78 -14.91
CA ALA A 2 -0.73 -20.35 -13.58
C ALA A 2 -1.55 -19.14 -13.12
N ALA A 3 -1.21 -17.97 -13.63
CA ALA A 3 -1.90 -16.74 -13.27
C ALA A 3 -1.96 -16.57 -11.76
N LYS A 4 -2.73 -15.57 -11.32
CA LYS A 4 -2.87 -15.30 -9.89
C LYS A 4 -1.51 -14.99 -9.27
N GLY A 5 -1.01 -13.79 -9.50
CA GLY A 5 0.27 -13.40 -8.95
C GLY A 5 0.42 -11.89 -8.85
N THR A 6 -0.63 -11.23 -8.39
CA THR A 6 -0.61 -9.78 -8.24
C THR A 6 -1.80 -9.30 -7.43
N ALA A 7 -1.79 -9.58 -6.13
CA ALA A 7 -2.87 -9.17 -5.25
C ALA A 7 -2.91 -7.66 -5.09
N GLU A 8 -1.75 -7.02 -5.21
CA GLU A 8 -1.65 -5.57 -5.08
C GLU A 8 -2.28 -4.87 -6.28
N THR A 9 -1.66 -5.04 -7.45
CA THR A 9 -2.15 -4.42 -8.67
C THR A 9 -2.14 -2.90 -8.56
N LYS A 10 -1.21 -2.38 -7.76
CA LYS A 10 -1.09 -0.94 -7.57
C LYS A 10 -0.01 -0.36 -8.48
N GLN A 11 -0.44 0.43 -9.46
CA GLN A 11 0.50 1.05 -10.39
C GLN A 11 0.99 2.38 -9.87
N GLU A 12 1.85 3.04 -10.65
CA GLU A 12 2.41 4.33 -10.26
C GLU A 12 2.31 5.34 -11.40
N LYS A 13 1.71 6.49 -11.13
CA LYS A 13 1.56 7.53 -12.13
C LYS A 13 2.76 8.46 -12.14
N SER A 14 2.99 9.13 -11.01
CA SER A 14 4.11 10.06 -10.88
C SER A 14 4.89 9.79 -9.61
N PHE A 15 6.02 10.48 -9.45
CA PHE A 15 6.87 10.32 -8.27
C PHE A 15 6.11 10.65 -7.00
N VAL A 16 5.21 11.64 -7.09
CA VAL A 16 4.42 12.06 -5.94
C VAL A 16 3.59 10.90 -5.40
N ASP A 17 3.08 10.07 -6.31
CA ASP A 17 2.27 8.92 -5.91
C ASP A 17 3.06 7.96 -5.03
N TRP A 18 4.36 7.87 -5.29
CA TRP A 18 5.23 6.99 -4.53
C TRP A 18 5.75 7.70 -3.28
N LEU A 19 6.03 8.99 -3.40
CA LEU A 19 6.54 9.78 -2.29
C LEU A 19 5.47 9.94 -1.21
N LEU A 20 4.31 10.45 -1.61
CA LEU A 20 3.19 10.65 -0.68
C LEU A 20 2.80 9.34 0.00
N GLY A 21 3.08 8.23 -0.67
CA GLY A 21 2.75 6.93 -0.12
C GLY A 21 3.58 6.59 1.10
N LYS A 22 4.68 7.32 1.29
CA LYS A 22 5.56 7.09 2.43
C LYS A 22 5.13 7.95 3.63
N ILE A 23 4.40 9.02 3.35
CA ILE A 23 3.94 9.92 4.40
C ILE A 23 2.55 9.52 4.87
N THR A 24 1.82 8.79 4.04
CA THR A 24 0.47 8.35 4.36
C THR A 24 0.49 6.94 4.96
N LYS A 25 1.64 6.54 5.47
CA LYS A 25 1.79 5.21 6.07
C LYS A 25 1.59 4.12 5.03
N GLU A 26 1.64 4.50 3.76
CA GLU A 26 1.46 3.55 2.67
C GLU A 26 0.07 2.91 2.74
N ASP A 27 -0.83 3.54 3.47
CA ASP A 27 -2.19 3.04 3.61
C ASP A 27 -2.19 1.57 4.04
N GLN A 28 -1.41 1.27 5.07
CA GLN A 28 -1.32 -0.09 5.58
C GLN A 28 -2.61 -0.52 6.25
N PHE A 29 -2.67 -1.77 6.68
CA PHE A 29 -3.87 -2.31 7.33
C PHE A 29 -3.49 -3.33 8.39
N TYR A 30 -2.29 -3.19 8.95
CA TYR A 30 -1.81 -4.11 9.97
C TYR A 30 -2.62 -3.96 11.26
N GLU A 31 -2.27 -4.76 12.26
CA GLU A 31 -2.97 -4.71 13.55
C GLU A 31 -4.45 -5.01 13.37
N THR A 32 -4.79 -5.67 12.27
CA THR A 32 -6.19 -6.01 11.99
C THR A 32 -6.48 -7.46 12.35
N ASP A 33 -5.65 -8.02 13.22
CA ASP A 33 -5.83 -9.41 13.66
C ASP A 33 -5.50 -9.55 15.14
N PRO A 34 -6.41 -9.05 15.99
CA PRO A 34 -6.23 -9.11 17.45
C PRO A 34 -6.37 -10.53 17.99
N ILE A 35 -5.23 -11.22 18.13
CA ILE A 35 -5.23 -12.58 18.63
C ILE A 35 -3.96 -12.88 19.42
N LEU A 36 -3.78 -14.13 19.81
CA LEU A 36 -2.60 -14.55 20.56
C LEU A 36 -1.90 -15.73 19.89
N ARG A 37 -2.50 -16.91 20.00
CA ARG A 37 -1.95 -18.11 19.40
C ARG A 37 -2.86 -18.65 18.31
N GLY A 38 -4.15 -18.34 18.42
CA GLY A 38 -5.11 -18.81 17.44
C GLY A 38 -6.54 -18.52 17.84
N GLY A 39 -6.80 -18.52 19.15
CA GLY A 39 -8.13 -18.25 19.64
C GLY A 39 -8.80 -19.49 20.20
N ASP A 40 -9.46 -20.26 19.33
CA ASP A 40 -10.14 -21.48 19.74
C ASP A 40 -10.78 -22.18 18.54
N VAL A 41 -11.27 -21.39 17.60
CA VAL A 41 -11.89 -21.94 16.40
C VAL A 41 -10.87 -22.61 15.50
N LYS A 42 -9.65 -22.07 15.49
CA LYS A 42 -8.58 -22.62 14.67
C LYS A 42 -8.08 -23.95 15.23
N SER A 43 -7.54 -24.79 14.36
CA SER A 43 -7.03 -26.10 14.78
C SER A 43 -5.96 -26.59 13.81
N SER A 44 -5.49 -27.82 14.04
CA SER A 44 -4.45 -28.41 13.20
C SER A 44 -4.79 -29.85 12.86
N GLY A 45 -4.07 -30.41 11.89
CA GLY A 45 -4.30 -31.79 11.49
C GLY A 45 -3.78 -32.09 10.10
N SER A 46 -4.69 -32.40 9.18
CA SER A 46 -4.30 -32.72 7.81
C SER A 46 -3.56 -34.04 7.74
N THR A 47 -2.30 -34.03 8.16
CA THR A 47 -1.48 -35.24 8.14
C THR A 47 -1.34 -35.79 6.73
N SER A 48 -0.56 -35.11 5.90
CA SER A 48 -0.34 -35.54 4.53
C SER A 48 1.12 -35.88 4.28
N GLY A 49 1.40 -36.50 3.14
CA GLY A 49 2.77 -36.87 2.81
C GLY A 49 3.06 -38.32 3.11
N LYS A 50 2.47 -39.23 2.34
CA LYS A 50 2.68 -40.65 2.54
C LYS A 50 3.69 -41.20 1.54
N LYS A 51 3.28 -41.32 0.27
CA LYS A 51 4.15 -41.83 -0.77
C LYS A 51 3.67 -41.37 -2.15
N GLY A 52 4.59 -41.28 -3.10
CA GLY A 52 4.24 -40.86 -4.44
C GLY A 52 5.42 -40.27 -5.19
N GLY A 53 6.29 -41.14 -5.70
CA GLY A 53 7.45 -40.69 -6.44
C GLY A 53 8.41 -41.81 -6.76
N THR A 54 7.93 -42.80 -7.52
CA THR A 54 8.75 -43.94 -7.89
C THR A 54 8.71 -44.18 -9.40
N THR A 55 9.87 -44.13 -10.03
CA THR A 55 9.96 -44.35 -11.47
C THR A 55 10.75 -45.61 -11.80
N SER A 56 10.17 -46.75 -11.49
CA SER A 56 10.82 -48.04 -11.74
C SER A 56 9.89 -49.20 -11.41
N GLY A 57 10.10 -50.33 -12.07
CA GLY A 57 9.27 -51.50 -11.82
C GLY A 57 9.18 -52.41 -13.03
N LYS A 58 10.33 -52.78 -13.58
CA LYS A 58 10.37 -53.64 -14.75
C LYS A 58 9.59 -53.04 -15.92
N LYS A 59 10.30 -52.32 -16.78
CA LYS A 59 9.68 -51.69 -17.94
C LYS A 59 10.00 -52.45 -19.22
N GLY A 60 11.23 -52.96 -19.30
CA GLY A 60 11.64 -53.70 -20.47
C GLY A 60 12.35 -52.83 -21.50
N THR A 61 12.12 -51.53 -21.41
CA THR A 61 12.73 -50.58 -22.33
C THR A 61 14.04 -50.01 -21.76
N VAL A 62 14.82 -50.88 -21.11
CA VAL A 62 16.09 -50.47 -20.52
C VAL A 62 17.26 -51.04 -21.31
N SER A 63 17.05 -52.19 -21.94
CA SER A 63 18.09 -52.83 -22.72
C SER A 63 17.66 -52.99 -24.17
N ILE A 64 17.49 -51.85 -24.85
CA ILE A 64 17.09 -51.85 -26.25
C ILE A 64 17.74 -50.70 -27.01
N PRO A 65 17.80 -50.83 -28.35
CA PRO A 65 18.38 -49.82 -29.21
C PRO A 65 17.54 -48.55 -29.29
N SER A 66 16.34 -48.62 -28.71
CA SER A 66 15.43 -47.47 -28.71
C SER A 66 15.25 -46.92 -30.12
N LYS A 67 14.33 -47.50 -30.87
CA LYS A 67 14.06 -47.07 -32.24
C LYS A 67 15.25 -47.36 -33.14
N LYS A 68 14.96 -47.80 -34.37
CA LYS A 68 16.01 -48.10 -35.34
C LYS A 68 17.02 -46.97 -35.43
N LYS A 69 18.17 -47.15 -34.83
CA LYS A 69 19.23 -46.14 -34.85
C LYS A 69 19.72 -45.90 -36.28
N ASN A 70 20.37 -46.90 -36.85
CA ASN A 70 20.89 -46.80 -38.22
C ASN A 70 21.86 -45.63 -38.33
N GLY A 71 22.42 -45.45 -39.53
CA GLY A 71 23.37 -44.38 -39.75
C GLY A 71 24.52 -44.79 -40.65
N ASN A 72 24.51 -44.28 -41.89
CA ASN A 72 25.56 -44.60 -42.84
C ASN A 72 26.25 -43.34 -43.34
N GLY A 73 26.29 -42.32 -42.49
CA GLY A 73 26.93 -41.07 -42.86
C GLY A 73 26.20 -40.35 -43.98
N GLY A 74 26.94 -39.58 -44.76
CA GLY A 74 26.33 -38.85 -45.86
C GLY A 74 26.53 -39.53 -47.19
N VAL A 75 26.65 -38.74 -48.25
CA VAL A 75 26.86 -39.28 -49.59
C VAL A 75 28.30 -39.13 -50.03
N PHE A 76 28.98 -38.11 -49.50
CA PHE A 76 30.37 -37.86 -49.83
C PHE A 76 31.31 -38.63 -48.91
N GLY A 77 32.55 -38.82 -49.35
CA GLY A 77 33.51 -39.53 -48.55
C GLY A 77 33.85 -38.82 -47.25
N GLY A 78 34.08 -37.50 -47.35
CA GLY A 78 34.40 -36.72 -46.18
C GLY A 78 34.23 -35.23 -46.40
N LEU A 79 32.98 -34.79 -46.46
CA LEU A 79 32.68 -33.38 -46.68
C LEU A 79 32.29 -32.69 -45.37
N PHE A 80 31.78 -33.49 -44.43
CA PHE A 80 31.38 -32.95 -43.13
C PHE A 80 32.48 -33.12 -42.10
N ALA A 81 33.71 -33.23 -42.59
CA ALA A 81 34.87 -33.39 -41.71
C ALA A 81 35.76 -32.15 -41.74
N LYS A 82 36.10 -31.71 -42.95
CA LYS A 82 36.94 -30.53 -43.13
C LYS A 82 36.26 -29.28 -42.59
N LYS A 83 37.03 -28.45 -41.90
CA LYS A 83 36.49 -27.21 -41.33
C LYS A 83 35.42 -27.50 -40.30
N ASP A 84 34.76 -26.46 -39.82
CA ASP A 84 33.70 -26.60 -38.83
C ASP A 84 32.47 -27.25 -39.45
N SER A 1 -10.24 -1.38 -2.63
CA SER A 1 -11.07 -0.32 -2.07
C SER A 1 -12.54 -0.70 -2.13
N ALA A 2 -12.90 -1.47 -3.15
CA ALA A 2 -14.29 -1.90 -3.33
C ALA A 2 -15.23 -0.71 -3.41
N ALA A 3 -15.11 0.06 -4.49
CA ALA A 3 -15.96 1.23 -4.70
C ALA A 3 -17.05 0.94 -5.71
N LYS A 4 -17.91 1.92 -5.94
CA LYS A 4 -19.01 1.77 -6.89
C LYS A 4 -18.90 2.80 -8.01
N GLY A 5 -18.67 4.06 -7.64
CA GLY A 5 -18.54 5.11 -8.63
C GLY A 5 -17.67 6.25 -8.16
N THR A 6 -17.12 7.00 -9.10
CA THR A 6 -16.24 8.13 -8.78
C THR A 6 -15.20 7.73 -7.74
N ALA A 7 -14.18 7.01 -8.18
CA ALA A 7 -13.11 6.57 -7.28
C ALA A 7 -12.01 7.62 -7.18
N GLU A 8 -11.60 8.15 -8.33
CA GLU A 8 -10.55 9.16 -8.37
C GLU A 8 -10.97 10.41 -7.61
N THR A 9 -10.22 10.74 -6.56
CA THR A 9 -10.51 11.90 -5.74
C THR A 9 -9.33 12.87 -5.71
N LYS A 10 -8.15 12.33 -5.48
CA LYS A 10 -6.93 13.15 -5.42
C LYS A 10 -5.72 12.33 -5.85
N GLN A 11 -4.75 13.00 -6.47
CA GLN A 11 -3.53 12.34 -6.92
C GLN A 11 -3.85 11.27 -7.96
N GLU A 12 -3.65 11.60 -9.23
CA GLU A 12 -3.91 10.66 -10.31
C GLU A 12 -2.78 9.65 -10.45
N LYS A 13 -1.66 10.09 -10.99
CA LYS A 13 -0.50 9.22 -11.17
C LYS A 13 0.76 10.05 -11.42
N SER A 14 1.24 10.72 -10.38
CA SER A 14 2.44 11.55 -10.49
C SER A 14 3.49 11.09 -9.49
N PHE A 15 4.70 11.63 -9.63
CA PHE A 15 5.80 11.28 -8.74
C PHE A 15 5.41 11.47 -7.28
N VAL A 16 4.73 12.58 -6.99
CA VAL A 16 4.29 12.88 -5.64
C VAL A 16 3.46 11.74 -5.06
N ASP A 17 2.67 11.11 -5.92
CA ASP A 17 1.82 9.99 -5.49
C ASP A 17 2.66 8.87 -4.88
N TRP A 18 3.92 8.79 -5.30
CA TRP A 18 4.83 7.77 -4.80
C TRP A 18 5.51 8.23 -3.51
N LEU A 19 5.95 9.48 -3.49
CA LEU A 19 6.61 10.03 -2.32
C LEU A 19 5.65 10.15 -1.15
N LEU A 20 4.53 10.83 -1.37
CA LEU A 20 3.52 11.01 -0.34
C LEU A 20 2.94 9.67 0.09
N GLY A 21 2.97 8.70 -0.81
CA GLY A 21 2.44 7.38 -0.51
C GLY A 21 3.02 6.81 0.78
N LYS A 22 4.34 6.83 0.89
CA LYS A 22 5.02 6.30 2.07
C LYS A 22 4.48 6.96 3.33
N ILE A 23 3.99 8.18 3.20
CA ILE A 23 3.45 8.91 4.34
C ILE A 23 1.96 8.60 4.53
N THR A 24 1.27 8.36 3.42
CA THR A 24 -0.16 8.05 3.46
C THR A 24 -0.42 6.74 4.19
N LYS A 25 0.57 5.85 4.14
CA LYS A 25 0.46 4.55 4.80
C LYS A 25 1.83 3.92 5.02
N GLU A 26 2.01 3.28 6.17
CA GLU A 26 3.28 2.64 6.50
C GLU A 26 3.04 1.27 7.14
N ASP A 27 2.09 0.53 6.60
CA ASP A 27 1.76 -0.80 7.11
C ASP A 27 0.76 -1.50 6.21
N GLN A 28 0.67 -2.82 6.34
CA GLN A 28 -0.25 -3.61 5.54
C GLN A 28 -0.43 -5.00 6.14
N PHE A 29 -1.10 -5.88 5.39
CA PHE A 29 -1.35 -7.25 5.85
C PHE A 29 -2.13 -7.24 7.16
N TYR A 30 -3.45 -7.15 7.05
CA TYR A 30 -4.31 -7.13 8.23
C TYR A 30 -5.78 -7.22 7.82
N GLU A 31 -6.64 -7.41 8.81
CA GLU A 31 -8.08 -7.52 8.56
C GLU A 31 -8.83 -6.38 9.26
N THR A 32 -8.33 -5.97 10.42
CA THR A 32 -8.96 -4.90 11.18
C THR A 32 -8.21 -4.63 12.48
N ASP A 33 -7.64 -5.69 13.05
CA ASP A 33 -6.90 -5.58 14.30
C ASP A 33 -7.79 -5.05 15.42
N PRO A 34 -8.75 -5.87 15.85
CA PRO A 34 -9.69 -5.51 16.92
C PRO A 34 -9.01 -5.45 18.28
N ILE A 35 -7.76 -5.89 18.33
CA ILE A 35 -7.00 -5.88 19.58
C ILE A 35 -6.32 -4.53 19.80
N LEU A 36 -5.44 -4.48 20.79
CA LEU A 36 -4.72 -3.25 21.12
C LEU A 36 -3.82 -2.83 19.96
N ARG A 37 -2.84 -1.99 20.26
CA ARG A 37 -1.91 -1.52 19.24
C ARG A 37 -0.70 -2.45 19.13
N GLY A 38 -0.92 -3.72 19.46
CA GLY A 38 0.16 -4.69 19.39
C GLY A 38 0.61 -5.17 20.75
N GLY A 39 -0.14 -6.11 21.32
CA GLY A 39 0.19 -6.62 22.64
C GLY A 39 -0.62 -7.86 23.00
N ASP A 40 0.06 -8.89 23.49
CA ASP A 40 -0.60 -10.12 23.87
C ASP A 40 0.38 -11.09 24.55
N VAL A 41 1.08 -10.60 25.56
CA VAL A 41 2.06 -11.40 26.28
C VAL A 41 1.39 -12.61 26.92
N LYS A 42 0.11 -12.49 27.20
CA LYS A 42 -0.66 -13.57 27.82
C LYS A 42 -0.11 -13.91 29.20
N SER A 43 -0.81 -14.78 29.92
CA SER A 43 -0.38 -15.17 31.26
C SER A 43 0.78 -16.15 31.20
N SER A 44 1.36 -16.45 32.36
CA SER A 44 2.49 -17.36 32.44
C SER A 44 2.03 -18.81 32.32
N GLY A 45 1.34 -19.29 33.35
CA GLY A 45 0.85 -20.65 33.36
C GLY A 45 0.84 -21.27 34.74
N SER A 46 0.02 -22.30 34.92
CA SER A 46 -0.08 -22.98 36.21
C SER A 46 -0.89 -24.26 36.08
N THR A 47 -0.85 -25.09 37.11
CA THR A 47 -1.59 -26.36 37.13
C THR A 47 -1.50 -27.03 38.49
N SER A 48 -2.22 -28.14 38.64
CA SER A 48 -2.22 -28.88 39.89
C SER A 48 -3.06 -30.15 39.76
N GLY A 49 -3.05 -30.96 40.82
CA GLY A 49 -3.81 -32.20 40.82
C GLY A 49 -2.92 -33.43 40.70
N LYS A 50 -2.63 -34.05 41.84
CA LYS A 50 -1.79 -35.24 41.87
C LYS A 50 -2.63 -36.49 42.10
N LYS A 51 -3.11 -36.65 43.32
CA LYS A 51 -3.94 -37.80 43.68
C LYS A 51 -4.50 -37.66 45.08
N GLY A 52 -3.62 -37.74 46.08
CA GLY A 52 -4.05 -37.61 47.46
C GLY A 52 -3.39 -38.63 48.37
N GLY A 53 -3.79 -39.89 48.23
CA GLY A 53 -3.23 -40.94 49.05
C GLY A 53 -3.63 -42.32 48.59
N THR A 54 -2.96 -43.35 49.11
CA THR A 54 -3.25 -44.73 48.74
C THR A 54 -2.44 -45.71 49.59
N THR A 55 -2.31 -45.40 50.87
CA THR A 55 -1.57 -46.25 51.79
C THR A 55 -2.47 -46.82 52.87
N SER A 56 -2.26 -48.09 53.20
CA SER A 56 -3.07 -48.75 54.23
C SER A 56 -2.31 -49.93 54.84
N GLY A 57 -2.01 -50.92 54.01
CA GLY A 57 -1.29 -52.09 54.48
C GLY A 57 -2.09 -52.90 55.48
N LYS A 58 -2.55 -54.08 55.05
CA LYS A 58 -3.34 -54.96 55.90
C LYS A 58 -4.59 -54.24 56.40
N LYS A 59 -5.70 -54.45 55.71
CA LYS A 59 -6.97 -53.83 56.08
C LYS A 59 -7.89 -54.85 56.74
N GLY A 60 -8.04 -56.01 56.11
CA GLY A 60 -8.91 -57.05 56.66
C GLY A 60 -10.31 -56.54 56.95
N THR A 61 -10.79 -55.61 56.13
CA THR A 61 -12.11 -55.05 56.30
C THR A 61 -12.74 -54.71 54.95
N VAL A 62 -11.95 -54.13 54.06
CA VAL A 62 -12.43 -53.76 52.73
C VAL A 62 -11.87 -54.69 51.66
N SER A 63 -10.67 -55.22 51.92
CA SER A 63 -10.03 -56.12 50.98
C SER A 63 -10.95 -57.28 50.60
N ILE A 64 -11.19 -58.17 51.56
CA ILE A 64 -12.05 -59.32 51.32
C ILE A 64 -13.40 -58.89 50.74
N PRO A 65 -14.06 -59.82 50.04
CA PRO A 65 -15.37 -59.56 49.43
C PRO A 65 -16.48 -59.40 50.45
N SER A 66 -16.36 -60.11 51.58
CA SER A 66 -17.35 -60.05 52.64
C SER A 66 -18.66 -60.69 52.19
N LYS A 67 -19.41 -59.97 51.35
CA LYS A 67 -20.69 -60.47 50.86
C LYS A 67 -20.80 -60.27 49.35
N LYS A 68 -19.90 -60.88 48.60
CA LYS A 68 -19.90 -60.77 47.15
C LYS A 68 -20.30 -62.09 46.50
N LYS A 69 -19.79 -63.19 47.01
CA LYS A 69 -20.10 -64.51 46.49
C LYS A 69 -20.79 -65.37 47.55
N ASN A 70 -21.51 -64.72 48.46
CA ASN A 70 -22.21 -65.42 49.52
C ASN A 70 -23.72 -65.48 49.23
N GLY A 71 -24.22 -64.45 48.57
CA GLY A 71 -25.63 -64.39 48.24
C GLY A 71 -25.89 -64.51 46.75
N ASN A 72 -27.03 -65.09 46.40
CA ASN A 72 -27.39 -65.27 44.99
C ASN A 72 -28.89 -65.46 44.84
N GLY A 73 -29.67 -64.74 45.64
CA GLY A 73 -31.12 -64.84 45.58
C GLY A 73 -31.81 -63.50 45.66
N GLY A 74 -32.47 -63.12 44.57
CA GLY A 74 -33.16 -61.84 44.54
C GLY A 74 -32.95 -61.10 43.23
N VAL A 75 -31.79 -61.30 42.62
CA VAL A 75 -31.47 -60.64 41.36
C VAL A 75 -32.53 -60.92 40.31
N PHE A 76 -33.15 -62.09 40.40
CA PHE A 76 -34.19 -62.49 39.45
C PHE A 76 -34.91 -63.75 39.93
N GLY A 77 -35.84 -64.23 39.12
CA GLY A 77 -36.58 -65.42 39.46
C GLY A 77 -37.96 -65.12 40.02
N GLY A 78 -38.07 -64.02 40.76
CA GLY A 78 -39.34 -63.64 41.35
C GLY A 78 -39.53 -62.14 41.37
N LEU A 79 -38.81 -61.43 40.50
CA LEU A 79 -38.90 -59.98 40.42
C LEU A 79 -40.04 -59.57 39.50
N PHE A 80 -40.29 -60.37 38.47
CA PHE A 80 -41.35 -60.08 37.52
C PHE A 80 -42.45 -61.15 37.59
N ALA A 81 -42.56 -61.79 38.74
CA ALA A 81 -43.56 -62.82 38.95
C ALA A 81 -44.52 -62.45 40.06
N LYS A 82 -43.98 -62.27 41.27
CA LYS A 82 -44.79 -61.90 42.43
C LYS A 82 -44.86 -60.38 42.58
N LYS A 83 -46.06 -59.88 42.88
CA LYS A 83 -46.26 -58.45 43.05
C LYS A 83 -46.53 -58.11 44.52
N ASP A 84 -47.69 -58.50 45.00
CA ASP A 84 -48.08 -58.24 46.39
C ASP A 84 -47.05 -58.83 47.35
N SER A 1 8.13 22.04 -20.59
CA SER A 1 8.98 20.90 -20.26
C SER A 1 8.14 19.64 -20.06
N ALA A 2 7.08 19.50 -20.84
CA ALA A 2 6.20 18.35 -20.76
C ALA A 2 5.67 17.96 -22.13
N ALA A 3 6.49 17.24 -22.89
CA ALA A 3 6.11 16.79 -24.22
C ALA A 3 5.59 15.36 -24.20
N LYS A 4 4.89 14.96 -25.26
CA LYS A 4 4.34 13.62 -25.36
C LYS A 4 3.31 13.37 -24.26
N GLY A 5 2.59 12.27 -24.37
CA GLY A 5 1.58 11.92 -23.39
C GLY A 5 0.32 12.76 -23.53
N THR A 6 -0.38 12.58 -24.65
CA THR A 6 -1.60 13.32 -24.92
C THR A 6 -2.75 12.38 -25.26
N ALA A 7 -2.73 11.19 -24.66
CA ALA A 7 -3.78 10.21 -24.90
C ALA A 7 -4.71 10.09 -23.70
N GLU A 8 -4.24 9.44 -22.63
CA GLU A 8 -5.04 9.28 -21.43
C GLU A 8 -4.18 8.77 -20.28
N THR A 9 -3.10 9.49 -19.99
CA THR A 9 -2.20 9.12 -18.91
C THR A 9 -1.42 10.32 -18.40
N LYS A 10 -2.09 11.17 -17.63
CA LYS A 10 -1.46 12.36 -17.07
C LYS A 10 -2.39 13.07 -16.10
N GLN A 11 -3.18 12.28 -15.36
CA GLN A 11 -4.12 12.84 -14.40
C GLN A 11 -3.69 12.51 -12.97
N GLU A 12 -3.49 11.22 -12.70
CA GLU A 12 -3.08 10.77 -11.37
C GLU A 12 -1.97 9.73 -11.47
N LYS A 13 -0.86 10.12 -12.09
CA LYS A 13 0.29 9.22 -12.25
C LYS A 13 1.59 10.00 -12.15
N SER A 14 1.89 10.49 -10.95
CA SER A 14 3.12 11.24 -10.73
C SER A 14 3.92 10.65 -9.58
N PHE A 15 5.17 11.07 -9.46
CA PHE A 15 6.05 10.57 -8.41
C PHE A 15 5.48 10.92 -7.02
N VAL A 16 4.81 12.06 -6.94
CA VAL A 16 4.21 12.51 -5.68
C VAL A 16 3.30 11.44 -5.10
N ASP A 17 2.59 10.74 -5.98
CA ASP A 17 1.67 9.69 -5.55
C ASP A 17 2.41 8.60 -4.77
N TRP A 18 3.63 8.31 -5.18
CA TRP A 18 4.44 7.31 -4.51
C TRP A 18 5.20 7.90 -3.33
N LEU A 19 5.67 9.14 -3.50
CA LEU A 19 6.41 9.83 -2.45
C LEU A 19 5.52 10.07 -1.22
N LEU A 20 4.38 10.70 -1.45
CA LEU A 20 3.44 11.00 -0.37
C LEU A 20 2.94 9.71 0.28
N GLY A 21 2.95 8.62 -0.48
CA GLY A 21 2.50 7.35 0.04
C GLY A 21 3.41 6.81 1.13
N LYS A 22 4.64 7.30 1.17
CA LYS A 22 5.61 6.86 2.16
C LYS A 22 5.37 7.58 3.49
N ILE A 23 4.75 8.75 3.44
CA ILE A 23 4.47 9.53 4.64
C ILE A 23 3.11 9.16 5.21
N THR A 24 2.18 8.79 4.34
CA THR A 24 0.83 8.41 4.77
C THR A 24 0.67 6.90 4.81
N LYS A 25 1.77 6.20 5.03
CA LYS A 25 1.76 4.74 5.10
C LYS A 25 0.69 4.26 6.08
N GLU A 26 0.41 5.06 7.09
CA GLU A 26 -0.59 4.72 8.09
C GLU A 26 -1.18 5.97 8.73
N ASP A 27 -1.48 6.96 7.89
CA ASP A 27 -2.06 8.21 8.37
C ASP A 27 -3.34 7.95 9.17
N GLN A 28 -3.25 8.10 10.48
CA GLN A 28 -4.40 7.88 11.36
C GLN A 28 -4.89 9.20 11.95
N PHE A 29 -6.14 9.20 12.41
CA PHE A 29 -6.73 10.40 13.00
C PHE A 29 -7.48 10.06 14.29
N TYR A 30 -7.03 9.00 14.95
CA TYR A 30 -7.66 8.57 16.19
C TYR A 30 -6.60 8.26 17.26
N GLU A 31 -7.06 7.93 18.46
CA GLU A 31 -6.17 7.61 19.56
C GLU A 31 -6.46 6.23 20.13
N THR A 32 -7.74 5.88 20.17
CA THR A 32 -8.15 4.58 20.70
C THR A 32 -9.62 4.32 20.39
N ASP A 33 -10.11 4.88 19.29
CA ASP A 33 -11.49 4.70 18.88
C ASP A 33 -11.66 4.91 17.37
N PRO A 34 -11.16 3.95 16.59
CA PRO A 34 -11.23 4.01 15.12
C PRO A 34 -12.67 3.85 14.60
N ILE A 35 -13.28 4.96 14.22
CA ILE A 35 -14.64 4.95 13.70
C ILE A 35 -14.82 5.95 12.57
N LEU A 36 -15.53 5.54 11.52
CA LEU A 36 -15.77 6.41 10.38
C LEU A 36 -17.24 6.78 10.28
N ARG A 37 -17.92 6.80 11.44
CA ARG A 37 -19.34 7.16 11.48
C ARG A 37 -19.52 8.63 11.83
N GLY A 38 -18.54 9.19 12.53
CA GLY A 38 -18.61 10.59 12.91
C GLY A 38 -18.85 11.51 11.73
N GLY A 39 -18.34 11.12 10.57
CA GLY A 39 -18.52 11.93 9.37
C GLY A 39 -19.96 11.96 8.90
N ASP A 40 -20.58 10.80 8.80
CA ASP A 40 -21.97 10.69 8.37
C ASP A 40 -22.13 11.24 6.95
N VAL A 41 -22.03 10.34 5.97
CA VAL A 41 -22.16 10.72 4.57
C VAL A 41 -23.60 11.13 4.25
N LYS A 42 -24.55 10.54 4.96
CA LYS A 42 -25.96 10.84 4.76
C LYS A 42 -26.37 10.53 3.32
N SER A 43 -26.34 9.26 2.95
CA SER A 43 -26.71 8.83 1.60
C SER A 43 -27.73 7.70 1.65
N SER A 44 -27.33 6.58 2.26
CA SER A 44 -28.21 5.42 2.38
C SER A 44 -27.67 4.43 3.40
N GLY A 45 -28.50 3.46 3.77
CA GLY A 45 -28.09 2.45 4.73
C GLY A 45 -27.15 1.42 4.14
N SER A 46 -27.02 0.28 4.82
CA SER A 46 -26.15 -0.79 4.35
C SER A 46 -26.88 -1.68 3.36
N THR A 47 -28.11 -2.04 3.68
CA THR A 47 -28.92 -2.89 2.82
C THR A 47 -28.15 -4.16 2.42
N SER A 48 -28.72 -4.92 1.49
CA SER A 48 -28.09 -6.15 1.03
C SER A 48 -28.86 -6.75 -0.14
N GLY A 49 -28.25 -7.71 -0.81
CA GLY A 49 -28.89 -8.36 -1.94
C GLY A 49 -28.34 -7.87 -3.27
N LYS A 50 -27.26 -8.48 -3.73
CA LYS A 50 -26.65 -8.10 -5.00
C LYS A 50 -26.94 -9.14 -6.08
N LYS A 51 -26.39 -10.32 -5.92
CA LYS A 51 -26.60 -11.41 -6.88
C LYS A 51 -26.08 -12.74 -6.33
N GLY A 52 -26.55 -13.83 -6.90
CA GLY A 52 -26.12 -15.15 -6.47
C GLY A 52 -24.92 -15.66 -7.24
N GLY A 53 -25.04 -15.67 -8.57
CA GLY A 53 -23.95 -16.15 -9.41
C GLY A 53 -24.43 -17.06 -10.52
N THR A 54 -25.62 -17.63 -10.34
CA THR A 54 -26.19 -18.53 -11.33
C THR A 54 -25.28 -19.72 -11.59
N THR A 55 -24.45 -20.04 -10.59
CA THR A 55 -23.52 -21.16 -10.71
C THR A 55 -22.69 -21.05 -11.98
N SER A 56 -22.25 -19.83 -12.29
CA SER A 56 -21.45 -19.60 -13.48
C SER A 56 -20.70 -18.28 -13.38
N GLY A 57 -19.48 -18.35 -12.86
CA GLY A 57 -18.67 -17.14 -12.71
C GLY A 57 -17.25 -17.33 -13.21
N LYS A 58 -16.96 -16.76 -14.38
CA LYS A 58 -15.63 -16.87 -14.97
C LYS A 58 -15.26 -18.33 -15.22
N LYS A 59 -15.48 -18.79 -16.45
CA LYS A 59 -15.17 -20.17 -16.81
C LYS A 59 -13.71 -20.31 -17.21
N GLY A 60 -13.10 -21.43 -16.86
CA GLY A 60 -11.71 -21.67 -17.18
C GLY A 60 -11.54 -22.49 -18.46
N THR A 61 -12.56 -22.47 -19.30
CA THR A 61 -12.53 -23.21 -20.55
C THR A 61 -13.30 -22.49 -21.65
N VAL A 62 -13.39 -21.16 -21.53
CA VAL A 62 -14.10 -20.35 -22.51
C VAL A 62 -13.16 -19.38 -23.20
N SER A 63 -12.16 -18.91 -22.46
CA SER A 63 -11.19 -17.96 -23.01
C SER A 63 -10.16 -18.68 -23.89
N ILE A 64 -9.85 -19.92 -23.53
CA ILE A 64 -8.88 -20.72 -24.27
C ILE A 64 -9.14 -20.62 -25.77
N PRO A 65 -8.11 -20.92 -26.57
CA PRO A 65 -8.20 -20.88 -28.03
C PRO A 65 -9.09 -21.98 -28.59
N SER A 66 -9.55 -22.87 -27.72
CA SER A 66 -10.41 -23.98 -28.13
C SER A 66 -11.52 -23.48 -29.07
N LYS A 67 -11.80 -24.26 -30.09
CA LYS A 67 -12.84 -23.91 -31.06
C LYS A 67 -12.46 -22.66 -31.83
N LYS A 68 -11.19 -22.27 -31.74
CA LYS A 68 -10.70 -21.08 -32.43
C LYS A 68 -11.49 -19.85 -32.03
N LYS A 69 -11.25 -19.37 -30.81
CA LYS A 69 -11.95 -18.19 -30.30
C LYS A 69 -11.51 -16.94 -31.06
N ASN A 70 -10.31 -16.97 -31.60
CA ASN A 70 -9.77 -15.83 -32.35
C ASN A 70 -9.84 -14.56 -31.52
N GLY A 71 -9.69 -14.70 -30.21
CA GLY A 71 -9.74 -13.55 -29.32
C GLY A 71 -8.36 -13.02 -28.99
N ASN A 72 -7.45 -13.08 -29.96
CA ASN A 72 -6.10 -12.59 -29.77
C ASN A 72 -5.85 -11.30 -30.54
N GLY A 73 -6.47 -10.23 -30.08
CA GLY A 73 -6.32 -8.94 -30.75
C GLY A 73 -5.14 -8.15 -30.21
N GLY A 74 -5.40 -7.23 -29.29
CA GLY A 74 -4.34 -6.43 -28.72
C GLY A 74 -4.86 -5.45 -27.69
N VAL A 75 -4.36 -5.58 -26.45
CA VAL A 75 -4.77 -4.70 -25.37
C VAL A 75 -4.43 -3.25 -25.67
N PHE A 76 -3.29 -3.04 -26.32
CA PHE A 76 -2.85 -1.69 -26.67
C PHE A 76 -3.21 -1.36 -28.12
N GLY A 77 -3.00 -0.11 -28.50
CA GLY A 77 -3.31 0.31 -29.85
C GLY A 77 -2.06 0.63 -30.67
N GLY A 78 -0.96 0.87 -29.98
CA GLY A 78 0.29 1.17 -30.66
C GLY A 78 1.28 0.02 -30.61
N LEU A 79 0.76 -1.20 -30.51
CA LEU A 79 1.60 -2.39 -30.45
C LEU A 79 1.64 -3.09 -31.80
N PHE A 80 0.58 -2.95 -32.58
CA PHE A 80 0.49 -3.56 -33.90
C PHE A 80 0.87 -2.57 -34.99
N ALA A 81 0.63 -1.29 -34.74
CA ALA A 81 0.95 -0.24 -35.70
C ALA A 81 2.43 -0.28 -36.07
N LYS A 82 2.78 0.42 -37.15
CA LYS A 82 4.15 0.47 -37.61
C LYS A 82 4.64 -0.92 -38.03
N LYS A 83 4.61 -1.18 -39.33
CA LYS A 83 5.05 -2.47 -39.85
C LYS A 83 6.02 -2.28 -41.01
N ASP A 84 7.05 -3.12 -41.06
CA ASP A 84 8.05 -3.04 -42.12
C ASP A 84 7.38 -3.09 -43.49
N SER A 1 3.63 3.33 -39.56
CA SER A 1 3.40 2.86 -38.20
C SER A 1 2.30 3.65 -37.52
N ALA A 2 1.10 3.57 -38.08
CA ALA A 2 -0.05 4.28 -37.52
C ALA A 2 -0.44 3.73 -36.16
N ALA A 3 -0.53 4.61 -35.17
CA ALA A 3 -0.90 4.19 -33.82
C ALA A 3 -1.12 5.41 -32.92
N LYS A 4 -1.42 5.15 -31.66
CA LYS A 4 -1.66 6.23 -30.68
C LYS A 4 -0.52 6.30 -29.67
N GLY A 5 -0.40 7.45 -29.01
CA GLY A 5 0.64 7.64 -28.02
C GLY A 5 0.15 8.34 -26.77
N THR A 6 -1.05 7.96 -26.33
CA THR A 6 -1.64 8.58 -25.13
C THR A 6 -1.40 7.71 -23.90
N ALA A 7 -0.64 8.25 -22.95
CA ALA A 7 -0.33 7.53 -21.71
C ALA A 7 -1.28 7.94 -20.59
N GLU A 8 -2.47 8.39 -20.97
CA GLU A 8 -3.48 8.80 -20.00
C GLU A 8 -3.05 10.10 -19.31
N THR A 9 -2.10 9.98 -18.39
CA THR A 9 -1.61 11.14 -17.66
C THR A 9 -2.72 11.81 -16.85
N LYS A 10 -3.66 10.99 -16.36
CA LYS A 10 -4.78 11.50 -15.58
C LYS A 10 -4.60 11.19 -14.11
N GLN A 11 -5.29 11.94 -13.26
CA GLN A 11 -5.19 11.75 -11.81
C GLN A 11 -3.75 11.83 -11.33
N GLU A 12 -3.53 11.54 -10.06
CA GLU A 12 -2.19 11.59 -9.49
C GLU A 12 -1.36 10.38 -9.93
N LYS A 13 -0.74 10.50 -11.10
CA LYS A 13 0.08 9.43 -11.65
C LYS A 13 1.53 9.87 -11.78
N SER A 14 2.01 10.63 -10.80
CA SER A 14 3.39 11.12 -10.81
C SER A 14 4.18 10.56 -9.64
N PHE A 15 5.44 10.96 -9.54
CA PHE A 15 6.30 10.50 -8.46
C PHE A 15 5.68 10.80 -7.10
N VAL A 16 5.02 11.94 -7.00
CA VAL A 16 4.37 12.35 -5.76
C VAL A 16 3.46 11.26 -5.22
N ASP A 17 2.80 10.55 -6.12
CA ASP A 17 1.88 9.49 -5.75
C ASP A 17 2.63 8.37 -5.01
N TRP A 18 3.88 8.15 -5.39
CA TRP A 18 4.70 7.12 -4.76
C TRP A 18 5.40 7.67 -3.53
N LEU A 19 5.82 8.92 -3.60
CA LEU A 19 6.51 9.57 -2.48
C LEU A 19 5.57 9.77 -1.30
N LEU A 20 4.44 10.43 -1.56
CA LEU A 20 3.46 10.69 -0.51
C LEU A 20 2.98 9.39 0.12
N GLY A 21 3.06 8.29 -0.63
CA GLY A 21 2.65 7.00 -0.13
C GLY A 21 3.38 6.61 1.14
N LYS A 22 4.67 6.92 1.19
CA LYS A 22 5.49 6.59 2.35
C LYS A 22 5.02 7.35 3.58
N ILE A 23 4.39 8.50 3.36
CA ILE A 23 3.87 9.32 4.45
C ILE A 23 2.46 8.91 4.83
N THR A 24 1.55 8.96 3.86
CA THR A 24 0.15 8.59 4.08
C THR A 24 -0.12 7.16 3.62
N LYS A 25 0.78 6.25 3.97
CA LYS A 25 0.63 4.85 3.60
C LYS A 25 -0.70 4.29 4.11
N GLU A 26 -0.96 3.03 3.78
CA GLU A 26 -2.19 2.37 4.20
C GLU A 26 -1.90 0.99 4.80
N ASP A 27 -1.19 0.99 5.92
CA ASP A 27 -0.84 -0.27 6.58
C ASP A 27 -0.54 -0.02 8.06
N GLN A 28 -0.40 -1.11 8.82
CA GLN A 28 -0.10 -1.00 10.24
C GLN A 28 0.89 -2.08 10.67
N PHE A 29 1.69 -1.77 11.68
CA PHE A 29 2.69 -2.71 12.19
C PHE A 29 3.24 -2.25 13.53
N TYR A 30 2.43 -1.52 14.29
CA TYR A 30 2.83 -1.02 15.59
C TYR A 30 1.72 -1.15 16.60
N GLU A 31 1.65 -2.29 17.28
CA GLU A 31 0.62 -2.54 18.28
C GLU A 31 -0.73 -2.77 17.62
N THR A 32 -1.24 -1.74 16.95
CA THR A 32 -2.53 -1.83 16.28
C THR A 32 -2.59 -3.05 15.36
N ASP A 33 -1.43 -3.48 14.89
CA ASP A 33 -1.34 -4.64 14.01
C ASP A 33 -0.62 -5.80 14.70
N PRO A 34 -1.33 -6.47 15.62
CA PRO A 34 -0.77 -7.60 16.37
C PRO A 34 -0.59 -8.83 15.50
N ILE A 35 0.66 -9.07 15.10
CA ILE A 35 0.98 -10.23 14.25
C ILE A 35 1.52 -11.39 15.09
N LEU A 36 1.08 -11.45 16.34
CA LEU A 36 1.52 -12.52 17.24
C LEU A 36 0.87 -13.85 16.87
N ARG A 37 -0.29 -13.78 16.24
CA ARG A 37 -1.01 -14.97 15.84
C ARG A 37 -0.37 -15.61 14.60
N GLY A 38 0.32 -14.79 13.82
CA GLY A 38 0.98 -15.29 12.63
C GLY A 38 2.37 -15.84 12.91
N GLY A 39 3.05 -15.24 13.89
CA GLY A 39 4.38 -15.69 14.24
C GLY A 39 4.43 -16.36 15.60
N ASP A 40 5.14 -17.49 15.66
CA ASP A 40 5.26 -18.23 16.91
C ASP A 40 6.24 -19.39 16.76
N VAL A 41 5.90 -20.34 15.91
CA VAL A 41 6.75 -21.50 15.68
C VAL A 41 8.13 -21.07 15.20
N LYS A 42 8.17 -20.23 14.17
CA LYS A 42 9.43 -19.75 13.62
C LYS A 42 9.74 -18.35 14.13
N SER A 43 9.69 -18.19 15.45
CA SER A 43 9.96 -16.89 16.08
C SER A 43 10.92 -17.06 17.25
N SER A 44 12.07 -16.39 17.17
CA SER A 44 13.08 -16.47 18.22
C SER A 44 13.47 -17.91 18.51
N GLY A 45 13.92 -18.61 17.46
CA GLY A 45 14.32 -20.00 17.63
C GLY A 45 15.63 -20.30 16.93
N SER A 46 16.51 -19.31 16.86
CA SER A 46 17.81 -19.48 16.21
C SER A 46 18.77 -18.40 16.66
N THR A 47 18.30 -17.16 16.70
CA THR A 47 19.12 -16.03 17.11
C THR A 47 18.27 -14.82 17.49
N SER A 48 18.49 -14.30 18.68
CA SER A 48 17.74 -13.15 19.17
C SER A 48 18.66 -12.12 19.82
N GLY A 49 19.27 -11.27 19.00
CA GLY A 49 20.17 -10.25 19.52
C GLY A 49 20.27 -9.05 18.60
N LYS A 50 20.42 -9.30 17.31
CA LYS A 50 20.53 -8.22 16.33
C LYS A 50 19.33 -7.30 16.39
N LYS A 51 18.14 -7.90 16.46
CA LYS A 51 16.90 -7.13 16.53
C LYS A 51 16.71 -6.28 15.28
N GLY A 52 17.30 -6.72 14.17
CA GLY A 52 17.19 -5.99 12.92
C GLY A 52 18.10 -4.78 12.88
N GLY A 53 17.71 -3.73 13.59
CA GLY A 53 18.51 -2.52 13.61
C GLY A 53 18.50 -1.79 12.29
N THR A 54 17.31 -1.55 11.75
CA THR A 54 17.16 -0.86 10.47
C THR A 54 16.03 0.17 10.53
N THR A 55 16.27 1.24 11.28
CA THR A 55 15.28 2.31 11.41
C THR A 55 15.74 3.58 10.71
N SER A 56 14.90 4.61 10.76
CA SER A 56 15.21 5.88 10.12
C SER A 56 15.56 5.69 8.65
N GLY A 57 16.04 6.75 8.02
CA GLY A 57 16.41 6.67 6.61
C GLY A 57 15.30 7.16 5.69
N LYS A 58 15.49 8.35 5.13
CA LYS A 58 14.49 8.94 4.24
C LYS A 58 13.17 9.14 4.96
N LYS A 59 13.02 10.30 5.61
CA LYS A 59 11.80 10.62 6.33
C LYS A 59 10.85 11.41 5.46
N GLY A 60 9.56 11.39 5.82
CA GLY A 60 8.57 12.12 5.05
C GLY A 60 8.15 13.41 5.72
N THR A 61 9.01 13.93 6.59
CA THR A 61 8.71 15.17 7.31
C THR A 61 9.23 16.38 6.54
N VAL A 62 10.32 16.19 5.79
CA VAL A 62 10.91 17.26 5.01
C VAL A 62 10.75 17.01 3.52
N SER A 63 10.66 15.73 3.14
CA SER A 63 10.51 15.36 1.75
C SER A 63 9.32 16.09 1.11
N ILE A 64 8.14 15.90 1.68
CA ILE A 64 6.93 16.53 1.19
C ILE A 64 7.13 18.04 1.02
N PRO A 65 6.32 18.65 0.13
CA PRO A 65 6.39 20.08 -0.14
C PRO A 65 5.90 20.92 1.03
N SER A 66 4.90 20.41 1.74
CA SER A 66 4.33 21.12 2.89
C SER A 66 3.84 22.51 2.49
N LYS A 67 3.53 22.67 1.20
CA LYS A 67 3.05 23.95 0.69
C LYS A 67 2.76 23.85 -0.80
N LYS A 68 1.49 23.95 -1.16
CA LYS A 68 1.08 23.88 -2.56
C LYS A 68 1.87 24.86 -3.41
N LYS A 69 2.85 24.35 -4.16
CA LYS A 69 3.68 25.18 -5.01
C LYS A 69 2.82 26.00 -5.98
N ASN A 70 1.90 25.32 -6.66
CA ASN A 70 1.02 25.99 -7.61
C ASN A 70 -0.16 25.09 -7.98
N GLY A 71 0.14 23.85 -8.35
CA GLY A 71 -0.89 22.91 -8.72
C GLY A 71 -1.01 22.75 -10.22
N ASN A 72 -2.10 23.28 -10.78
CA ASN A 72 -2.34 23.20 -12.22
C ASN A 72 -3.32 24.28 -12.67
N GLY A 73 -3.52 24.36 -13.98
CA GLY A 73 -4.43 25.36 -14.53
C GLY A 73 -3.91 25.97 -15.81
N GLY A 74 -4.47 27.12 -16.19
CA GLY A 74 -4.05 27.79 -17.40
C GLY A 74 -4.12 29.30 -17.28
N VAL A 75 -4.40 29.97 -18.40
CA VAL A 75 -4.50 31.43 -18.41
C VAL A 75 -5.95 31.88 -18.42
N PHE A 76 -6.84 31.00 -18.86
CA PHE A 76 -8.26 31.31 -18.93
C PHE A 76 -9.05 30.48 -17.93
N GLY A 77 -8.67 29.21 -17.79
CA GLY A 77 -9.36 28.32 -16.87
C GLY A 77 -10.86 28.34 -17.05
N GLY A 78 -11.31 28.64 -18.27
CA GLY A 78 -12.73 28.69 -18.54
C GLY A 78 -13.31 30.09 -18.36
N LEU A 79 -12.46 31.10 -18.49
CA LEU A 79 -12.89 32.48 -18.33
C LEU A 79 -13.08 33.15 -19.70
N PHE A 80 -12.38 32.64 -20.70
CA PHE A 80 -12.46 33.20 -22.05
C PHE A 80 -13.43 32.38 -22.90
N ALA A 81 -14.35 31.69 -22.24
CA ALA A 81 -15.34 30.87 -22.94
C ALA A 81 -16.64 31.63 -23.14
N LYS A 82 -17.05 31.77 -24.40
CA LYS A 82 -18.28 32.49 -24.72
C LYS A 82 -19.50 31.68 -24.28
N LYS A 83 -20.56 32.39 -23.91
CA LYS A 83 -21.79 31.75 -23.46
C LYS A 83 -22.96 32.09 -24.41
N ASP A 84 -23.07 33.36 -24.78
CA ASP A 84 -24.13 33.80 -25.67
C ASP A 84 -23.95 33.20 -27.06
N SER A 1 4.69 10.75 -29.09
CA SER A 1 5.98 10.09 -28.93
C SER A 1 6.95 10.97 -28.15
N ALA A 2 7.40 10.48 -26.99
CA ALA A 2 8.32 11.22 -26.15
C ALA A 2 7.81 12.63 -25.87
N ALA A 3 7.02 12.76 -24.81
CA ALA A 3 6.46 14.05 -24.42
C ALA A 3 5.94 14.02 -22.99
N LYS A 4 5.98 15.17 -22.32
CA LYS A 4 5.52 15.28 -20.95
C LYS A 4 4.31 16.21 -20.86
N GLY A 5 4.50 17.45 -21.28
CA GLY A 5 3.41 18.42 -21.24
C GLY A 5 2.89 18.65 -19.83
N THR A 6 3.55 19.55 -19.11
CA THR A 6 3.16 19.85 -17.73
C THR A 6 3.19 18.62 -16.86
N ALA A 7 4.40 18.14 -16.56
CA ALA A 7 4.56 16.95 -15.72
C ALA A 7 4.96 17.34 -14.30
N GLU A 8 4.49 18.50 -13.86
CA GLU A 8 4.79 18.98 -12.51
C GLU A 8 3.82 18.40 -11.49
N THR A 9 2.53 18.56 -11.76
CA THR A 9 1.49 18.05 -10.86
C THR A 9 0.67 16.96 -11.54
N LYS A 10 0.25 15.97 -10.76
CA LYS A 10 -0.55 14.87 -11.28
C LYS A 10 -0.98 13.93 -10.16
N GLN A 11 -2.26 13.59 -10.13
CA GLN A 11 -2.79 12.69 -9.11
C GLN A 11 -3.31 11.40 -9.73
N GLU A 12 -2.51 10.81 -10.62
CA GLU A 12 -2.90 9.57 -11.28
C GLU A 12 -1.76 8.56 -11.23
N LYS A 13 -0.54 9.03 -11.45
CA LYS A 13 0.64 8.16 -11.43
C LYS A 13 1.92 8.98 -11.44
N SER A 14 1.95 10.04 -10.64
CA SER A 14 3.12 10.91 -10.57
C SER A 14 4.03 10.49 -9.42
N PHE A 15 5.20 11.13 -9.33
CA PHE A 15 6.16 10.83 -8.29
C PHE A 15 5.59 11.15 -6.91
N VAL A 16 4.81 12.22 -6.83
CA VAL A 16 4.20 12.63 -5.58
C VAL A 16 3.18 11.61 -5.10
N ASP A 17 2.47 11.00 -6.04
CA ASP A 17 1.47 9.99 -5.71
C ASP A 17 2.10 8.81 -4.96
N TRP A 18 3.30 8.44 -5.37
CA TRP A 18 4.02 7.33 -4.75
C TRP A 18 4.81 7.81 -3.54
N LEU A 19 5.34 9.03 -3.62
CA LEU A 19 6.12 9.59 -2.53
C LEU A 19 5.25 9.85 -1.32
N LEU A 20 4.16 10.59 -1.50
CA LEU A 20 3.25 10.90 -0.41
C LEU A 20 2.73 9.63 0.25
N GLY A 21 2.72 8.54 -0.52
CA GLY A 21 2.25 7.27 0.02
C GLY A 21 3.22 6.67 1.02
N LYS A 22 4.46 7.12 0.98
CA LYS A 22 5.49 6.62 1.89
C LYS A 22 5.40 7.32 3.25
N ILE A 23 4.83 8.53 3.24
CA ILE A 23 4.68 9.30 4.46
C ILE A 23 3.41 8.90 5.22
N THR A 24 2.34 8.67 4.47
CA THR A 24 1.06 8.28 5.07
C THR A 24 0.24 7.43 4.10
N LYS A 25 -0.31 8.08 3.08
CA LYS A 25 -1.12 7.39 2.08
C LYS A 25 -1.27 8.24 0.83
N GLU A 26 -2.06 7.73 -0.13
CA GLU A 26 -2.29 8.45 -1.38
C GLU A 26 -3.55 7.94 -2.07
N ASP A 27 -4.48 7.42 -1.27
CA ASP A 27 -5.74 6.90 -1.81
C ASP A 27 -6.64 6.41 -0.68
N GLN A 28 -7.75 5.78 -1.05
CA GLN A 28 -8.70 5.26 -0.07
C GLN A 28 -9.76 4.39 -0.75
N PHE A 29 -10.19 4.81 -1.94
CA PHE A 29 -11.20 4.07 -2.69
C PHE A 29 -10.56 2.96 -3.51
N TYR A 30 -9.34 3.21 -3.98
CA TYR A 30 -8.62 2.23 -4.80
C TYR A 30 -7.14 2.23 -4.45
N GLU A 31 -6.56 1.03 -4.35
CA GLU A 31 -5.15 0.89 -4.02
C GLU A 31 -4.64 -0.50 -4.40
N THR A 32 -5.30 -1.11 -5.38
CA THR A 32 -4.91 -2.44 -5.84
C THR A 32 -4.68 -3.39 -4.66
N ASP A 33 -5.78 -3.94 -4.14
CA ASP A 33 -5.69 -4.87 -3.01
C ASP A 33 -5.21 -4.14 -1.76
N PRO A 34 -6.13 -3.48 -1.05
CA PRO A 34 -5.82 -2.74 0.17
C PRO A 34 -5.46 -3.67 1.33
N ILE A 35 -4.17 -3.90 1.53
CA ILE A 35 -3.70 -4.77 2.60
C ILE A 35 -2.36 -4.29 3.14
N LEU A 36 -1.76 -5.09 4.02
CA LEU A 36 -0.47 -4.76 4.61
C LEU A 36 0.61 -4.70 3.54
N ARG A 37 1.87 -4.81 3.96
CA ARG A 37 3.00 -4.77 3.04
C ARG A 37 3.34 -6.17 2.54
N GLY A 38 2.33 -7.04 2.50
CA GLY A 38 2.55 -8.40 2.03
C GLY A 38 3.02 -9.33 3.14
N GLY A 39 4.07 -8.91 3.84
CA GLY A 39 4.59 -9.72 4.93
C GLY A 39 5.97 -10.27 4.62
N ASP A 40 6.76 -9.49 3.89
CA ASP A 40 8.12 -9.91 3.52
C ASP A 40 9.01 -8.69 3.28
N VAL A 41 10.05 -8.56 4.10
CA VAL A 41 10.98 -7.45 3.98
C VAL A 41 11.93 -7.65 2.81
N LYS A 42 12.19 -8.91 2.48
CA LYS A 42 13.08 -9.24 1.37
C LYS A 42 14.52 -8.88 1.72
N SER A 43 14.83 -7.59 1.66
CA SER A 43 16.18 -7.11 1.96
C SER A 43 17.20 -7.76 1.04
N SER A 44 17.15 -7.39 -0.23
CA SER A 44 18.08 -7.93 -1.22
C SER A 44 19.30 -7.04 -1.39
N GLY A 45 19.07 -5.73 -1.34
CA GLY A 45 20.16 -4.78 -1.48
C GLY A 45 20.45 -4.45 -2.93
N SER A 46 21.16 -3.36 -3.15
CA SER A 46 21.50 -2.92 -4.51
C SER A 46 22.96 -2.48 -4.59
N THR A 47 23.36 -1.62 -3.66
CA THR A 47 24.73 -1.12 -3.62
C THR A 47 25.73 -2.25 -3.47
N SER A 48 26.64 -2.38 -4.43
CA SER A 48 27.65 -3.43 -4.40
C SER A 48 28.85 -3.00 -3.56
N GLY A 49 29.54 -3.99 -2.99
CA GLY A 49 30.70 -3.70 -2.16
C GLY A 49 31.21 -4.93 -1.44
N LYS A 50 32.02 -5.73 -2.14
CA LYS A 50 32.58 -6.95 -1.55
C LYS A 50 34.06 -6.79 -1.29
N LYS A 51 34.51 -5.55 -1.09
CA LYS A 51 35.91 -5.26 -0.83
C LYS A 51 36.24 -5.43 0.65
N GLY A 52 37.15 -6.36 0.95
CA GLY A 52 37.54 -6.59 2.33
C GLY A 52 39.04 -6.57 2.52
N GLY A 53 39.63 -5.38 2.44
CA GLY A 53 41.06 -5.25 2.60
C GLY A 53 41.46 -4.83 4.01
N THR A 54 40.67 -5.25 4.99
CA THR A 54 40.93 -4.91 6.38
C THR A 54 41.15 -6.17 7.22
N THR A 55 42.37 -6.35 7.69
CA THR A 55 42.70 -7.51 8.52
C THR A 55 43.26 -7.08 9.87
N SER A 56 43.09 -7.95 10.87
CA SER A 56 43.57 -7.66 12.22
C SER A 56 43.93 -8.95 12.96
N GLY A 57 42.91 -9.76 13.25
CA GLY A 57 43.14 -11.01 13.94
C GLY A 57 43.77 -10.81 15.31
N LYS A 58 43.45 -9.69 15.95
CA LYS A 58 44.00 -9.38 17.27
C LYS A 58 45.52 -9.28 17.21
N LYS A 59 46.12 -8.94 18.36
CA LYS A 59 47.57 -8.83 18.44
C LYS A 59 48.13 -9.77 19.50
N GLY A 60 47.45 -9.82 20.65
CA GLY A 60 47.90 -10.69 21.73
C GLY A 60 49.32 -10.40 22.15
N THR A 61 49.78 -9.19 21.87
CA THR A 61 51.14 -8.79 22.23
C THR A 61 51.13 -7.63 23.21
N VAL A 62 50.11 -6.78 23.10
CA VAL A 62 49.98 -5.62 23.98
C VAL A 62 48.74 -5.73 24.86
N SER A 63 47.74 -6.46 24.38
CA SER A 63 46.50 -6.65 25.12
C SER A 63 46.49 -8.01 25.82
N ILE A 64 47.51 -8.27 26.61
CA ILE A 64 47.61 -9.53 27.33
C ILE A 64 48.27 -9.34 28.69
N PRO A 65 48.03 -10.29 29.61
CA PRO A 65 48.59 -10.25 30.97
C PRO A 65 50.09 -10.47 30.98
N SER A 66 50.55 -11.45 30.20
CA SER A 66 51.97 -11.76 30.12
C SER A 66 52.54 -12.07 31.50
N LYS A 67 51.67 -12.53 32.40
CA LYS A 67 52.09 -12.87 33.76
C LYS A 67 50.95 -13.57 34.50
N LYS A 68 49.77 -12.98 34.47
CA LYS A 68 48.60 -13.54 35.15
C LYS A 68 48.37 -14.98 34.71
N LYS A 69 48.63 -15.26 33.44
CA LYS A 69 48.46 -16.60 32.90
C LYS A 69 49.79 -17.18 32.43
N ASN A 70 50.87 -16.78 33.09
CA ASN A 70 52.20 -17.26 32.75
C ASN A 70 52.56 -16.88 31.33
N GLY A 71 53.75 -17.28 30.89
CA GLY A 71 54.20 -16.97 29.55
C GLY A 71 54.11 -18.16 28.61
N ASN A 72 52.94 -18.79 28.58
CA ASN A 72 52.73 -19.96 27.72
C ASN A 72 52.24 -19.53 26.34
N GLY A 73 52.53 -20.35 25.34
CA GLY A 73 52.11 -20.04 23.99
C GLY A 73 51.42 -21.22 23.31
N GLY A 74 52.18 -21.99 22.55
CA GLY A 74 51.62 -23.13 21.85
C GLY A 74 51.38 -24.31 22.78
N VAL A 75 50.18 -24.39 23.34
CA VAL A 75 49.82 -25.47 24.25
C VAL A 75 49.49 -26.75 23.48
N PHE A 76 49.06 -26.58 22.24
CA PHE A 76 48.71 -27.71 21.38
C PHE A 76 49.91 -28.22 20.60
N GLY A 77 50.37 -27.39 19.65
CA GLY A 77 51.52 -27.77 18.85
C GLY A 77 52.74 -28.08 19.69
N GLY A 78 52.81 -27.48 20.87
CA GLY A 78 53.95 -27.71 21.75
C GLY A 78 53.97 -29.12 22.31
N LEU A 79 52.81 -29.77 22.33
CA LEU A 79 52.70 -31.14 22.83
C LEU A 79 53.07 -32.15 21.75
N PHE A 80 52.60 -31.90 20.54
CA PHE A 80 52.87 -32.80 19.42
C PHE A 80 54.37 -32.90 19.16
N ALA A 81 55.10 -31.86 19.52
CA ALA A 81 56.54 -31.82 19.33
C ALA A 81 57.22 -32.97 20.08
N LYS A 82 56.85 -33.13 21.36
CA LYS A 82 57.43 -34.18 22.19
C LYS A 82 58.95 -34.09 22.22
N LYS A 83 59.46 -32.98 22.76
CA LYS A 83 60.90 -32.77 22.84
C LYS A 83 61.56 -33.87 23.66
N ASP A 84 62.84 -34.09 23.42
CA ASP A 84 63.59 -35.12 24.14
C ASP A 84 63.83 -34.70 25.59
N SER A 1 2.02 30.31 -0.57
CA SER A 1 0.87 29.85 -1.32
C SER A 1 0.62 30.75 -2.53
N ALA A 2 1.69 31.09 -3.24
CA ALA A 2 1.60 31.94 -4.43
C ALA A 2 1.83 31.14 -5.70
N ALA A 3 0.86 30.31 -6.06
CA ALA A 3 0.97 29.49 -7.27
C ALA A 3 -0.24 29.67 -8.17
N LYS A 4 -0.14 29.17 -9.40
CA LYS A 4 -1.24 29.27 -10.35
C LYS A 4 -1.79 27.89 -10.70
N GLY A 5 -0.93 27.02 -11.20
CA GLY A 5 -1.35 25.68 -11.56
C GLY A 5 -2.23 25.67 -12.80
N THR A 6 -1.73 26.25 -13.87
CA THR A 6 -2.48 26.30 -15.13
C THR A 6 -2.17 25.08 -16.00
N ALA A 7 -0.96 24.56 -15.88
CA ALA A 7 -0.54 23.40 -16.65
C ALA A 7 -1.23 22.14 -16.14
N GLU A 8 -1.08 21.85 -14.86
CA GLU A 8 -1.69 20.67 -14.26
C GLU A 8 -1.22 19.40 -14.97
N THR A 9 -0.08 18.85 -14.51
CA THR A 9 0.47 17.65 -15.09
C THR A 9 1.46 16.99 -14.14
N LYS A 10 1.15 17.01 -12.86
CA LYS A 10 2.02 16.41 -11.84
C LYS A 10 1.21 15.53 -10.89
N GLN A 11 0.10 14.98 -11.38
CA GLN A 11 -0.75 14.13 -10.57
C GLN A 11 -1.10 12.84 -11.31
N GLU A 12 -1.83 11.96 -10.65
CA GLU A 12 -2.23 10.69 -11.24
C GLU A 12 -1.04 9.74 -11.36
N LYS A 13 -0.11 10.09 -12.25
CA LYS A 13 1.09 9.27 -12.45
C LYS A 13 2.35 10.11 -12.32
N SER A 14 2.65 10.51 -11.09
CA SER A 14 3.83 11.33 -10.83
C SER A 14 4.57 10.83 -9.59
N PHE A 15 5.82 11.26 -9.44
CA PHE A 15 6.65 10.86 -8.30
C PHE A 15 5.92 11.13 -6.99
N VAL A 16 5.12 12.20 -6.97
CA VAL A 16 4.37 12.57 -5.78
C VAL A 16 3.53 11.41 -5.27
N ASP A 17 2.99 10.63 -6.21
CA ASP A 17 2.15 9.49 -5.85
C ASP A 17 2.93 8.50 -4.99
N TRP A 18 4.21 8.34 -5.29
CA TRP A 18 5.07 7.42 -4.54
C TRP A 18 5.65 8.11 -3.31
N LEU A 19 6.00 9.38 -3.45
CA LEU A 19 6.56 10.15 -2.35
C LEU A 19 5.56 10.30 -1.21
N LEU A 20 4.37 10.80 -1.54
CA LEU A 20 3.33 10.99 -0.54
C LEU A 20 2.92 9.66 0.09
N GLY A 21 3.13 8.58 -0.65
CA GLY A 21 2.78 7.26 -0.15
C GLY A 21 3.66 6.84 1.02
N LYS A 22 4.82 7.47 1.14
CA LYS A 22 5.76 7.15 2.21
C LYS A 22 5.33 7.83 3.51
N ILE A 23 4.58 8.91 3.39
CA ILE A 23 4.11 9.66 4.56
C ILE A 23 2.75 9.14 5.02
N THR A 24 1.87 8.84 4.05
CA THR A 24 0.54 8.34 4.36
C THR A 24 -0.21 9.32 5.26
N LYS A 25 -0.69 10.41 4.67
CA LYS A 25 -1.44 11.42 5.43
C LYS A 25 -2.71 10.82 6.02
N GLU A 26 -2.98 11.17 7.27
CA GLU A 26 -4.18 10.67 7.95
C GLU A 26 -5.29 11.70 7.92
N ASP A 27 -4.91 12.97 7.86
CA ASP A 27 -5.89 14.06 7.83
C ASP A 27 -6.86 13.87 6.66
N GLN A 28 -6.40 14.13 5.45
CA GLN A 28 -7.24 14.00 4.26
C GLN A 28 -6.39 14.07 2.99
N PHE A 29 -5.97 15.29 2.64
CA PHE A 29 -5.16 15.50 1.45
C PHE A 29 -5.81 14.84 0.23
N TYR A 30 -6.91 15.42 -0.24
CA TYR A 30 -7.62 14.89 -1.39
C TYR A 30 -7.71 15.94 -2.50
N GLU A 31 -8.26 15.53 -3.64
CA GLU A 31 -8.41 16.43 -4.78
C GLU A 31 -9.87 16.53 -5.21
N THR A 32 -10.58 15.40 -5.13
CA THR A 32 -11.98 15.35 -5.52
C THR A 32 -12.62 14.04 -5.10
N ASP A 33 -12.12 13.46 -4.02
CA ASP A 33 -12.65 12.20 -3.51
C ASP A 33 -13.00 12.31 -2.03
N PRO A 34 -14.04 13.10 -1.73
CA PRO A 34 -14.50 13.30 -0.36
C PRO A 34 -15.13 12.04 0.24
N ILE A 35 -14.39 11.37 1.11
CA ILE A 35 -14.87 10.16 1.76
C ILE A 35 -14.30 10.01 3.16
N LEU A 36 -14.57 8.87 3.78
CA LEU A 36 -14.07 8.60 5.13
C LEU A 36 -14.81 9.45 6.16
N ARG A 37 -14.53 10.75 6.15
CA ARG A 37 -15.16 11.68 7.09
C ARG A 37 -16.59 11.99 6.64
N GLY A 38 -16.84 11.87 5.34
CA GLY A 38 -18.17 12.15 4.81
C GLY A 38 -19.05 10.92 4.77
N GLY A 39 -18.42 9.75 4.62
CA GLY A 39 -19.17 8.51 4.57
C GLY A 39 -20.24 8.53 3.49
N ASP A 40 -19.87 8.09 2.29
CA ASP A 40 -20.80 8.05 1.16
C ASP A 40 -20.47 6.91 0.22
N VAL A 41 -19.18 6.78 -0.12
CA VAL A 41 -18.74 5.72 -1.01
C VAL A 41 -18.97 4.34 -0.40
N LYS A 42 -18.90 4.27 0.92
CA LYS A 42 -19.11 3.01 1.64
C LYS A 42 -18.08 1.97 1.20
N SER A 43 -16.82 2.22 1.53
CA SER A 43 -15.74 1.30 1.17
C SER A 43 -15.17 0.61 2.41
N SER A 44 -14.23 -0.30 2.20
CA SER A 44 -13.62 -1.03 3.29
C SER A 44 -12.14 -1.28 3.02
N GLY A 45 -11.37 -1.48 4.09
CA GLY A 45 -9.95 -1.72 3.95
C GLY A 45 -9.11 -0.57 4.48
N SER A 46 -7.91 -0.41 3.93
CA SER A 46 -7.00 0.65 4.36
C SER A 46 -6.68 0.53 5.84
N THR A 47 -6.01 1.54 6.38
CA THR A 47 -5.64 1.54 7.79
C THR A 47 -6.57 2.43 8.61
N SER A 48 -7.64 1.84 9.12
CA SER A 48 -8.62 2.58 9.92
C SER A 48 -8.12 2.77 11.34
N GLY A 49 -8.86 3.55 12.13
CA GLY A 49 -8.48 3.81 13.50
C GLY A 49 -9.62 3.55 14.47
N LYS A 50 -10.46 2.58 14.15
CA LYS A 50 -11.60 2.24 15.00
C LYS A 50 -11.30 0.99 15.83
N LYS A 51 -11.31 -0.15 15.17
CA LYS A 51 -11.04 -1.42 15.84
C LYS A 51 -9.54 -1.66 15.99
N GLY A 52 -9.14 -2.17 17.15
CA GLY A 52 -7.74 -2.43 17.39
C GLY A 52 -7.52 -3.47 18.48
N GLY A 53 -8.30 -4.55 18.41
CA GLY A 53 -8.18 -5.61 19.40
C GLY A 53 -8.77 -5.22 20.74
N THR A 54 -10.06 -5.50 20.92
CA THR A 54 -10.75 -5.18 22.15
C THR A 54 -11.18 -6.44 22.89
N THR A 55 -10.65 -6.63 24.10
CA THR A 55 -10.97 -7.80 24.90
C THR A 55 -12.48 -7.91 25.11
N SER A 56 -13.00 -9.14 25.03
CA SER A 56 -14.42 -9.38 25.22
C SER A 56 -14.66 -10.73 25.89
N GLY A 57 -14.27 -11.80 25.20
CA GLY A 57 -14.46 -13.13 25.74
C GLY A 57 -13.63 -13.37 26.99
N LYS A 58 -12.50 -14.07 26.83
CA LYS A 58 -11.62 -14.36 27.95
C LYS A 58 -10.95 -13.09 28.46
N LYS A 59 -11.37 -12.62 29.63
CA LYS A 59 -10.81 -11.41 30.23
C LYS A 59 -9.68 -11.76 31.19
N GLY A 60 -8.47 -11.34 30.85
CA GLY A 60 -7.31 -11.62 31.70
C GLY A 60 -7.25 -10.70 32.90
N THR A 61 -8.16 -10.90 33.85
CA THR A 61 -8.21 -10.08 35.06
C THR A 61 -9.31 -10.56 36.00
N VAL A 62 -10.42 -10.98 35.43
CA VAL A 62 -11.55 -11.48 36.23
C VAL A 62 -11.86 -12.94 35.90
N SER A 63 -11.62 -13.32 34.66
CA SER A 63 -11.88 -14.69 34.22
C SER A 63 -10.59 -15.38 33.80
N ILE A 64 -9.87 -15.91 34.78
CA ILE A 64 -8.61 -16.59 34.51
C ILE A 64 -8.48 -17.85 35.37
N PRO A 65 -7.64 -18.80 34.92
CA PRO A 65 -7.40 -20.06 35.64
C PRO A 65 -6.61 -19.85 36.93
N SER A 66 -5.68 -18.90 36.89
CA SER A 66 -4.87 -18.60 38.06
C SER A 66 -4.10 -19.84 38.51
N LYS A 67 -3.90 -20.78 37.60
CA LYS A 67 -3.19 -22.01 37.90
C LYS A 67 -3.09 -22.91 36.66
N LYS A 68 -1.87 -23.08 36.16
CA LYS A 68 -1.63 -23.90 34.99
C LYS A 68 -2.27 -25.29 35.16
N LYS A 69 -3.40 -25.50 34.51
CA LYS A 69 -4.11 -26.77 34.59
C LYS A 69 -3.37 -27.85 33.80
N ASN A 70 -2.78 -28.80 34.52
CA ASN A 70 -2.04 -29.89 33.89
C ASN A 70 -2.97 -31.05 33.55
N GLY A 71 -2.39 -32.14 33.07
CA GLY A 71 -3.17 -33.31 32.73
C GLY A 71 -3.61 -34.10 33.95
N ASN A 72 -2.74 -34.19 34.95
CA ASN A 72 -3.05 -34.91 36.17
C ASN A 72 -3.39 -36.37 35.86
N GLY A 73 -3.84 -37.09 36.88
CA GLY A 73 -4.21 -38.49 36.70
C GLY A 73 -4.39 -39.21 38.01
N GLY A 74 -3.61 -40.27 38.22
CA GLY A 74 -3.71 -41.04 39.45
C GLY A 74 -3.05 -40.34 40.62
N VAL A 75 -2.50 -41.12 41.54
CA VAL A 75 -1.84 -40.56 42.72
C VAL A 75 -0.31 -40.62 42.57
N PHE A 76 0.16 -41.56 41.76
CA PHE A 76 1.59 -41.70 41.53
C PHE A 76 2.05 -40.85 40.36
N GLY A 77 1.62 -41.22 39.16
CA GLY A 77 2.00 -40.48 37.96
C GLY A 77 2.39 -41.39 36.81
N GLY A 78 1.48 -42.27 36.43
CA GLY A 78 1.77 -43.19 35.34
C GLY A 78 2.59 -44.39 35.78
N LEU A 79 2.09 -45.11 36.77
CA LEU A 79 2.79 -46.28 37.29
C LEU A 79 2.22 -47.57 36.70
N PHE A 80 0.91 -47.58 36.51
CA PHE A 80 0.23 -48.75 35.96
C PHE A 80 0.06 -48.61 34.44
N ALA A 81 0.87 -47.76 33.84
CA ALA A 81 0.81 -47.53 32.40
C ALA A 81 2.08 -48.04 31.71
N LYS A 82 1.96 -48.35 30.43
CA LYS A 82 3.09 -48.84 29.65
C LYS A 82 3.64 -50.13 30.26
N LYS A 83 2.75 -51.02 30.66
CA LYS A 83 3.15 -52.29 31.26
C LYS A 83 3.76 -53.22 30.21
N ASP A 84 4.58 -54.17 30.66
CA ASP A 84 5.22 -55.11 29.76
C ASP A 84 4.19 -55.87 28.94
N SER A 1 4.96 -5.81 -22.28
CA SER A 1 4.64 -5.62 -20.87
C SER A 1 4.05 -4.23 -20.64
N ALA A 2 3.71 -3.94 -19.39
CA ALA A 2 3.13 -2.64 -19.04
C ALA A 2 1.83 -2.40 -19.78
N ALA A 3 1.24 -1.23 -19.57
CA ALA A 3 -0.01 -0.87 -20.23
C ALA A 3 -0.18 0.64 -20.30
N LYS A 4 -1.30 1.08 -20.86
CA LYS A 4 -1.59 2.51 -20.99
C LYS A 4 -3.09 2.77 -20.99
N GLY A 5 -3.52 3.76 -20.22
CA GLY A 5 -4.93 4.09 -20.15
C GLY A 5 -5.72 3.08 -19.34
N THR A 6 -5.23 2.75 -18.16
CA THR A 6 -5.88 1.79 -17.28
C THR A 6 -7.33 2.21 -17.00
N ALA A 7 -7.49 3.38 -16.40
CA ALA A 7 -8.81 3.90 -16.08
C ALA A 7 -9.34 4.80 -17.19
N GLU A 8 -8.65 5.91 -17.42
CA GLU A 8 -9.06 6.86 -18.47
C GLU A 8 -8.08 8.03 -18.54
N THR A 9 -8.44 9.05 -19.30
CA THR A 9 -7.60 10.22 -19.47
C THR A 9 -7.32 10.88 -18.13
N LYS A 10 -6.12 11.45 -18.00
CA LYS A 10 -5.72 12.12 -16.76
C LYS A 10 -5.66 11.14 -15.60
N GLN A 11 -4.46 10.72 -15.24
CA GLN A 11 -4.27 9.78 -14.15
C GLN A 11 -3.36 10.37 -13.07
N GLU A 12 -3.37 9.75 -11.89
CA GLU A 12 -2.56 10.21 -10.78
C GLU A 12 -1.55 9.15 -10.36
N LYS A 13 -0.31 9.31 -10.83
CA LYS A 13 0.76 8.36 -10.51
C LYS A 13 2.12 9.00 -10.69
N SER A 14 2.18 10.32 -10.52
CA SER A 14 3.43 11.06 -10.65
C SER A 14 4.44 10.62 -9.60
N PHE A 15 5.62 11.24 -9.62
CA PHE A 15 6.67 10.92 -8.67
C PHE A 15 6.23 11.25 -7.24
N VAL A 16 5.47 12.33 -7.10
CA VAL A 16 4.98 12.75 -5.80
C VAL A 16 4.08 11.69 -5.17
N ASP A 17 3.31 11.02 -6.01
CA ASP A 17 2.40 9.97 -5.54
C ASP A 17 3.17 8.87 -4.81
N TRP A 18 4.33 8.52 -5.34
CA TRP A 18 5.16 7.48 -4.74
C TRP A 18 5.86 8.01 -3.49
N LEU A 19 6.20 9.29 -3.50
CA LEU A 19 6.88 9.91 -2.36
C LEU A 19 5.94 10.01 -1.16
N LEU A 20 4.74 10.53 -1.38
CA LEU A 20 3.75 10.67 -0.32
C LEU A 20 3.14 9.32 0.04
N GLY A 21 3.27 8.36 -0.88
CA GLY A 21 2.74 7.03 -0.63
C GLY A 21 3.27 6.40 0.64
N LYS A 22 4.40 6.92 1.11
CA LYS A 22 5.03 6.40 2.33
C LYS A 22 4.51 7.14 3.56
N ILE A 23 3.93 8.32 3.34
CA ILE A 23 3.40 9.12 4.43
C ILE A 23 1.88 9.04 4.48
N THR A 24 1.28 8.49 3.43
CA THR A 24 -0.16 8.36 3.35
C THR A 24 -0.82 9.70 3.11
N LYS A 25 -0.77 10.58 4.11
CA LYS A 25 -1.36 11.91 4.01
C LYS A 25 -0.30 12.99 4.15
N GLU A 26 -0.74 14.25 4.17
CA GLU A 26 0.18 15.38 4.29
C GLU A 26 0.17 15.93 5.71
N ASP A 27 -0.97 15.81 6.38
CA ASP A 27 -1.11 16.30 7.75
C ASP A 27 -2.47 15.92 8.32
N GLN A 28 -2.54 14.74 8.95
CA GLN A 28 -3.79 14.27 9.54
C GLN A 28 -4.85 14.06 8.47
N PHE A 29 -6.07 13.79 8.92
CA PHE A 29 -7.19 13.58 8.00
C PHE A 29 -8.46 14.21 8.53
N TYR A 30 -8.31 15.27 9.32
CA TYR A 30 -9.44 15.96 9.91
C TYR A 30 -9.83 17.18 9.06
N GLU A 31 -11.09 17.56 9.13
CA GLU A 31 -11.59 18.71 8.38
C GLU A 31 -12.43 19.63 9.27
N THR A 32 -12.21 19.54 10.58
CA THR A 32 -12.95 20.35 11.54
C THR A 32 -14.43 20.00 11.53
N ASP A 33 -14.76 18.83 11.00
CA ASP A 33 -16.14 18.38 10.94
C ASP A 33 -17.03 19.44 10.29
N PRO A 34 -16.93 19.56 8.96
CA PRO A 34 -17.71 20.53 8.19
C PRO A 34 -19.19 20.18 8.15
N ILE A 35 -20.03 21.07 8.66
CA ILE A 35 -21.47 20.86 8.69
C ILE A 35 -22.23 22.16 8.49
N LEU A 36 -23.33 22.10 7.74
CA LEU A 36 -24.15 23.28 7.48
C LEU A 36 -25.62 22.90 7.38
N ARG A 37 -26.00 21.83 8.06
CA ARG A 37 -27.38 21.37 8.05
C ARG A 37 -28.14 21.86 9.28
N GLY A 38 -27.40 22.11 10.35
CA GLY A 38 -28.01 22.59 11.58
C GLY A 38 -27.73 24.05 11.84
N GLY A 39 -27.41 24.79 10.79
CA GLY A 39 -27.11 26.20 10.94
C GLY A 39 -28.35 27.03 11.27
N ASP A 40 -29.34 26.97 10.39
CA ASP A 40 -30.57 27.71 10.60
C ASP A 40 -30.30 29.20 10.78
N VAL A 41 -29.91 29.86 9.69
CA VAL A 41 -29.61 31.29 9.74
C VAL A 41 -30.86 32.11 10.07
N LYS A 42 -32.02 31.62 9.63
CA LYS A 42 -33.28 32.30 9.89
C LYS A 42 -33.23 33.74 9.39
N SER A 43 -34.25 34.52 9.73
CA SER A 43 -34.33 35.91 9.32
C SER A 43 -34.37 36.03 7.80
N SER A 44 -34.65 37.24 7.32
CA SER A 44 -34.73 37.48 5.88
C SER A 44 -34.61 38.97 5.58
N GLY A 45 -35.41 39.78 6.28
CA GLY A 45 -35.38 41.21 6.07
C GLY A 45 -36.32 41.66 4.98
N SER A 46 -36.71 42.93 5.02
CA SER A 46 -37.62 43.49 4.02
C SER A 46 -37.45 45.00 3.91
N THR A 47 -37.92 45.55 2.80
CA THR A 47 -37.82 46.99 2.56
C THR A 47 -38.69 47.42 1.39
N SER A 48 -39.04 48.71 1.35
CA SER A 48 -39.89 49.24 0.29
C SER A 48 -39.78 50.77 0.23
N GLY A 49 -40.20 51.33 -0.89
CA GLY A 49 -40.15 52.78 -1.06
C GLY A 49 -40.88 53.25 -2.29
N LYS A 50 -41.40 54.48 -2.25
CA LYS A 50 -42.13 55.04 -3.36
C LYS A 50 -41.30 56.11 -4.07
N LYS A 51 -40.90 57.13 -3.32
CA LYS A 51 -40.11 58.23 -3.88
C LYS A 51 -40.83 58.89 -5.04
N GLY A 52 -41.75 59.80 -4.71
CA GLY A 52 -42.49 60.50 -5.75
C GLY A 52 -42.03 61.93 -5.93
N GLY A 53 -41.17 62.15 -6.91
CA GLY A 53 -40.67 63.50 -7.16
C GLY A 53 -41.51 64.26 -8.17
N THR A 54 -42.66 64.74 -7.71
CA THR A 54 -43.57 65.49 -8.58
C THR A 54 -44.30 66.59 -7.80
N THR A 55 -44.64 67.66 -8.51
CA THR A 55 -45.33 68.79 -7.88
C THR A 55 -46.47 69.29 -8.77
N SER A 56 -46.11 69.78 -9.95
CA SER A 56 -47.09 70.30 -10.90
C SER A 56 -48.16 69.25 -11.21
N GLY A 57 -49.38 69.52 -10.78
CA GLY A 57 -50.48 68.59 -11.01
C GLY A 57 -51.50 69.13 -11.99
N LYS A 58 -51.04 69.98 -12.90
CA LYS A 58 -51.93 70.57 -13.90
C LYS A 58 -51.12 71.14 -15.07
N LYS A 59 -50.01 71.78 -14.76
CA LYS A 59 -49.15 72.37 -15.78
C LYS A 59 -49.91 73.41 -16.60
N GLY A 60 -50.91 74.04 -15.97
CA GLY A 60 -51.69 75.04 -16.65
C GLY A 60 -51.13 76.44 -16.45
N THR A 61 -49.87 76.52 -16.04
CA THR A 61 -49.22 77.81 -15.82
C THR A 61 -48.02 77.99 -16.75
N VAL A 62 -47.41 76.88 -17.13
CA VAL A 62 -46.24 76.92 -18.02
C VAL A 62 -46.60 76.39 -19.41
N SER A 63 -47.60 75.51 -19.46
CA SER A 63 -48.03 74.92 -20.72
C SER A 63 -49.08 75.81 -21.40
N ILE A 64 -48.75 77.09 -21.55
CA ILE A 64 -49.66 78.04 -22.18
C ILE A 64 -48.90 79.11 -22.95
N PRO A 65 -49.57 79.72 -23.93
CA PRO A 65 -48.97 80.77 -24.77
C PRO A 65 -48.74 82.06 -23.99
N SER A 66 -47.70 82.06 -23.16
CA SER A 66 -47.36 83.23 -22.36
C SER A 66 -46.85 84.37 -23.23
N LYS A 67 -46.13 84.02 -24.29
CA LYS A 67 -45.59 85.00 -25.22
C LYS A 67 -45.31 84.39 -26.58
N LYS A 68 -46.10 83.37 -26.94
CA LYS A 68 -45.95 82.69 -28.21
C LYS A 68 -46.02 83.69 -29.37
N LYS A 69 -47.18 84.30 -29.55
CA LYS A 69 -47.38 85.27 -30.61
C LYS A 69 -47.36 84.60 -31.98
N ASN A 70 -46.17 84.24 -32.44
CA ASN A 70 -46.02 83.58 -33.73
C ASN A 70 -46.48 84.49 -34.87
N GLY A 71 -45.53 85.14 -35.52
CA GLY A 71 -45.87 86.03 -36.61
C GLY A 71 -44.97 85.84 -37.82
N ASN A 72 -45.41 86.34 -38.97
CA ASN A 72 -44.64 86.21 -40.20
C ASN A 72 -45.06 87.26 -41.22
N GLY A 73 -44.20 87.51 -42.20
CA GLY A 73 -44.50 88.49 -43.23
C GLY A 73 -43.28 89.23 -43.72
N GLY A 74 -43.31 89.68 -44.97
CA GLY A 74 -42.18 90.40 -45.53
C GLY A 74 -42.02 91.79 -44.94
N VAL A 75 -41.28 92.64 -45.64
CA VAL A 75 -41.04 94.00 -45.16
C VAL A 75 -41.90 94.99 -45.94
N PHE A 76 -42.26 94.63 -47.16
CA PHE A 76 -43.09 95.50 -48.00
C PHE A 76 -44.26 94.73 -48.59
N GLY A 77 -43.95 93.80 -49.49
CA GLY A 77 -45.00 93.01 -50.12
C GLY A 77 -45.31 93.47 -51.53
N GLY A 78 -44.28 93.92 -52.25
CA GLY A 78 -44.47 94.40 -53.61
C GLY A 78 -43.74 95.69 -53.88
N LEU A 79 -42.53 95.81 -53.33
CA LEU A 79 -41.72 97.00 -53.52
C LEU A 79 -40.93 96.93 -54.83
N PHE A 80 -40.35 95.76 -55.10
CA PHE A 80 -39.57 95.56 -56.31
C PHE A 80 -40.24 94.54 -57.22
N ALA A 81 -41.06 93.67 -56.63
CA ALA A 81 -41.76 92.64 -57.38
C ALA A 81 -40.80 91.84 -58.25
N LYS A 82 -41.35 91.01 -59.14
CA LYS A 82 -40.54 90.20 -60.04
C LYS A 82 -40.81 90.56 -61.49
N LYS A 83 -39.76 90.92 -62.21
CA LYS A 83 -39.89 91.29 -63.62
C LYS A 83 -40.87 92.44 -63.80
N ASP A 84 -40.36 93.66 -63.75
CA ASP A 84 -41.20 94.85 -63.91
C ASP A 84 -42.03 94.76 -65.19
N SER A 1 -5.51 23.22 -9.25
CA SER A 1 -5.89 22.43 -10.42
C SER A 1 -6.55 21.12 -10.00
N ALA A 2 -7.52 20.68 -10.79
CA ALA A 2 -8.22 19.43 -10.50
C ALA A 2 -8.58 18.69 -11.78
N ALA A 3 -9.52 19.23 -12.54
CA ALA A 3 -9.95 18.61 -13.80
C ALA A 3 -10.59 19.64 -14.72
N LYS A 4 -10.63 19.34 -16.01
CA LYS A 4 -11.22 20.23 -16.99
C LYS A 4 -12.36 19.54 -17.74
N GLY A 5 -13.38 20.32 -18.09
CA GLY A 5 -14.52 19.77 -18.80
C GLY A 5 -15.59 19.23 -17.87
N THR A 6 -15.86 17.93 -17.96
CA THR A 6 -16.86 17.30 -17.12
C THR A 6 -16.45 15.88 -16.74
N ALA A 7 -15.15 15.67 -16.59
CA ALA A 7 -14.62 14.37 -16.22
C ALA A 7 -14.50 14.22 -14.70
N GLU A 8 -13.96 15.25 -14.06
CA GLU A 8 -13.79 15.24 -12.61
C GLU A 8 -12.95 14.04 -12.18
N THR A 9 -11.76 13.92 -12.76
CA THR A 9 -10.86 12.82 -12.43
C THR A 9 -9.54 13.34 -11.87
N LYS A 10 -9.25 12.98 -10.62
CA LYS A 10 -8.03 13.41 -9.96
C LYS A 10 -6.98 12.31 -10.01
N GLN A 11 -6.85 11.66 -11.17
CA GLN A 11 -5.88 10.58 -11.34
C GLN A 11 -4.79 11.00 -12.32
N GLU A 12 -3.81 11.74 -11.82
CA GLU A 12 -2.70 12.20 -12.65
C GLU A 12 -1.60 11.15 -12.73
N LYS A 13 -1.41 10.43 -11.63
CA LYS A 13 -0.39 9.38 -11.57
C LYS A 13 1.01 9.97 -11.76
N SER A 14 1.64 10.36 -10.66
CA SER A 14 2.97 10.95 -10.72
C SER A 14 3.83 10.42 -9.57
N PHE A 15 5.08 10.89 -9.51
CA PHE A 15 6.01 10.47 -8.47
C PHE A 15 5.49 10.84 -7.09
N VAL A 16 4.82 11.99 -7.01
CA VAL A 16 4.26 12.46 -5.75
C VAL A 16 3.31 11.43 -5.15
N ASP A 17 2.57 10.76 -6.01
CA ASP A 17 1.62 9.74 -5.57
C ASP A 17 2.32 8.63 -4.80
N TRP A 18 3.53 8.31 -5.22
CA TRP A 18 4.32 7.26 -4.57
C TRP A 18 5.10 7.82 -3.39
N LEU A 19 5.60 9.05 -3.54
CA LEU A 19 6.37 9.69 -2.49
C LEU A 19 5.50 9.97 -1.27
N LEU A 20 4.39 10.68 -1.50
CA LEU A 20 3.46 11.01 -0.42
C LEU A 20 2.92 9.75 0.24
N GLY A 21 2.87 8.66 -0.52
CA GLY A 21 2.37 7.41 0.00
C GLY A 21 3.26 6.83 1.09
N LYS A 22 4.50 7.28 1.12
CA LYS A 22 5.46 6.80 2.11
C LYS A 22 5.27 7.51 3.44
N ILE A 23 4.68 8.71 3.40
CA ILE A 23 4.44 9.50 4.60
C ILE A 23 3.07 9.18 5.19
N THR A 24 2.13 8.82 4.32
CA THR A 24 0.77 8.49 4.76
C THR A 24 0.60 6.99 4.92
N LYS A 25 1.71 6.31 5.20
CA LYS A 25 1.68 4.86 5.39
C LYS A 25 1.17 4.15 4.14
N GLU A 26 2.10 3.72 3.29
CA GLU A 26 1.76 3.03 2.06
C GLU A 26 0.90 1.80 2.35
N ASP A 27 1.12 1.20 3.52
CA ASP A 27 0.37 0.02 3.92
C ASP A 27 -0.34 0.24 5.26
N GLN A 28 -0.95 1.41 5.42
CA GLN A 28 -1.65 1.74 6.64
C GLN A 28 -0.70 1.72 7.84
N PHE A 29 -1.25 1.97 9.02
CA PHE A 29 -0.45 1.99 10.25
C PHE A 29 -0.43 0.60 10.89
N TYR A 30 -1.49 -0.18 10.65
CA TYR A 30 -1.59 -1.51 11.20
C TYR A 30 -0.98 -2.54 10.26
N GLU A 31 -0.77 -3.76 10.78
CA GLU A 31 -0.19 -4.83 9.98
C GLU A 31 1.18 -4.43 9.44
N THR A 32 1.81 -3.47 10.11
CA THR A 32 3.13 -3.00 9.70
C THR A 32 4.23 -3.60 10.57
N ASP A 33 3.92 -4.71 11.23
CA ASP A 33 4.89 -5.37 12.10
C ASP A 33 5.08 -6.82 11.67
N PRO A 34 5.70 -7.00 10.49
CA PRO A 34 5.97 -8.34 9.94
C PRO A 34 7.04 -9.08 10.73
N ILE A 35 6.63 -10.15 11.43
CA ILE A 35 7.54 -10.95 12.22
C ILE A 35 7.12 -12.41 12.26
N LEU A 36 7.79 -13.20 13.08
CA LEU A 36 7.48 -14.62 13.21
C LEU A 36 7.64 -15.09 14.65
N ARG A 37 7.47 -14.16 15.59
CA ARG A 37 7.60 -14.47 17.01
C ARG A 37 6.26 -14.90 17.60
N GLY A 38 5.18 -14.44 16.97
CA GLY A 38 3.85 -14.79 17.45
C GLY A 38 3.53 -16.26 17.26
N GLY A 39 4.02 -16.83 16.17
CA GLY A 39 3.77 -18.23 15.89
C GLY A 39 4.99 -19.09 16.14
N ASP A 40 5.39 -19.87 15.14
CA ASP A 40 6.55 -20.75 15.26
C ASP A 40 6.89 -21.40 13.92
N VAL A 41 7.90 -20.86 13.25
CA VAL A 41 8.33 -21.38 11.96
C VAL A 41 8.70 -22.86 12.06
N LYS A 42 9.28 -23.24 13.20
CA LYS A 42 9.69 -24.62 13.43
C LYS A 42 8.49 -25.56 13.34
N SER A 43 8.53 -26.47 12.37
CA SER A 43 7.45 -27.43 12.18
C SER A 43 7.96 -28.69 11.50
N SER A 44 7.05 -29.61 11.20
CA SER A 44 7.40 -30.87 10.55
C SER A 44 7.87 -30.63 9.13
N GLY A 45 8.27 -31.71 8.45
CA GLY A 45 8.73 -31.59 7.08
C GLY A 45 8.22 -32.72 6.20
N SER A 46 7.99 -32.40 4.92
CA SER A 46 7.49 -33.39 3.97
C SER A 46 8.63 -34.16 3.33
N THR A 47 9.77 -33.48 3.17
CA THR A 47 10.94 -34.09 2.56
C THR A 47 10.58 -34.78 1.24
N SER A 48 9.72 -34.13 0.46
CA SER A 48 9.28 -34.69 -0.82
C SER A 48 8.54 -36.00 -0.63
N GLY A 49 8.25 -36.67 -1.74
CA GLY A 49 7.55 -37.95 -1.67
C GLY A 49 7.41 -38.61 -3.02
N LYS A 50 8.53 -38.75 -3.73
CA LYS A 50 8.53 -39.36 -5.05
C LYS A 50 9.11 -40.78 -4.99
N LYS A 51 10.39 -40.87 -4.69
CA LYS A 51 11.07 -42.16 -4.60
C LYS A 51 10.95 -42.92 -5.91
N GLY A 52 11.91 -42.72 -6.80
CA GLY A 52 11.88 -43.41 -8.08
C GLY A 52 12.80 -44.61 -8.11
N GLY A 53 13.78 -44.64 -7.21
CA GLY A 53 14.71 -45.74 -7.14
C GLY A 53 14.02 -47.08 -6.99
N THR A 54 14.51 -48.09 -7.70
CA THR A 54 13.93 -49.42 -7.64
C THR A 54 14.73 -50.33 -6.71
N THR A 55 14.30 -51.58 -6.61
CA THR A 55 14.98 -52.56 -5.76
C THR A 55 16.34 -52.95 -6.34
N SER A 56 16.31 -53.70 -7.43
CA SER A 56 17.53 -54.14 -8.08
C SER A 56 18.42 -54.91 -7.11
N GLY A 57 19.61 -55.27 -7.57
CA GLY A 57 20.54 -56.01 -6.72
C GLY A 57 20.18 -57.48 -6.61
N LYS A 58 21.20 -58.33 -6.64
CA LYS A 58 20.99 -59.78 -6.55
C LYS A 58 20.00 -60.25 -7.60
N LYS A 59 20.38 -60.10 -8.87
CA LYS A 59 19.53 -60.52 -9.97
C LYS A 59 20.13 -61.72 -10.70
N GLY A 60 21.46 -61.75 -10.79
CA GLY A 60 22.13 -62.85 -11.45
C GLY A 60 21.98 -62.79 -12.96
N THR A 61 22.40 -61.68 -13.56
CA THR A 61 22.31 -61.51 -15.00
C THR A 61 23.44 -60.64 -15.52
N VAL A 62 23.67 -59.50 -14.87
CA VAL A 62 24.73 -58.59 -15.26
C VAL A 62 25.80 -58.46 -14.18
N SER A 63 25.39 -58.74 -12.94
CA SER A 63 26.32 -58.65 -11.80
C SER A 63 27.54 -59.54 -12.04
N ILE A 64 27.29 -60.81 -12.33
CA ILE A 64 28.37 -61.76 -12.57
C ILE A 64 29.36 -61.22 -13.59
N PRO A 65 30.59 -61.72 -13.55
CA PRO A 65 31.66 -61.31 -14.46
C PRO A 65 31.41 -61.79 -15.89
N SER A 66 31.04 -63.05 -16.04
CA SER A 66 30.78 -63.63 -17.35
C SER A 66 32.08 -63.82 -18.13
N LYS A 67 32.69 -62.72 -18.53
CA LYS A 67 33.94 -62.77 -19.28
C LYS A 67 34.95 -61.78 -18.72
N LYS A 68 35.21 -61.86 -17.43
CA LYS A 68 36.16 -60.97 -16.77
C LYS A 68 37.24 -61.76 -16.05
N LYS A 69 36.87 -62.34 -14.91
CA LYS A 69 37.81 -63.13 -14.11
C LYS A 69 37.12 -63.73 -12.89
N ASN A 70 36.85 -65.03 -12.95
CA ASN A 70 36.20 -65.72 -11.84
C ASN A 70 36.90 -65.43 -10.52
N GLY A 71 38.23 -65.42 -10.56
CA GLY A 71 39.00 -65.15 -9.35
C GLY A 71 40.19 -66.08 -9.22
N ASN A 72 41.38 -65.50 -9.08
CA ASN A 72 42.61 -66.28 -8.93
C ASN A 72 42.68 -66.93 -7.56
N GLY A 73 42.80 -66.11 -6.52
CA GLY A 73 42.89 -66.63 -5.17
C GLY A 73 44.02 -66.02 -4.38
N GLY A 74 44.01 -66.23 -3.07
CA GLY A 74 45.06 -65.69 -2.22
C GLY A 74 45.11 -64.17 -2.26
N VAL A 75 46.31 -63.61 -2.13
CA VAL A 75 46.49 -62.17 -2.15
C VAL A 75 47.07 -61.71 -3.48
N PHE A 76 47.80 -62.60 -4.14
CA PHE A 76 48.41 -62.28 -5.43
C PHE A 76 47.72 -63.05 -6.55
N GLY A 77 48.09 -62.72 -7.79
CA GLY A 77 47.49 -63.39 -8.94
C GLY A 77 48.31 -64.57 -9.41
N GLY A 78 49.15 -65.10 -8.53
CA GLY A 78 49.99 -66.24 -8.89
C GLY A 78 50.63 -66.89 -7.68
N LEU A 79 49.84 -67.07 -6.62
CA LEU A 79 50.34 -67.69 -5.40
C LEU A 79 50.89 -69.09 -5.68
N PHE A 80 50.37 -69.72 -6.73
CA PHE A 80 50.81 -71.06 -7.10
C PHE A 80 51.85 -71.00 -8.21
N ALA A 81 52.55 -69.87 -8.30
CA ALA A 81 53.58 -69.69 -9.32
C ALA A 81 54.98 -69.67 -8.71
N LYS A 82 55.12 -68.92 -7.63
CA LYS A 82 56.41 -68.81 -6.93
C LYS A 82 56.25 -69.14 -5.45
N LYS A 83 57.15 -69.97 -4.94
CA LYS A 83 57.12 -70.36 -3.53
C LYS A 83 58.16 -69.58 -2.73
N ASP A 84 59.43 -69.81 -3.04
CA ASP A 84 60.51 -69.13 -2.34
C ASP A 84 60.57 -67.65 -2.74
N SER A 1 -14.25 24.93 -21.96
CA SER A 1 -13.58 23.73 -21.48
C SER A 1 -13.77 23.57 -19.97
N ALA A 2 -14.70 22.70 -19.59
CA ALA A 2 -14.98 22.45 -18.18
C ALA A 2 -14.40 21.11 -17.74
N ALA A 3 -13.87 21.07 -16.52
CA ALA A 3 -13.29 19.85 -15.98
C ALA A 3 -13.02 19.98 -14.49
N LYS A 4 -13.42 18.97 -13.73
CA LYS A 4 -13.22 18.97 -12.28
C LYS A 4 -12.14 17.96 -11.88
N GLY A 5 -10.94 18.47 -11.58
CA GLY A 5 -9.86 17.59 -11.19
C GLY A 5 -8.55 17.98 -11.84
N THR A 6 -7.64 18.56 -11.05
CA THR A 6 -6.34 18.97 -11.55
C THR A 6 -5.36 19.21 -10.41
N ALA A 7 -4.89 18.13 -9.81
CA ALA A 7 -3.93 18.22 -8.71
C ALA A 7 -2.53 18.54 -9.22
N GLU A 8 -2.11 17.84 -10.27
CA GLU A 8 -0.79 18.05 -10.84
C GLU A 8 -0.85 18.07 -12.36
N THR A 9 -1.12 19.24 -12.93
CA THR A 9 -1.23 19.40 -14.38
C THR A 9 -2.51 18.77 -14.91
N LYS A 10 -2.58 17.44 -14.84
CA LYS A 10 -3.75 16.71 -15.33
C LYS A 10 -3.57 15.22 -15.15
N GLN A 11 -2.91 14.82 -14.06
CA GLN A 11 -2.67 13.41 -13.78
C GLN A 11 -2.23 13.21 -12.33
N GLU A 12 -2.10 11.96 -11.92
CA GLU A 12 -1.69 11.63 -10.56
C GLU A 12 -0.71 10.47 -10.55
N LYS A 13 0.07 10.35 -11.62
CA LYS A 13 1.06 9.28 -11.74
C LYS A 13 2.48 9.83 -11.70
N SER A 14 2.69 10.87 -10.90
CA SER A 14 3.99 11.49 -10.78
C SER A 14 4.73 10.98 -9.55
N PHE A 15 5.97 11.43 -9.38
CA PHE A 15 6.79 11.01 -8.25
C PHE A 15 6.06 11.26 -6.93
N VAL A 16 5.18 12.26 -6.92
CA VAL A 16 4.41 12.61 -5.74
C VAL A 16 3.55 11.43 -5.28
N ASP A 17 3.02 10.70 -6.25
CA ASP A 17 2.18 9.54 -5.95
C ASP A 17 2.94 8.52 -5.12
N TRP A 18 4.22 8.36 -5.41
CA TRP A 18 5.06 7.41 -4.68
C TRP A 18 5.63 8.03 -3.41
N LEU A 19 5.97 9.31 -3.49
CA LEU A 19 6.51 10.02 -2.34
C LEU A 19 5.47 10.14 -1.22
N LEU A 20 4.31 10.68 -1.56
CA LEU A 20 3.24 10.83 -0.58
C LEU A 20 2.83 9.49 0.00
N GLY A 21 3.05 8.43 -0.76
CA GLY A 21 2.69 7.10 -0.29
C GLY A 21 3.55 6.65 0.87
N LYS A 22 4.72 7.27 1.02
CA LYS A 22 5.64 6.93 2.09
C LYS A 22 5.22 7.60 3.40
N ILE A 23 4.49 8.71 3.29
CA ILE A 23 4.04 9.44 4.46
C ILE A 23 2.68 8.93 4.92
N THR A 24 1.78 8.70 3.98
CA THR A 24 0.44 8.22 4.29
C THR A 24 0.50 6.89 5.06
N LYS A 25 1.54 6.11 4.81
CA LYS A 25 1.72 4.83 5.47
C LYS A 25 0.51 3.93 5.24
N GLU A 26 0.54 2.74 5.84
CA GLU A 26 -0.55 1.78 5.71
C GLU A 26 -1.44 1.79 6.94
N ASP A 27 -1.62 2.97 7.53
CA ASP A 27 -2.46 3.11 8.72
C ASP A 27 -3.32 4.36 8.62
N GLN A 28 -4.08 4.62 9.68
CA GLN A 28 -4.97 5.78 9.71
C GLN A 28 -4.28 6.97 10.37
N PHE A 29 -5.02 8.05 10.56
CA PHE A 29 -4.49 9.26 11.17
C PHE A 29 -5.57 10.33 11.32
N TYR A 30 -6.46 10.40 10.34
CA TYR A 30 -7.54 11.38 10.36
C TYR A 30 -8.47 11.13 11.54
N GLU A 31 -8.52 9.89 12.00
CA GLU A 31 -9.37 9.54 13.13
C GLU A 31 -10.84 9.53 12.73
N THR A 32 -11.38 10.72 12.45
CA THR A 32 -12.78 10.85 12.05
C THR A 32 -13.02 12.18 11.36
N ASP A 33 -11.97 12.74 10.77
CA ASP A 33 -12.07 14.01 10.07
C ASP A 33 -12.69 15.08 10.96
N PRO A 34 -11.91 15.56 11.95
CA PRO A 34 -12.35 16.58 12.89
C PRO A 34 -12.52 17.95 12.24
N ILE A 35 -13.75 18.29 11.91
CA ILE A 35 -14.05 19.57 11.27
C ILE A 35 -15.42 20.10 11.69
N LEU A 36 -15.85 21.18 11.05
CA LEU A 36 -17.15 21.78 11.35
C LEU A 36 -18.08 21.71 10.15
N ARG A 37 -17.81 22.55 9.15
CA ARG A 37 -18.61 22.59 7.94
C ARG A 37 -17.80 22.14 6.73
N GLY A 38 -16.48 22.29 6.82
CA GLY A 38 -15.62 21.89 5.72
C GLY A 38 -14.18 21.72 6.15
N GLY A 39 -13.71 22.63 7.00
CA GLY A 39 -12.34 22.57 7.47
C GLY A 39 -11.33 22.67 6.34
N ASP A 40 -11.74 23.29 5.25
CA ASP A 40 -10.86 23.45 4.09
C ASP A 40 -10.37 22.09 3.60
N VAL A 41 -11.28 21.15 3.48
CA VAL A 41 -10.93 19.81 3.01
C VAL A 41 -10.23 19.86 1.66
N LYS A 42 -10.51 20.89 0.89
CA LYS A 42 -9.90 21.06 -0.43
C LYS A 42 -8.38 21.04 -0.33
N SER A 43 -7.77 20.06 -0.98
CA SER A 43 -6.32 19.91 -0.96
C SER A 43 -5.86 18.85 -1.95
N SER A 44 -4.63 18.98 -2.43
CA SER A 44 -4.08 18.04 -3.38
C SER A 44 -3.83 16.68 -2.72
N GLY A 45 -4.77 15.76 -2.90
CA GLY A 45 -4.63 14.44 -2.32
C GLY A 45 -3.82 13.50 -3.19
N SER A 46 -3.89 12.21 -2.88
CA SER A 46 -3.15 11.20 -3.65
C SER A 46 -3.48 9.80 -3.15
N THR A 47 -3.27 8.81 -4.02
CA THR A 47 -3.55 7.42 -3.69
C THR A 47 -2.29 6.57 -3.77
N SER A 48 -2.44 5.28 -3.46
CA SER A 48 -1.31 4.36 -3.50
C SER A 48 -0.94 4.01 -4.93
N GLY A 49 0.36 4.04 -5.23
CA GLY A 49 0.82 3.72 -6.56
C GLY A 49 0.97 2.23 -6.79
N LYS A 50 2.16 1.70 -6.53
CA LYS A 50 2.44 0.29 -6.70
C LYS A 50 2.36 -0.45 -5.36
N LYS A 51 3.13 0.02 -4.38
CA LYS A 51 3.15 -0.58 -3.07
C LYS A 51 3.62 0.42 -2.01
N GLY A 52 3.30 0.14 -0.75
CA GLY A 52 3.69 1.02 0.34
C GLY A 52 5.20 1.18 0.42
N GLY A 53 5.88 0.10 0.78
CA GLY A 53 7.34 0.15 0.90
C GLY A 53 7.83 -0.52 2.16
N THR A 54 9.04 -1.07 2.10
CA THR A 54 9.64 -1.75 3.25
C THR A 54 11.10 -1.38 3.41
N THR A 55 11.46 -0.17 2.98
CA THR A 55 12.83 0.31 3.07
C THR A 55 12.94 1.47 4.07
N SER A 56 13.90 1.38 4.98
CA SER A 56 14.11 2.41 5.98
C SER A 56 15.41 3.15 5.72
N GLY A 57 15.83 3.21 4.46
CA GLY A 57 17.05 3.89 4.11
C GLY A 57 16.80 5.15 3.28
N LYS A 58 15.74 5.87 3.61
CA LYS A 58 15.39 7.09 2.90
C LYS A 58 15.76 8.32 3.72
N LYS A 59 15.78 8.16 5.04
CA LYS A 59 16.12 9.26 5.93
C LYS A 59 16.90 8.75 7.14
N GLY A 60 17.59 7.63 6.96
CA GLY A 60 18.36 7.05 8.05
C GLY A 60 19.72 7.72 8.19
N THR A 61 20.16 8.41 7.15
CA THR A 61 21.44 9.09 7.16
C THR A 61 21.29 10.58 6.86
N VAL A 62 20.11 11.11 7.14
CA VAL A 62 19.84 12.52 6.89
C VAL A 62 19.48 13.24 8.19
N SER A 63 18.88 12.52 9.12
CA SER A 63 18.49 13.09 10.41
C SER A 63 19.58 12.86 11.46
N ILE A 64 20.83 13.07 11.06
CA ILE A 64 21.96 12.89 11.97
C ILE A 64 23.02 13.95 11.73
N PRO A 65 23.87 14.16 12.75
CA PRO A 65 24.95 15.15 12.69
C PRO A 65 26.05 14.74 11.71
N SER A 66 26.47 13.49 11.79
CA SER A 66 27.52 12.98 10.92
C SER A 66 28.75 13.87 10.97
N LYS A 67 29.05 14.39 12.16
CA LYS A 67 30.21 15.25 12.34
C LYS A 67 30.41 15.57 13.83
N LYS A 68 30.08 14.62 14.68
CA LYS A 68 30.23 14.80 16.12
C LYS A 68 29.89 16.24 16.53
N LYS A 69 28.81 16.76 15.97
CA LYS A 69 28.39 18.13 16.28
C LYS A 69 27.91 18.24 17.72
N ASN A 70 28.75 18.80 18.59
CA ASN A 70 28.42 18.96 19.99
C ASN A 70 28.21 20.44 20.33
N GLY A 71 28.09 20.73 21.62
CA GLY A 71 27.88 22.09 22.06
C GLY A 71 27.88 22.23 23.57
N ASN A 72 27.73 23.46 24.05
CA ASN A 72 27.71 23.72 25.50
C ASN A 72 26.32 24.10 25.96
N GLY A 73 25.94 23.62 27.15
CA GLY A 73 24.63 23.93 27.69
C GLY A 73 24.55 25.34 28.25
N GLY A 74 23.98 25.47 29.44
CA GLY A 74 23.84 26.77 30.06
C GLY A 74 25.15 27.27 30.65
N VAL A 75 25.06 28.02 31.74
CA VAL A 75 26.24 28.56 32.40
C VAL A 75 26.58 27.77 33.66
N PHE A 76 25.56 27.14 34.24
CA PHE A 76 25.74 26.35 35.45
C PHE A 76 26.09 24.90 35.11
N GLY A 77 25.12 24.19 34.56
CA GLY A 77 25.33 22.80 34.19
C GLY A 77 25.54 21.91 35.40
N GLY A 78 24.61 21.97 36.35
CA GLY A 78 24.72 21.16 37.55
C GLY A 78 25.55 21.84 38.63
N LEU A 79 25.53 23.16 38.65
CA LEU A 79 26.28 23.92 39.64
C LEU A 79 25.61 23.86 41.01
N PHE A 80 24.28 23.91 41.01
CA PHE A 80 23.52 23.86 42.25
C PHE A 80 22.74 22.55 42.36
N ALA A 81 23.23 21.53 41.67
CA ALA A 81 22.58 20.22 41.68
C ALA A 81 23.20 19.31 42.74
N LYS A 82 22.43 18.31 43.17
CA LYS A 82 22.90 17.36 44.19
C LYS A 82 22.23 16.01 44.02
N LYS A 83 20.91 16.02 43.87
CA LYS A 83 20.15 14.79 43.70
C LYS A 83 18.89 15.04 42.88
N ASP A 84 17.90 15.68 43.50
CA ASP A 84 16.65 15.98 42.82
C ASP A 84 16.88 16.90 41.63
N SER A 1 -31.45 24.31 -14.24
CA SER A 1 -31.60 23.24 -13.27
C SER A 1 -30.27 22.52 -13.04
N ALA A 2 -29.84 22.46 -11.79
CA ALA A 2 -28.58 21.80 -11.44
C ALA A 2 -28.76 20.29 -11.36
N ALA A 3 -28.37 19.59 -12.41
CA ALA A 3 -28.48 18.14 -12.45
C ALA A 3 -27.22 17.50 -13.02
N LYS A 4 -26.06 17.88 -12.46
CA LYS A 4 -24.79 17.36 -12.92
C LYS A 4 -24.25 16.30 -11.94
N GLY A 5 -24.30 15.04 -12.35
CA GLY A 5 -23.82 13.96 -11.50
C GLY A 5 -22.35 13.69 -11.69
N THR A 6 -21.99 12.42 -11.79
CA THR A 6 -20.60 12.01 -11.98
C THR A 6 -19.75 12.46 -10.79
N ALA A 7 -19.72 11.64 -9.76
CA ALA A 7 -18.93 11.94 -8.56
C ALA A 7 -17.60 11.20 -8.58
N GLU A 8 -17.08 10.94 -9.77
CA GLU A 8 -15.82 10.24 -9.92
C GLU A 8 -14.72 10.92 -9.10
N THR A 9 -13.84 10.10 -8.52
CA THR A 9 -12.75 10.62 -7.71
C THR A 9 -11.52 10.93 -8.57
N LYS A 10 -11.34 10.17 -9.63
CA LYS A 10 -10.22 10.37 -10.54
C LYS A 10 -8.89 10.13 -9.82
N GLN A 11 -7.80 10.16 -10.57
CA GLN A 11 -6.47 9.95 -10.01
C GLN A 11 -5.39 10.36 -10.99
N GLU A 12 -4.14 10.30 -10.55
CA GLU A 12 -3.01 10.66 -11.39
C GLU A 12 -1.91 9.61 -11.31
N LYS A 13 -0.74 9.94 -11.87
CA LYS A 13 0.39 9.02 -11.87
C LYS A 13 1.71 9.78 -11.95
N SER A 14 2.04 10.52 -10.90
CA SER A 14 3.27 11.29 -10.87
C SER A 14 4.15 10.85 -9.71
N PHE A 15 5.36 11.42 -9.64
CA PHE A 15 6.30 11.08 -8.58
C PHE A 15 5.70 11.34 -7.21
N VAL A 16 4.80 12.32 -7.14
CA VAL A 16 4.15 12.67 -5.89
C VAL A 16 3.20 11.57 -5.43
N ASP A 17 2.55 10.92 -6.39
CA ASP A 17 1.62 9.84 -6.09
C ASP A 17 2.30 8.75 -5.26
N TRP A 18 3.51 8.38 -5.65
CA TRP A 18 4.27 7.35 -4.95
C TRP A 18 5.06 7.95 -3.80
N LEU A 19 5.54 9.18 -3.99
CA LEU A 19 6.32 9.86 -2.96
C LEU A 19 5.49 10.08 -1.70
N LEU A 20 4.34 10.71 -1.86
CA LEU A 20 3.44 10.97 -0.74
C LEU A 20 3.04 9.68 -0.04
N GLY A 21 3.03 8.59 -0.81
CA GLY A 21 2.66 7.30 -0.24
C GLY A 21 3.68 6.80 0.77
N LYS A 22 4.89 7.33 0.69
CA LYS A 22 5.96 6.93 1.61
C LYS A 22 5.82 7.64 2.96
N ILE A 23 5.15 8.79 2.94
CA ILE A 23 4.95 9.56 4.16
C ILE A 23 3.60 9.24 4.80
N THR A 24 2.64 8.85 3.97
CA THR A 24 1.31 8.51 4.45
C THR A 24 0.62 9.71 5.08
N LYS A 25 0.07 10.58 4.24
CA LYS A 25 -0.63 11.77 4.72
C LYS A 25 0.36 12.74 5.38
N GLU A 26 0.73 12.44 6.62
CA GLU A 26 1.67 13.30 7.35
C GLU A 26 2.27 12.54 8.53
N ASP A 27 1.42 11.79 9.25
CA ASP A 27 1.87 11.04 10.40
C ASP A 27 2.50 11.95 11.45
N GLN A 28 1.69 12.40 12.39
CA GLN A 28 2.18 13.29 13.44
C GLN A 28 2.41 12.51 14.74
N PHE A 29 1.35 11.92 15.27
CA PHE A 29 1.44 11.15 16.51
C PHE A 29 0.79 9.78 16.34
N TYR A 30 0.79 9.28 15.10
CA TYR A 30 0.21 7.98 14.80
C TYR A 30 1.01 6.86 15.48
N GLU A 31 0.35 5.73 15.71
CA GLU A 31 0.99 4.59 16.34
C GLU A 31 2.16 4.08 15.49
N THR A 32 2.02 4.20 14.17
CA THR A 32 3.07 3.77 13.25
C THR A 32 3.98 4.92 12.85
N ASP A 33 4.07 5.92 13.73
CA ASP A 33 4.91 7.08 13.47
C ASP A 33 5.91 7.29 14.59
N PRO A 34 6.94 6.43 14.63
CA PRO A 34 7.99 6.50 15.66
C PRO A 34 8.89 7.72 15.48
N ILE A 35 8.52 8.82 16.11
CA ILE A 35 9.30 10.06 16.02
C ILE A 35 9.22 10.85 17.31
N LEU A 36 10.37 11.32 17.78
CA LEU A 36 10.44 12.11 19.01
C LEU A 36 11.20 13.41 18.79
N ARG A 37 11.19 13.90 17.55
CA ARG A 37 11.88 15.13 17.21
C ARG A 37 10.90 16.31 17.20
N GLY A 38 9.62 16.01 16.95
CA GLY A 38 8.61 17.05 16.91
C GLY A 38 7.63 16.94 18.06
N GLY A 39 8.10 16.44 19.20
CA GLY A 39 7.23 16.30 20.36
C GLY A 39 7.63 17.23 21.48
N ASP A 40 6.63 17.69 22.25
CA ASP A 40 6.87 18.59 23.35
C ASP A 40 5.69 18.59 24.33
N VAL A 41 5.52 17.48 25.04
CA VAL A 41 4.44 17.35 26.00
C VAL A 41 4.50 18.43 27.07
N LYS A 42 5.72 18.75 27.51
CA LYS A 42 5.93 19.77 28.52
C LYS A 42 5.05 19.51 29.74
N SER A 43 5.45 18.54 30.56
CA SER A 43 4.69 18.19 31.76
C SER A 43 4.53 19.41 32.67
N SER A 44 5.62 19.83 33.28
CA SER A 44 5.60 20.98 34.18
C SER A 44 5.94 22.26 33.43
N GLY A 45 7.22 22.43 33.10
CA GLY A 45 7.65 23.61 32.38
C GLY A 45 8.90 24.23 32.97
N SER A 46 8.99 25.55 32.93
CA SER A 46 10.14 26.26 33.46
C SER A 46 9.78 26.98 34.77
N THR A 47 8.96 28.01 34.65
CA THR A 47 8.52 28.78 35.82
C THR A 47 7.50 29.84 35.43
N SER A 48 7.70 30.46 34.27
CA SER A 48 6.80 31.49 33.80
C SER A 48 6.63 32.60 34.83
N GLY A 49 5.70 33.51 34.58
CA GLY A 49 5.47 34.61 35.50
C GLY A 49 4.27 35.44 35.11
N LYS A 50 3.23 34.78 34.60
CA LYS A 50 2.01 35.47 34.19
C LYS A 50 0.93 35.36 35.26
N LYS A 51 1.35 35.34 36.51
CA LYS A 51 0.42 35.23 37.63
C LYS A 51 0.43 36.50 38.48
N GLY A 52 0.65 37.65 37.82
CA GLY A 52 0.69 38.91 38.53
C GLY A 52 1.51 39.96 37.81
N GLY A 53 2.61 39.53 37.19
CA GLY A 53 3.46 40.44 36.46
C GLY A 53 2.94 40.74 35.07
N THR A 54 3.79 41.37 34.25
CA THR A 54 3.41 41.73 32.89
C THR A 54 2.07 42.44 32.86
N THR A 55 1.83 43.28 33.87
CA THR A 55 0.59 44.03 33.96
C THR A 55 0.74 45.44 33.39
N SER A 56 1.96 45.96 33.47
CA SER A 56 2.25 47.30 32.96
C SER A 56 2.91 47.24 31.59
N GLY A 57 2.66 48.25 30.77
CA GLY A 57 3.24 48.29 29.44
C GLY A 57 2.23 48.74 28.39
N LYS A 58 0.98 48.34 28.57
CA LYS A 58 -0.07 48.70 27.63
C LYS A 58 -0.12 50.21 27.42
N LYS A 59 -0.63 50.93 28.41
CA LYS A 59 -0.73 52.39 28.33
C LYS A 59 -1.64 52.81 27.18
N GLY A 60 -1.63 54.10 26.88
CA GLY A 60 -2.46 54.61 25.80
C GLY A 60 -3.75 55.20 26.29
N THR A 61 -4.14 54.84 27.51
CA THR A 61 -5.38 55.33 28.11
C THR A 61 -5.19 55.69 29.57
N VAL A 62 -3.93 55.70 30.01
CA VAL A 62 -3.60 56.04 31.39
C VAL A 62 -2.76 57.31 31.47
N SER A 63 -2.05 57.61 30.38
CA SER A 63 -1.20 58.79 30.34
C SER A 63 -1.37 59.52 29.00
N ILE A 64 -2.53 59.35 28.38
CA ILE A 64 -2.81 59.99 27.10
C ILE A 64 -4.20 60.60 27.09
N PRO A 65 -4.27 61.92 26.86
CA PRO A 65 -5.53 62.66 26.81
C PRO A 65 -6.37 62.30 25.58
N SER A 66 -5.78 61.54 24.67
CA SER A 66 -6.46 61.13 23.45
C SER A 66 -7.08 62.33 22.74
N LYS A 67 -6.27 63.00 21.91
CA LYS A 67 -6.73 64.16 21.17
C LYS A 67 -7.03 65.33 22.12
N LYS A 68 -6.67 66.53 21.70
CA LYS A 68 -6.91 67.72 22.51
C LYS A 68 -8.35 67.78 22.98
N LYS A 69 -8.56 67.46 24.26
CA LYS A 69 -9.89 67.48 24.85
C LYS A 69 -10.54 68.85 24.69
N ASN A 70 -9.72 69.90 24.76
CA ASN A 70 -10.21 71.26 24.62
C ASN A 70 -9.08 72.21 24.21
N GLY A 71 -8.06 72.30 25.07
CA GLY A 71 -6.94 73.18 24.78
C GLY A 71 -6.88 74.36 25.72
N ASN A 72 -6.85 75.57 25.15
CA ASN A 72 -6.78 76.79 25.95
C ASN A 72 -7.37 77.96 25.18
N GLY A 73 -6.99 78.10 23.91
CA GLY A 73 -7.50 79.18 23.09
C GLY A 73 -7.13 80.55 23.65
N GLY A 74 -7.76 81.58 23.12
CA GLY A 74 -7.47 82.93 23.58
C GLY A 74 -7.47 83.94 22.44
N VAL A 75 -7.93 85.16 22.73
CA VAL A 75 -7.97 86.22 21.72
C VAL A 75 -6.84 87.21 21.93
N PHE A 76 -6.37 87.31 23.16
CA PHE A 76 -5.28 88.23 23.49
C PHE A 76 -4.87 88.09 24.96
N GLY A 77 -3.92 88.92 25.38
CA GLY A 77 -3.45 88.87 26.75
C GLY A 77 -2.22 88.01 26.91
N GLY A 78 -1.33 88.04 25.92
CA GLY A 78 -0.12 87.24 25.98
C GLY A 78 -0.14 86.10 24.99
N LEU A 79 -0.83 86.28 23.87
CA LEU A 79 -0.92 85.26 22.84
C LEU A 79 0.01 85.57 21.68
N PHE A 80 0.31 86.85 21.50
CA PHE A 80 1.19 87.29 20.42
C PHE A 80 2.62 87.44 20.90
N ALA A 81 2.94 86.73 22.00
CA ALA A 81 4.29 86.78 22.56
C ALA A 81 5.11 85.58 22.13
N LYS A 82 6.41 85.62 22.41
CA LYS A 82 7.31 84.53 22.05
C LYS A 82 8.68 84.72 22.67
N LYS A 83 8.82 84.32 23.93
CA LYS A 83 10.09 84.46 24.64
C LYS A 83 10.21 83.40 25.74
N ASP A 84 11.44 83.18 26.21
CA ASP A 84 11.69 82.21 27.25
C ASP A 84 10.87 82.52 28.50
N SER A 1 -5.81 15.01 -14.24
CA SER A 1 -6.62 14.14 -13.40
C SER A 1 -8.11 14.40 -13.64
N ALA A 2 -8.80 13.38 -14.14
CA ALA A 2 -10.23 13.48 -14.41
C ALA A 2 -11.06 12.89 -13.27
N ALA A 3 -12.38 12.99 -13.39
CA ALA A 3 -13.28 12.45 -12.37
C ALA A 3 -14.57 11.95 -12.99
N LYS A 4 -15.11 10.87 -12.43
CA LYS A 4 -16.35 10.30 -12.93
C LYS A 4 -17.47 10.43 -11.90
N GLY A 5 -17.56 11.60 -11.28
CA GLY A 5 -18.58 11.85 -10.29
C GLY A 5 -18.24 11.26 -8.93
N THR A 6 -16.96 11.37 -8.55
CA THR A 6 -16.50 10.83 -7.27
C THR A 6 -16.67 9.33 -7.21
N ALA A 7 -16.54 8.67 -8.37
CA ALA A 7 -16.68 7.22 -8.45
C ALA A 7 -15.64 6.52 -7.57
N GLU A 8 -14.38 6.59 -7.99
CA GLU A 8 -13.29 5.96 -7.25
C GLU A 8 -11.94 6.40 -7.80
N THR A 9 -10.88 5.75 -7.32
CA THR A 9 -9.53 6.07 -7.77
C THR A 9 -8.62 4.85 -7.67
N LYS A 10 -7.82 4.63 -8.71
CA LYS A 10 -6.90 3.49 -8.75
C LYS A 10 -5.82 3.70 -9.80
N GLN A 11 -4.94 4.68 -9.56
CA GLN A 11 -3.86 4.97 -10.49
C GLN A 11 -2.57 5.29 -9.74
N GLU A 12 -1.45 5.31 -10.46
CA GLU A 12 -0.17 5.61 -9.86
C GLU A 12 0.92 5.74 -10.93
N LYS A 13 1.19 6.98 -11.35
CA LYS A 13 2.19 7.24 -12.37
C LYS A 13 2.88 8.58 -12.12
N SER A 14 2.99 8.96 -10.85
CA SER A 14 3.62 10.22 -10.48
C SER A 14 4.52 10.04 -9.26
N PHE A 15 5.67 10.69 -9.28
CA PHE A 15 6.62 10.61 -8.17
C PHE A 15 5.94 10.92 -6.84
N VAL A 16 4.94 11.80 -6.89
CA VAL A 16 4.21 12.19 -5.69
C VAL A 16 3.42 11.01 -5.13
N ASP A 17 2.90 10.18 -6.02
CA ASP A 17 2.11 9.02 -5.61
C ASP A 17 2.95 8.09 -4.74
N TRP A 18 4.23 7.95 -5.08
CA TRP A 18 5.13 7.09 -4.33
C TRP A 18 5.74 7.83 -3.16
N LEU A 19 5.99 9.12 -3.33
CA LEU A 19 6.56 9.95 -2.27
C LEU A 19 5.60 10.10 -1.11
N LEU A 20 4.38 10.55 -1.41
CA LEU A 20 3.36 10.74 -0.39
C LEU A 20 3.03 9.41 0.30
N GLY A 21 3.24 8.32 -0.41
CA GLY A 21 2.96 7.00 0.15
C GLY A 21 3.89 6.66 1.30
N LYS A 22 5.03 7.34 1.36
CA LYS A 22 6.01 7.09 2.42
C LYS A 22 5.60 7.81 3.71
N ILE A 23 4.80 8.85 3.57
CA ILE A 23 4.34 9.62 4.73
C ILE A 23 3.04 9.04 5.28
N THR A 24 2.05 8.87 4.40
CA THR A 24 0.76 8.34 4.80
C THR A 24 0.90 6.91 5.32
N LYS A 25 1.45 6.03 4.48
CA LYS A 25 1.64 4.64 4.86
C LYS A 25 3.03 4.41 5.45
N GLU A 26 3.21 3.29 6.14
CA GLU A 26 4.49 2.96 6.75
C GLU A 26 5.21 1.87 5.95
N ASP A 27 5.30 2.07 4.64
CA ASP A 27 5.96 1.11 3.77
C ASP A 27 5.33 -0.27 3.90
N GLN A 28 4.20 -0.46 3.21
CA GLN A 28 3.49 -1.74 3.25
C GLN A 28 4.44 -2.89 2.94
N PHE A 29 4.24 -4.02 3.63
CA PHE A 29 5.07 -5.19 3.44
C PHE A 29 4.21 -6.42 3.15
N TYR A 30 3.13 -6.56 3.91
CA TYR A 30 2.23 -7.69 3.74
C TYR A 30 2.95 -9.01 4.03
N GLU A 31 2.20 -10.11 3.97
CA GLU A 31 2.76 -11.43 4.22
C GLU A 31 3.35 -12.02 2.93
N THR A 32 2.80 -11.61 1.80
CA THR A 32 3.26 -12.10 0.51
C THR A 32 4.74 -11.82 0.30
N ASP A 33 5.24 -10.77 0.97
CA ASP A 33 6.64 -10.40 0.87
C ASP A 33 7.02 -10.13 -0.59
N PRO A 34 6.55 -9.00 -1.13
CA PRO A 34 6.84 -8.61 -2.51
C PRO A 34 8.29 -8.21 -2.72
N ILE A 35 9.15 -9.22 -2.88
CA ILE A 35 10.58 -8.96 -3.09
C ILE A 35 10.91 -8.91 -4.58
N LEU A 36 10.09 -9.57 -5.39
CA LEU A 36 10.31 -9.59 -6.83
C LEU A 36 11.62 -10.28 -7.18
N ARG A 37 12.71 -9.53 -7.09
CA ARG A 37 14.03 -10.06 -7.39
C ARG A 37 14.92 -10.07 -6.15
N GLY A 38 14.62 -9.19 -5.21
CA GLY A 38 15.38 -9.12 -3.98
C GLY A 38 15.15 -7.83 -3.22
N GLY A 39 13.89 -7.42 -3.14
CA GLY A 39 13.55 -6.20 -2.43
C GLY A 39 13.31 -6.43 -0.95
N ASP A 40 14.28 -7.04 -0.28
CA ASP A 40 14.18 -7.32 1.14
C ASP A 40 15.48 -7.89 1.68
N VAL A 41 15.91 -9.01 1.13
CA VAL A 41 17.14 -9.65 1.55
C VAL A 41 18.36 -8.78 1.25
N LYS A 42 18.23 -7.95 0.23
CA LYS A 42 19.32 -7.05 -0.16
C LYS A 42 19.24 -5.73 0.60
N SER A 43 19.71 -5.75 1.86
CA SER A 43 19.70 -4.56 2.70
C SER A 43 20.58 -4.76 3.92
N SER A 44 21.61 -5.57 3.78
CA SER A 44 22.53 -5.86 4.88
C SER A 44 23.74 -6.64 4.39
N GLY A 45 23.48 -7.70 3.63
CA GLY A 45 24.55 -8.52 3.11
C GLY A 45 25.45 -7.77 2.14
N SER A 46 26.75 -8.00 2.25
CA SER A 46 27.72 -7.32 1.38
C SER A 46 29.14 -7.84 1.64
N THR A 47 29.47 -8.01 2.92
CA THR A 47 30.78 -8.49 3.31
C THR A 47 30.68 -9.56 4.40
N SER A 48 31.70 -10.40 4.49
CA SER A 48 31.73 -11.47 5.48
C SER A 48 32.83 -11.22 6.52
N GLY A 49 32.92 -12.11 7.49
CA GLY A 49 33.93 -11.98 8.53
C GLY A 49 34.16 -13.28 9.28
N LYS A 50 35.42 -13.56 9.58
CA LYS A 50 35.78 -14.78 10.30
C LYS A 50 36.20 -14.47 11.73
N LYS A 51 37.28 -13.70 11.87
CA LYS A 51 37.79 -13.32 13.19
C LYS A 51 38.05 -11.81 13.25
N GLY A 52 38.51 -11.35 14.41
CA GLY A 52 38.80 -9.94 14.58
C GLY A 52 38.54 -9.46 15.99
N GLY A 53 39.05 -10.21 16.98
CA GLY A 53 38.85 -9.84 18.36
C GLY A 53 40.04 -10.17 19.23
N THR A 54 39.83 -10.24 20.53
CA THR A 54 40.90 -10.56 21.47
C THR A 54 41.47 -11.96 21.21
N THR A 55 42.67 -12.20 21.73
CA THR A 55 43.32 -13.50 21.56
C THR A 55 43.16 -14.36 22.79
N SER A 56 43.68 -13.88 23.92
CA SER A 56 43.60 -14.62 25.18
C SER A 56 43.83 -13.70 26.36
N GLY A 57 43.61 -14.23 27.57
CA GLY A 57 43.80 -13.44 28.77
C GLY A 57 42.60 -13.50 29.70
N LYS A 58 42.80 -13.04 30.94
CA LYS A 58 41.73 -13.04 31.92
C LYS A 58 40.53 -12.23 31.43
N LYS A 59 39.38 -12.88 31.34
CA LYS A 59 38.16 -12.23 30.88
C LYS A 59 36.92 -12.89 31.49
N GLY A 60 35.81 -12.15 31.50
CA GLY A 60 34.58 -12.68 32.06
C GLY A 60 33.68 -13.28 30.99
N THR A 61 34.27 -13.65 29.86
CA THR A 61 33.52 -14.24 28.76
C THR A 61 34.09 -15.60 28.36
N VAL A 62 34.65 -16.31 29.34
CA VAL A 62 35.22 -17.62 29.10
C VAL A 62 34.38 -18.73 29.72
N SER A 63 33.74 -18.41 30.85
CA SER A 63 32.91 -19.36 31.56
C SER A 63 31.43 -18.99 31.44
N ILE A 64 30.96 -18.83 30.21
CA ILE A 64 29.57 -18.48 29.97
C ILE A 64 29.02 -19.21 28.75
N PRO A 65 27.68 -19.31 28.67
CA PRO A 65 27.00 -19.98 27.57
C PRO A 65 27.12 -19.22 26.26
N SER A 66 26.98 -17.90 26.34
CA SER A 66 27.06 -17.05 25.16
C SER A 66 26.04 -17.47 24.11
N LYS A 67 24.94 -18.06 24.57
CA LYS A 67 23.88 -18.52 23.68
C LYS A 67 22.53 -18.51 24.38
N LYS A 68 22.36 -19.40 25.35
CA LYS A 68 21.12 -19.49 26.11
C LYS A 68 21.24 -20.51 27.24
N LYS A 69 22.34 -20.45 27.97
CA LYS A 69 22.58 -21.37 29.08
C LYS A 69 22.84 -22.79 28.55
N ASN A 70 21.77 -23.46 28.13
CA ASN A 70 21.88 -24.82 27.61
C ASN A 70 22.40 -25.77 28.68
N GLY A 71 22.36 -27.07 28.39
CA GLY A 71 22.83 -28.06 29.33
C GLY A 71 21.84 -29.17 29.57
N ASN A 72 20.70 -28.83 30.16
CA ASN A 72 19.66 -29.81 30.43
C ASN A 72 20.17 -30.88 31.38
N GLY A 73 19.31 -31.86 31.68
CA GLY A 73 19.70 -32.94 32.58
C GLY A 73 18.83 -34.17 32.40
N GLY A 74 18.37 -34.39 31.17
CA GLY A 74 17.53 -35.54 30.90
C GLY A 74 17.07 -35.60 29.45
N VAL A 75 16.71 -36.79 28.99
CA VAL A 75 16.26 -36.98 27.62
C VAL A 75 14.78 -36.62 27.46
N PHE A 76 13.97 -37.08 28.42
CA PHE A 76 12.54 -36.80 28.38
C PHE A 76 12.15 -35.82 29.48
N GLY A 77 12.25 -36.26 30.73
CA GLY A 77 11.91 -35.40 31.85
C GLY A 77 10.66 -35.87 32.57
N GLY A 78 9.82 -36.62 31.88
CA GLY A 78 8.59 -37.12 32.48
C GLY A 78 8.21 -38.50 31.97
N LEU A 79 9.21 -39.29 31.59
CA LEU A 79 8.97 -40.63 31.07
C LEU A 79 8.63 -41.59 32.20
N PHE A 80 9.36 -41.48 33.30
CA PHE A 80 9.14 -42.35 34.46
C PHE A 80 8.55 -41.55 35.63
N ALA A 81 7.88 -40.44 35.31
CA ALA A 81 7.27 -39.60 36.32
C ALA A 81 6.06 -40.27 36.95
N LYS A 82 5.53 -39.66 38.00
CA LYS A 82 4.36 -40.20 38.69
C LYS A 82 4.67 -41.58 39.28
N LYS A 83 3.74 -42.10 40.09
CA LYS A 83 3.91 -43.40 40.71
C LYS A 83 2.89 -44.39 40.17
N ASP A 84 2.99 -45.64 40.62
CA ASP A 84 2.07 -46.69 40.19
C ASP A 84 0.65 -46.37 40.61
N SER A 1 -27.20 -2.51 3.89
CA SER A 1 -26.14 -2.01 3.03
C SER A 1 -24.79 -2.04 3.75
N ALA A 2 -23.74 -2.39 3.00
CA ALA A 2 -22.40 -2.45 3.58
C ALA A 2 -21.35 -2.63 2.48
N ALA A 3 -21.34 -1.70 1.53
CA ALA A 3 -20.39 -1.74 0.42
C ALA A 3 -18.96 -1.48 0.92
N LYS A 4 -17.99 -2.05 0.21
CA LYS A 4 -16.59 -1.89 0.59
C LYS A 4 -15.71 -1.87 -0.66
N GLY A 5 -14.45 -1.46 -0.48
CA GLY A 5 -13.52 -1.41 -1.60
C GLY A 5 -13.28 0.00 -2.08
N THR A 6 -13.56 0.98 -1.23
CA THR A 6 -13.36 2.38 -1.58
C THR A 6 -12.93 3.20 -0.36
N ALA A 7 -11.65 3.11 -0.03
CA ALA A 7 -11.10 3.84 1.11
C ALA A 7 -10.77 5.28 0.74
N GLU A 8 -9.82 5.45 -0.18
CA GLU A 8 -9.42 6.77 -0.62
C GLU A 8 -8.57 6.68 -1.89
N THR A 9 -7.42 6.02 -1.79
CA THR A 9 -6.52 5.86 -2.92
C THR A 9 -5.81 4.51 -2.87
N LYS A 10 -5.37 4.03 -4.03
CA LYS A 10 -4.66 2.76 -4.12
C LYS A 10 -4.04 2.58 -5.50
N GLN A 11 -3.57 3.67 -6.07
CA GLN A 11 -2.95 3.64 -7.39
C GLN A 11 -1.72 4.56 -7.44
N GLU A 12 -0.82 4.27 -8.37
CA GLU A 12 0.39 5.06 -8.53
C GLU A 12 0.71 5.29 -10.00
N LYS A 13 0.63 6.54 -10.44
CA LYS A 13 0.91 6.90 -11.83
C LYS A 13 2.04 7.92 -11.91
N SER A 14 2.02 8.88 -10.98
CA SER A 14 3.05 9.93 -10.96
C SER A 14 4.04 9.70 -9.82
N PHE A 15 4.97 10.62 -9.66
CA PHE A 15 5.98 10.52 -8.61
C PHE A 15 5.36 10.74 -7.23
N VAL A 16 4.53 11.77 -7.12
CA VAL A 16 3.87 12.10 -5.86
C VAL A 16 3.16 10.88 -5.29
N ASP A 17 2.60 10.06 -6.17
CA ASP A 17 1.89 8.85 -5.74
C ASP A 17 2.74 8.03 -4.79
N TRP A 18 4.02 7.89 -5.11
CA TRP A 18 4.95 7.13 -4.29
C TRP A 18 5.55 7.99 -3.19
N LEU A 19 5.92 9.21 -3.55
CA LEU A 19 6.50 10.15 -2.59
C LEU A 19 5.61 10.30 -1.35
N LEU A 20 4.34 10.62 -1.59
CA LEU A 20 3.39 10.79 -0.50
C LEU A 20 2.95 9.44 0.05
N GLY A 21 3.21 8.38 -0.71
CA GLY A 21 2.84 7.05 -0.28
C GLY A 21 3.52 6.64 1.02
N LYS A 22 4.84 6.75 1.06
CA LYS A 22 5.60 6.39 2.25
C LYS A 22 5.16 7.22 3.44
N ILE A 23 4.88 8.50 3.21
CA ILE A 23 4.44 9.40 4.27
C ILE A 23 3.03 9.04 4.74
N THR A 24 2.16 8.76 3.78
CA THR A 24 0.77 8.41 4.09
C THR A 24 0.67 6.99 4.62
N LYS A 25 1.77 6.24 4.51
CA LYS A 25 1.80 4.86 4.97
C LYS A 25 0.83 3.99 4.19
N GLU A 26 1.04 2.68 4.22
CA GLU A 26 0.18 1.74 3.51
C GLU A 26 -0.59 0.86 4.49
N ASP A 27 -0.80 1.36 5.70
CA ASP A 27 -1.52 0.63 6.73
C ASP A 27 -0.77 -0.65 7.11
N GLN A 28 -0.15 -0.63 8.28
CA GLN A 28 0.61 -1.78 8.76
C GLN A 28 1.91 -1.95 7.97
N PHE A 29 1.77 -2.34 6.71
CA PHE A 29 2.92 -2.54 5.84
C PHE A 29 2.49 -2.89 4.42
N TYR A 30 1.66 -3.92 4.29
CA TYR A 30 1.17 -4.35 2.98
C TYR A 30 -0.03 -3.52 2.55
N GLU A 31 -0.28 -3.49 1.24
CA GLU A 31 -1.40 -2.74 0.71
C GLU A 31 -2.32 -3.63 -0.14
N THR A 32 -1.71 -4.43 -1.00
CA THR A 32 -2.45 -5.33 -1.86
C THR A 32 -1.58 -6.48 -2.36
N ASP A 33 -0.54 -6.79 -1.60
CA ASP A 33 0.38 -7.86 -1.97
C ASP A 33 0.91 -7.67 -3.38
N PRO A 34 1.73 -6.63 -3.57
CA PRO A 34 2.32 -6.32 -4.88
C PRO A 34 3.36 -7.34 -5.31
N ILE A 35 2.96 -8.25 -6.17
CA ILE A 35 3.86 -9.30 -6.67
C ILE A 35 3.53 -9.68 -8.11
N LEU A 36 4.19 -10.71 -8.61
CA LEU A 36 3.95 -11.18 -9.97
C LEU A 36 4.11 -12.70 -10.05
N ARG A 37 5.36 -13.17 -10.00
CA ARG A 37 5.63 -14.61 -10.06
C ARG A 37 6.24 -15.11 -8.76
N GLY A 38 5.94 -14.41 -7.67
CA GLY A 38 6.46 -14.80 -6.37
C GLY A 38 6.72 -13.60 -5.47
N GLY A 39 7.21 -12.52 -6.07
CA GLY A 39 7.50 -11.32 -5.29
C GLY A 39 8.99 -11.09 -5.11
N ASP A 40 9.34 -9.93 -4.60
CA ASP A 40 10.75 -9.58 -4.38
C ASP A 40 11.55 -9.69 -5.68
N VAL A 41 11.52 -8.63 -6.47
CA VAL A 41 12.24 -8.61 -7.74
C VAL A 41 13.74 -8.84 -7.53
N LYS A 42 14.24 -8.40 -6.38
CA LYS A 42 15.65 -8.57 -6.06
C LYS A 42 15.88 -9.85 -5.26
N SER A 43 16.84 -10.66 -5.70
CA SER A 43 17.16 -11.91 -5.04
C SER A 43 15.94 -12.83 -4.99
N SER A 44 16.06 -13.93 -4.26
CA SER A 44 14.96 -14.89 -4.14
C SER A 44 15.30 -15.97 -3.12
N GLY A 45 14.64 -15.90 -1.96
CA GLY A 45 14.88 -16.88 -0.92
C GLY A 45 13.66 -17.15 -0.07
N SER A 46 12.61 -17.67 -0.70
CA SER A 46 11.36 -17.95 0.00
C SER A 46 10.61 -19.09 -0.67
N THR A 47 9.67 -19.69 0.06
CA THR A 47 8.88 -20.79 -0.47
C THR A 47 7.53 -20.31 -0.99
N SER A 48 7.12 -20.81 -2.14
CA SER A 48 5.85 -20.43 -2.75
C SER A 48 5.80 -18.93 -3.01
N GLY A 49 4.63 -18.44 -3.42
CA GLY A 49 4.49 -17.02 -3.68
C GLY A 49 3.49 -16.76 -4.80
N LYS A 50 3.23 -17.77 -5.62
CA LYS A 50 2.29 -17.63 -6.74
C LYS A 50 0.90 -18.12 -6.33
N LYS A 51 0.81 -19.40 -6.00
CA LYS A 51 -0.47 -19.99 -5.60
C LYS A 51 -0.48 -20.27 -4.10
N GLY A 52 -1.66 -20.17 -3.50
CA GLY A 52 -1.80 -20.41 -2.07
C GLY A 52 -3.05 -21.19 -1.73
N GLY A 53 -3.14 -22.42 -2.25
CA GLY A 53 -4.31 -23.25 -1.98
C GLY A 53 -3.97 -24.44 -1.11
N THR A 54 -3.70 -24.17 0.17
CA THR A 54 -3.36 -25.22 1.11
C THR A 54 -4.50 -25.46 2.11
N THR A 55 -4.80 -26.72 2.38
CA THR A 55 -5.86 -27.07 3.31
C THR A 55 -5.42 -26.83 4.76
N SER A 56 -6.29 -27.20 5.70
CA SER A 56 -5.99 -27.02 7.12
C SER A 56 -5.77 -25.54 7.45
N GLY A 57 -6.83 -24.89 7.90
CA GLY A 57 -6.74 -23.48 8.24
C GLY A 57 -7.86 -23.04 9.17
N LYS A 58 -7.71 -21.85 9.75
CA LYS A 58 -8.72 -21.31 10.66
C LYS A 58 -8.71 -22.07 11.98
N LYS A 59 -9.16 -23.32 11.94
CA LYS A 59 -9.21 -24.16 13.14
C LYS A 59 -10.10 -23.52 14.20
N GLY A 60 -11.07 -22.73 13.76
CA GLY A 60 -11.97 -22.07 14.70
C GLY A 60 -13.22 -22.90 14.98
N THR A 61 -13.16 -24.18 14.65
CA THR A 61 -14.28 -25.08 14.86
C THR A 61 -13.93 -26.19 15.84
N VAL A 62 -12.65 -26.52 15.92
CA VAL A 62 -12.18 -27.57 16.83
C VAL A 62 -11.38 -26.97 17.98
N SER A 63 -10.80 -25.80 17.75
CA SER A 63 -10.00 -25.12 18.76
C SER A 63 -10.78 -25.00 20.08
N ILE A 64 -11.81 -24.16 20.06
CA ILE A 64 -12.64 -23.95 21.24
C ILE A 64 -13.10 -25.28 21.83
N PRO A 65 -13.43 -25.27 23.13
CA PRO A 65 -13.90 -26.47 23.83
C PRO A 65 -15.29 -26.89 23.39
N SER A 66 -15.37 -27.51 22.22
CA SER A 66 -16.65 -27.98 21.68
C SER A 66 -17.39 -28.81 22.70
N LYS A 67 -16.65 -29.50 23.56
CA LYS A 67 -17.25 -30.34 24.59
C LYS A 67 -16.74 -29.95 25.98
N LYS A 68 -17.47 -29.05 26.63
CA LYS A 68 -17.09 -28.59 27.96
C LYS A 68 -16.84 -29.78 28.89
N LYS A 69 -15.57 -30.07 29.15
CA LYS A 69 -15.19 -31.17 30.03
C LYS A 69 -15.55 -30.86 31.48
N ASN A 70 -16.68 -31.37 31.94
CA ASN A 70 -17.13 -31.15 33.31
C ASN A 70 -17.54 -29.69 33.51
N GLY A 71 -16.55 -28.81 33.62
CA GLY A 71 -16.83 -27.40 33.82
C GLY A 71 -15.65 -26.65 34.41
N ASN A 72 -15.95 -25.72 35.30
CA ASN A 72 -14.90 -24.92 35.95
C ASN A 72 -15.30 -24.54 37.37
N GLY A 73 -16.36 -23.74 37.48
CA GLY A 73 -16.83 -23.30 38.79
C GLY A 73 -18.08 -24.03 39.21
N GLY A 74 -18.80 -23.45 40.17
CA GLY A 74 -20.03 -24.05 40.65
C GLY A 74 -21.07 -23.03 41.05
N VAL A 75 -22.31 -23.48 41.25
CA VAL A 75 -23.40 -22.59 41.63
C VAL A 75 -23.43 -22.38 43.14
N PHE A 76 -23.24 -23.46 43.89
CA PHE A 76 -23.24 -23.39 45.35
C PHE A 76 -21.91 -23.88 45.91
N GLY A 77 -21.65 -23.52 47.17
CA GLY A 77 -20.42 -23.93 47.81
C GLY A 77 -20.46 -25.36 48.32
N GLY A 78 -21.65 -25.80 48.70
CA GLY A 78 -21.81 -27.16 49.21
C GLY A 78 -22.29 -28.12 48.13
N LEU A 79 -21.98 -27.81 46.88
CA LEU A 79 -22.37 -28.65 45.76
C LEU A 79 -21.22 -29.55 45.31
N PHE A 80 -20.01 -29.00 45.35
CA PHE A 80 -18.83 -29.74 44.94
C PHE A 80 -18.55 -30.89 45.90
N ALA A 81 -19.00 -30.73 47.15
CA ALA A 81 -18.81 -31.76 48.16
C ALA A 81 -19.56 -33.03 47.81
N LYS A 82 -19.34 -34.09 48.59
CA LYS A 82 -20.00 -35.37 48.36
C LYS A 82 -20.21 -36.11 49.67
N LYS A 83 -20.89 -37.25 49.59
CA LYS A 83 -21.17 -38.06 50.78
C LYS A 83 -20.48 -39.42 50.68
N ASP A 84 -19.87 -39.85 51.78
CA ASP A 84 -19.17 -41.12 51.82
C ASP A 84 -20.17 -42.28 51.79
N SER A 1 -19.61 34.50 -16.58
CA SER A 1 -18.94 33.21 -16.44
C SER A 1 -19.51 32.19 -17.41
N ALA A 2 -18.63 31.44 -18.06
CA ALA A 2 -19.05 30.43 -19.02
C ALA A 2 -17.96 29.37 -19.22
N ALA A 3 -18.36 28.11 -19.20
CA ALA A 3 -17.41 27.00 -19.38
C ALA A 3 -18.12 25.67 -19.37
N LYS A 4 -17.78 24.81 -20.33
CA LYS A 4 -18.39 23.49 -20.43
C LYS A 4 -18.03 22.63 -19.22
N GLY A 5 -16.77 22.73 -18.78
CA GLY A 5 -16.32 21.95 -17.65
C GLY A 5 -15.32 20.88 -18.03
N THR A 6 -15.50 19.68 -17.50
CA THR A 6 -14.61 18.57 -17.78
C THR A 6 -13.18 18.89 -17.36
N ALA A 7 -13.05 19.50 -16.18
CA ALA A 7 -11.74 19.87 -15.65
C ALA A 7 -10.84 18.64 -15.55
N GLU A 8 -11.44 17.48 -15.33
CA GLU A 8 -10.70 16.23 -15.20
C GLU A 8 -9.62 16.35 -14.12
N THR A 9 -10.06 16.57 -12.89
CA THR A 9 -9.13 16.70 -11.77
C THR A 9 -8.82 15.34 -11.16
N LYS A 10 -7.98 14.57 -11.84
CA LYS A 10 -7.59 13.25 -11.36
C LYS A 10 -6.28 12.80 -11.99
N GLN A 11 -5.39 12.23 -11.18
CA GLN A 11 -4.10 11.76 -11.68
C GLN A 11 -3.36 11.00 -10.58
N GLU A 12 -2.86 9.81 -10.94
CA GLU A 12 -2.13 8.98 -9.98
C GLU A 12 -0.97 8.27 -10.67
N LYS A 13 -0.10 9.05 -11.30
CA LYS A 13 1.06 8.50 -12.00
C LYS A 13 2.24 9.46 -11.93
N SER A 14 2.51 9.98 -10.73
CA SER A 14 3.61 10.91 -10.54
C SER A 14 4.48 10.48 -9.36
N PHE A 15 5.59 11.18 -9.16
CA PHE A 15 6.51 10.88 -8.08
C PHE A 15 5.86 11.13 -6.72
N VAL A 16 5.03 12.16 -6.66
CA VAL A 16 4.34 12.51 -5.42
C VAL A 16 3.45 11.38 -4.95
N ASP A 17 2.83 10.68 -5.90
CA ASP A 17 1.95 9.56 -5.58
C ASP A 17 2.70 8.48 -4.81
N TRP A 18 3.96 8.28 -5.16
CA TRP A 18 4.79 7.28 -4.49
C TRP A 18 5.45 7.84 -3.25
N LEU A 19 5.84 9.12 -3.31
CA LEU A 19 6.48 9.77 -2.18
C LEU A 19 5.51 9.91 -1.02
N LEU A 20 4.36 10.52 -1.28
CA LEU A 20 3.35 10.72 -0.24
C LEU A 20 2.87 9.38 0.32
N GLY A 21 2.99 8.33 -0.49
CA GLY A 21 2.57 7.00 -0.06
C GLY A 21 3.21 6.60 1.25
N LYS A 22 4.43 7.07 1.49
CA LYS A 22 5.15 6.74 2.72
C LYS A 22 4.85 7.77 3.81
N ILE A 23 4.55 9.01 3.39
CA ILE A 23 4.23 10.07 4.33
C ILE A 23 2.88 9.85 4.99
N THR A 24 1.89 9.51 4.18
CA THR A 24 0.54 9.27 4.68
C THR A 24 0.10 10.37 5.64
N LYS A 25 -0.14 11.56 5.10
CA LYS A 25 -0.56 12.70 5.90
C LYS A 25 -2.07 12.65 6.14
N GLU A 26 -2.80 12.07 5.20
CA GLU A 26 -4.25 11.97 5.32
C GLU A 26 -4.71 10.52 5.15
N ASP A 27 -4.16 9.85 4.15
CA ASP A 27 -4.51 8.46 3.88
C ASP A 27 -5.99 8.33 3.50
N GLN A 28 -6.30 8.67 2.27
CA GLN A 28 -7.69 8.60 1.78
C GLN A 28 -8.27 7.22 2.03
N PHE A 29 -9.58 7.09 1.83
CA PHE A 29 -10.26 5.82 2.03
C PHE A 29 -10.95 5.36 0.74
N TYR A 30 -10.41 5.80 -0.39
CA TYR A 30 -10.96 5.43 -1.69
C TYR A 30 -11.01 3.92 -1.86
N GLU A 31 -11.75 3.46 -2.87
CA GLU A 31 -11.88 2.03 -3.14
C GLU A 31 -11.41 1.71 -4.55
N THR A 32 -11.74 2.58 -5.50
CA THR A 32 -11.36 2.38 -6.89
C THR A 32 -9.86 2.60 -7.08
N ASP A 33 -9.27 3.40 -6.21
CA ASP A 33 -7.84 3.69 -6.28
C ASP A 33 -7.01 2.47 -5.89
N PRO A 34 -7.22 2.00 -4.64
CA PRO A 34 -6.51 0.83 -4.12
C PRO A 34 -6.94 -0.46 -4.78
N ILE A 35 -6.07 -1.01 -5.61
CA ILE A 35 -6.36 -2.25 -6.32
C ILE A 35 -5.43 -3.38 -5.86
N LEU A 36 -4.18 -3.03 -5.59
CA LEU A 36 -3.18 -3.99 -5.15
C LEU A 36 -3.10 -5.17 -6.12
N ARG A 37 -3.41 -4.91 -7.39
CA ARG A 37 -3.37 -5.94 -8.41
C ARG A 37 -2.10 -5.84 -9.24
N GLY A 38 -1.53 -4.64 -9.31
CA GLY A 38 -0.32 -4.43 -10.07
C GLY A 38 0.71 -3.63 -9.30
N GLY A 39 0.64 -3.68 -7.98
CA GLY A 39 1.58 -2.94 -7.15
C GLY A 39 2.13 -3.77 -6.01
N ASP A 40 2.52 -5.00 -6.32
CA ASP A 40 3.07 -5.91 -5.31
C ASP A 40 4.27 -6.67 -5.86
N VAL A 41 5.47 -6.18 -5.55
CA VAL A 41 6.70 -6.82 -6.01
C VAL A 41 6.91 -8.16 -5.34
N LYS A 42 6.42 -8.29 -4.11
CA LYS A 42 6.56 -9.53 -3.35
C LYS A 42 5.65 -10.62 -3.92
N SER A 43 6.11 -11.86 -3.83
CA SER A 43 5.33 -12.98 -4.34
C SER A 43 5.93 -14.31 -3.86
N SER A 44 7.18 -14.57 -4.25
CA SER A 44 7.86 -15.79 -3.86
C SER A 44 9.32 -15.76 -4.27
N GLY A 45 10.11 -16.71 -3.76
CA GLY A 45 11.52 -16.76 -4.08
C GLY A 45 12.27 -17.75 -3.21
N SER A 46 13.20 -18.47 -3.82
CA SER A 46 13.99 -19.47 -3.09
C SER A 46 15.32 -18.86 -2.63
N THR A 47 15.88 -19.45 -1.56
CA THR A 47 17.14 -18.97 -1.01
C THR A 47 18.22 -20.03 -1.13
N SER A 48 17.82 -21.29 -1.06
CA SER A 48 18.75 -22.41 -1.16
C SER A 48 18.02 -23.72 -1.42
N GLY A 49 18.75 -24.82 -1.36
CA GLY A 49 18.14 -26.12 -1.60
C GLY A 49 19.16 -27.15 -2.06
N LYS A 50 20.22 -26.68 -2.72
CA LYS A 50 21.27 -27.58 -3.22
C LYS A 50 22.43 -27.64 -2.24
N LYS A 51 22.66 -26.54 -1.53
CA LYS A 51 23.74 -26.46 -0.56
C LYS A 51 23.68 -25.16 0.25
N GLY A 52 24.14 -25.22 1.50
CA GLY A 52 24.12 -24.04 2.34
C GLY A 52 24.66 -24.32 3.73
N GLY A 53 25.98 -24.43 3.83
CA GLY A 53 26.59 -24.69 5.13
C GLY A 53 28.04 -24.24 5.18
N THR A 54 28.69 -24.46 6.32
CA THR A 54 30.07 -24.07 6.50
C THR A 54 31.01 -25.26 6.33
N THR A 55 30.51 -26.45 6.61
CA THR A 55 31.29 -27.67 6.49
C THR A 55 32.52 -27.62 7.40
N SER A 56 32.30 -27.84 8.69
CA SER A 56 33.39 -27.81 9.66
C SER A 56 34.07 -26.44 9.68
N GLY A 57 33.61 -25.58 10.58
CA GLY A 57 34.18 -24.25 10.70
C GLY A 57 34.32 -23.80 12.13
N LYS A 58 33.20 -23.53 12.79
CA LYS A 58 33.19 -23.09 14.17
C LYS A 58 31.78 -23.07 14.74
N LYS A 59 31.44 -24.08 15.52
CA LYS A 59 30.12 -24.18 16.12
C LYS A 59 30.10 -25.22 17.23
N GLY A 60 31.25 -25.42 17.86
CA GLY A 60 31.36 -26.38 18.94
C GLY A 60 30.61 -25.93 20.19
N THR A 61 30.36 -24.63 20.29
CA THR A 61 29.65 -24.08 21.43
C THR A 61 28.18 -24.48 21.43
N VAL A 62 27.66 -24.78 20.24
CA VAL A 62 26.27 -25.19 20.11
C VAL A 62 26.16 -26.66 19.71
N SER A 63 27.21 -27.17 19.06
CA SER A 63 27.23 -28.57 18.63
C SER A 63 26.90 -29.50 19.79
N ILE A 64 27.85 -29.66 20.71
CA ILE A 64 27.66 -30.52 21.86
C ILE A 64 26.35 -30.20 22.59
N PRO A 65 25.83 -31.18 23.33
CA PRO A 65 24.58 -31.02 24.08
C PRO A 65 24.74 -30.08 25.27
N SER A 66 25.82 -30.28 26.03
CA SER A 66 26.08 -29.44 27.20
C SER A 66 24.94 -29.54 28.21
N LYS A 67 24.24 -30.67 28.19
CA LYS A 67 23.12 -30.89 29.10
C LYS A 67 22.52 -32.29 28.89
N LYS A 68 22.25 -32.63 27.64
CA LYS A 68 21.69 -33.93 27.32
C LYS A 68 22.73 -34.85 26.70
N LYS A 69 22.30 -36.03 26.27
CA LYS A 69 23.22 -37.00 25.66
C LYS A 69 22.54 -37.74 24.51
N ASN A 70 22.99 -37.49 23.30
CA ASN A 70 22.43 -38.12 22.11
C ASN A 70 22.96 -39.55 21.96
N GLY A 71 22.14 -40.41 21.38
CA GLY A 71 22.55 -41.80 21.18
C GLY A 71 21.38 -42.68 20.78
N ASN A 72 20.75 -43.30 21.77
CA ASN A 72 19.63 -44.19 21.52
C ASN A 72 18.50 -43.94 22.52
N GLY A 73 17.26 -44.05 22.05
CA GLY A 73 16.12 -43.83 22.91
C GLY A 73 15.49 -45.13 23.38
N GLY A 74 16.27 -46.21 23.38
CA GLY A 74 15.76 -47.49 23.80
C GLY A 74 15.02 -48.23 22.70
N VAL A 75 14.78 -49.51 22.91
CA VAL A 75 14.07 -50.32 21.92
C VAL A 75 12.56 -50.34 22.19
N PHE A 76 12.21 -50.24 23.47
CA PHE A 76 10.80 -50.25 23.86
C PHE A 76 10.29 -48.83 24.10
N GLY A 77 10.80 -48.19 25.15
CA GLY A 77 10.39 -46.84 25.47
C GLY A 77 11.29 -46.18 26.49
N GLY A 78 11.73 -46.95 27.48
CA GLY A 78 12.60 -46.42 28.51
C GLY A 78 13.08 -47.49 29.47
N LEU A 79 13.50 -48.63 28.93
CA LEU A 79 13.98 -49.73 29.75
C LEU A 79 15.52 -49.72 29.82
N PHE A 80 16.15 -49.29 28.73
CA PHE A 80 17.60 -49.23 28.68
C PHE A 80 18.10 -47.84 29.04
N ALA A 81 17.27 -47.08 29.75
CA ALA A 81 17.63 -45.73 30.17
C ALA A 81 18.78 -45.76 31.17
N LYS A 82 18.48 -46.19 32.39
CA LYS A 82 19.49 -46.26 33.44
C LYS A 82 19.25 -47.47 34.34
N LYS A 83 18.21 -47.39 35.16
CA LYS A 83 17.86 -48.48 36.08
C LYS A 83 16.45 -48.31 36.62
N ASP A 84 16.02 -49.26 37.42
CA ASP A 84 14.68 -49.23 38.01
C ASP A 84 14.56 -48.07 39.01
N SER A 1 -11.53 -2.59 8.81
CA SER A 1 -12.34 -1.43 8.49
C SER A 1 -11.76 -0.17 9.11
N ALA A 2 -11.75 0.92 8.33
CA ALA A 2 -11.22 2.19 8.81
C ALA A 2 -11.76 3.35 7.97
N ALA A 3 -12.04 4.46 8.64
CA ALA A 3 -12.56 5.65 7.94
C ALA A 3 -11.41 6.52 7.43
N LYS A 4 -11.53 6.95 6.18
CA LYS A 4 -10.51 7.79 5.56
C LYS A 4 -11.14 8.79 4.59
N GLY A 5 -10.64 10.02 4.61
CA GLY A 5 -11.17 11.04 3.72
C GLY A 5 -10.09 11.96 3.19
N THR A 6 -8.90 11.41 2.98
CA THR A 6 -7.77 12.20 2.47
C THR A 6 -7.02 11.44 1.39
N ALA A 7 -7.76 10.72 0.56
CA ALA A 7 -7.16 9.95 -0.53
C ALA A 7 -7.19 10.73 -1.84
N GLU A 8 -8.38 10.94 -2.37
CA GLU A 8 -8.53 11.68 -3.62
C GLU A 8 -8.13 13.14 -3.45
N THR A 9 -7.05 13.53 -4.11
CA THR A 9 -6.55 14.90 -4.03
C THR A 9 -6.15 15.42 -5.41
N LYS A 10 -6.99 15.15 -6.40
CA LYS A 10 -6.73 15.61 -7.77
C LYS A 10 -5.38 15.09 -8.25
N GLN A 11 -5.17 13.78 -8.11
CA GLN A 11 -3.92 13.16 -8.54
C GLN A 11 -4.16 12.21 -9.71
N GLU A 12 -3.08 11.85 -10.40
CA GLU A 12 -3.17 10.95 -11.55
C GLU A 12 -2.07 9.91 -11.51
N LYS A 13 -0.84 10.34 -11.75
CA LYS A 13 0.31 9.45 -11.75
C LYS A 13 1.61 10.23 -11.88
N SER A 14 2.20 10.59 -10.74
CA SER A 14 3.45 11.35 -10.73
C SER A 14 4.38 10.85 -9.62
N PHE A 15 5.61 11.35 -9.62
CA PHE A 15 6.59 10.96 -8.62
C PHE A 15 6.07 11.22 -7.21
N VAL A 16 5.21 12.22 -7.08
CA VAL A 16 4.64 12.59 -5.79
C VAL A 16 3.80 11.45 -5.22
N ASP A 17 3.11 10.74 -6.11
CA ASP A 17 2.26 9.62 -5.70
C ASP A 17 3.06 8.61 -4.89
N TRP A 18 4.30 8.36 -5.30
CA TRP A 18 5.16 7.41 -4.62
C TRP A 18 5.88 8.08 -3.45
N LEU A 19 6.06 9.39 -3.55
CA LEU A 19 6.73 10.15 -2.49
C LEU A 19 5.89 10.20 -1.23
N LEU A 20 4.62 10.55 -1.38
CA LEU A 20 3.70 10.62 -0.24
C LEU A 20 3.30 9.24 0.23
N GLY A 21 3.48 8.25 -0.65
CA GLY A 21 3.14 6.88 -0.30
C GLY A 21 3.86 6.40 0.94
N LYS A 22 4.94 7.08 1.29
CA LYS A 22 5.73 6.71 2.47
C LYS A 22 5.24 7.45 3.71
N ILE A 23 4.48 8.52 3.49
CA ILE A 23 3.96 9.31 4.60
C ILE A 23 2.48 8.99 4.84
N THR A 24 1.83 8.43 3.82
CA THR A 24 0.43 8.07 3.93
C THR A 24 0.19 6.64 3.46
N LYS A 25 1.13 5.75 3.76
CA LYS A 25 1.03 4.35 3.38
C LYS A 25 -0.26 3.73 3.92
N GLU A 26 -0.52 2.48 3.54
CA GLU A 26 -1.71 1.78 3.99
C GLU A 26 -1.70 1.61 5.51
N ASP A 27 -0.87 0.69 5.99
CA ASP A 27 -0.77 0.43 7.42
C ASP A 27 0.27 -0.66 7.70
N GLN A 28 1.32 -0.68 6.89
CA GLN A 28 2.38 -1.67 7.06
C GLN A 28 3.51 -1.43 6.05
N PHE A 29 4.53 -2.28 6.10
CA PHE A 29 5.66 -2.16 5.19
C PHE A 29 6.46 -3.46 5.16
N TYR A 30 5.97 -4.43 4.40
CA TYR A 30 6.64 -5.72 4.27
C TYR A 30 6.38 -6.34 2.90
N GLU A 31 7.45 -6.49 2.12
CA GLU A 31 7.34 -7.07 0.78
C GLU A 31 8.23 -8.30 0.65
N THR A 32 8.50 -8.95 1.77
CA THR A 32 9.34 -10.15 1.79
C THR A 32 8.61 -11.32 2.44
N ASP A 33 7.29 -11.25 2.45
CA ASP A 33 6.47 -12.31 3.05
C ASP A 33 6.94 -12.63 4.46
N PRO A 34 6.64 -11.73 5.40
CA PRO A 34 7.02 -11.89 6.81
C PRO A 34 6.24 -13.01 7.49
N ILE A 35 6.76 -14.22 7.40
CA ILE A 35 6.12 -15.38 8.01
C ILE A 35 7.15 -16.41 8.46
N LEU A 36 6.91 -17.01 9.62
CA LEU A 36 7.82 -18.01 10.17
C LEU A 36 7.06 -19.29 10.51
N ARG A 37 6.12 -19.20 11.43
CA ARG A 37 5.33 -20.35 11.84
C ARG A 37 3.86 -20.17 11.48
N GLY A 38 3.62 -19.36 10.45
CA GLY A 38 2.25 -19.11 10.01
C GLY A 38 1.78 -17.72 10.38
N GLY A 39 2.72 -16.83 10.65
CA GLY A 39 2.36 -15.47 11.02
C GLY A 39 2.70 -15.15 12.47
N ASP A 40 2.18 -14.03 12.96
CA ASP A 40 2.43 -13.61 14.33
C ASP A 40 1.27 -12.78 14.87
N VAL A 41 1.01 -11.65 14.21
CA VAL A 41 -0.07 -10.75 14.62
C VAL A 41 -1.39 -11.51 14.71
N LYS A 42 -1.52 -12.57 13.92
CA LYS A 42 -2.73 -13.38 13.91
C LYS A 42 -2.62 -14.55 14.88
N SER A 43 -2.29 -14.25 16.14
CA SER A 43 -2.15 -15.28 17.16
C SER A 43 -3.51 -15.75 17.64
N SER A 44 -3.50 -16.71 18.56
CA SER A 44 -4.74 -17.26 19.11
C SER A 44 -5.20 -16.45 20.31
N GLY A 45 -6.23 -16.95 21.00
CA GLY A 45 -6.75 -16.26 22.17
C GLY A 45 -7.10 -17.22 23.29
N SER A 46 -8.16 -16.90 24.02
CA SER A 46 -8.60 -17.73 25.14
C SER A 46 -9.81 -18.57 24.74
N THR A 47 -9.83 -19.82 25.20
CA THR A 47 -10.94 -20.73 24.90
C THR A 47 -11.63 -21.21 26.18
N SER A 48 -12.92 -21.52 26.07
CA SER A 48 -13.67 -21.98 27.22
C SER A 48 -14.58 -23.15 26.83
N GLY A 49 -14.94 -23.97 27.82
CA GLY A 49 -15.79 -25.12 27.56
C GLY A 49 -15.46 -26.30 28.43
N LYS A 50 -14.18 -26.62 28.54
CA LYS A 50 -13.73 -27.74 29.36
C LYS A 50 -13.27 -27.26 30.72
N LYS A 51 -13.85 -26.17 31.20
CA LYS A 51 -13.50 -25.60 32.49
C LYS A 51 -14.50 -26.01 33.56
N GLY A 52 -14.11 -25.89 34.82
CA GLY A 52 -14.99 -26.25 35.91
C GLY A 52 -14.29 -26.24 37.26
N GLY A 53 -13.54 -25.17 37.52
CA GLY A 53 -12.82 -25.06 38.77
C GLY A 53 -13.04 -23.71 39.45
N THR A 54 -13.35 -23.74 40.73
CA THR A 54 -13.58 -22.51 41.49
C THR A 54 -13.38 -22.75 42.98
N THR A 55 -12.14 -22.58 43.45
CA THR A 55 -11.82 -22.77 44.86
C THR A 55 -11.68 -21.43 45.57
N SER A 56 -11.31 -21.49 46.85
CA SER A 56 -11.14 -20.28 47.65
C SER A 56 -10.05 -19.38 47.05
N GLY A 57 -9.70 -18.33 47.79
CA GLY A 57 -8.67 -17.41 47.31
C GLY A 57 -9.11 -15.96 47.40
N LYS A 58 -10.24 -15.66 46.79
CA LYS A 58 -10.77 -14.30 46.80
C LYS A 58 -12.06 -14.22 47.63
N LYS A 59 -12.19 -13.15 48.40
CA LYS A 59 -13.37 -12.95 49.23
C LYS A 59 -13.99 -11.57 48.98
N GLY A 60 -13.14 -10.54 49.00
CA GLY A 60 -13.63 -9.19 48.78
C GLY A 60 -14.32 -8.62 49.99
N THR A 61 -13.93 -9.08 51.17
CA THR A 61 -14.52 -8.61 52.41
C THR A 61 -13.47 -8.00 53.33
N VAL A 62 -12.26 -8.57 53.29
CA VAL A 62 -11.16 -8.08 54.12
C VAL A 62 -10.09 -7.42 53.28
N SER A 63 -10.00 -7.84 52.01
CA SER A 63 -9.01 -7.29 51.09
C SER A 63 -9.09 -5.77 51.06
N ILE A 64 -10.28 -5.25 50.80
CA ILE A 64 -10.49 -3.80 50.74
C ILE A 64 -9.93 -3.11 51.98
N PRO A 65 -9.62 -1.81 51.84
CA PRO A 65 -9.07 -1.01 52.93
C PRO A 65 -10.10 -0.75 54.04
N SER A 66 -11.36 -0.58 53.63
CA SER A 66 -12.43 -0.31 54.58
C SER A 66 -12.32 1.10 55.15
N LYS A 67 -11.30 1.33 55.97
CA LYS A 67 -11.08 2.63 56.57
C LYS A 67 -9.64 3.09 56.37
N LYS A 68 -9.08 2.77 55.21
CA LYS A 68 -7.71 3.16 54.89
C LYS A 68 -7.66 3.94 53.59
N LYS A 69 -6.44 4.26 53.13
CA LYS A 69 -6.25 5.00 51.89
C LYS A 69 -4.77 5.15 51.56
N ASN A 70 -3.96 5.31 52.61
CA ASN A 70 -2.51 5.45 52.43
C ASN A 70 -2.20 6.66 51.53
N GLY A 71 -0.91 6.91 51.33
CA GLY A 71 -0.50 8.02 50.50
C GLY A 71 -0.16 7.61 49.08
N ASN A 72 0.07 8.58 48.21
CA ASN A 72 0.40 8.31 46.82
C ASN A 72 1.39 9.33 46.28
N GLY A 73 1.74 9.20 45.00
CA GLY A 73 2.67 10.13 44.39
C GLY A 73 2.08 11.52 44.21
N GLY A 74 1.04 11.62 43.39
CA GLY A 74 0.40 12.90 43.15
C GLY A 74 -0.17 13.01 41.75
N VAL A 75 -0.16 14.22 41.20
CA VAL A 75 -0.68 14.45 39.86
C VAL A 75 0.44 14.61 38.85
N PHE A 76 1.59 15.09 39.32
CA PHE A 76 2.76 15.28 38.45
C PHE A 76 3.66 14.05 38.47
N GLY A 77 4.34 13.81 37.36
CA GLY A 77 5.23 12.67 37.27
C GLY A 77 6.65 13.01 37.69
N GLY A 78 6.78 13.72 38.81
CA GLY A 78 8.10 14.09 39.29
C GLY A 78 8.48 15.51 38.90
N LEU A 79 7.49 16.40 38.87
CA LEU A 79 7.72 17.79 38.51
C LEU A 79 8.09 18.61 39.74
N PHE A 80 7.39 18.37 40.84
CA PHE A 80 7.65 19.09 42.09
C PHE A 80 9.03 18.76 42.64
N ALA A 81 9.51 17.56 42.33
CA ALA A 81 10.81 17.12 42.79
C ALA A 81 11.93 17.67 41.90
N LYS A 82 13.16 17.22 42.14
CA LYS A 82 14.31 17.66 41.36
C LYS A 82 14.65 19.11 41.69
N LYS A 83 13.79 20.04 41.26
CA LYS A 83 14.00 21.45 41.51
C LYS A 83 12.76 22.09 42.15
N ASP A 84 12.86 23.36 42.48
CA ASP A 84 11.75 24.09 43.10
C ASP A 84 10.54 24.09 42.17
N SER A 1 -5.62 17.50 -28.33
CA SER A 1 -4.92 18.68 -27.82
C SER A 1 -3.48 18.72 -28.34
N ALA A 2 -3.00 19.91 -28.65
CA ALA A 2 -1.64 20.09 -29.14
C ALA A 2 -0.93 21.24 -28.43
N ALA A 3 -1.28 21.44 -27.16
CA ALA A 3 -0.67 22.50 -26.36
C ALA A 3 -1.01 22.32 -24.88
N LYS A 4 -0.09 22.78 -24.02
CA LYS A 4 -0.28 22.68 -22.58
C LYS A 4 -1.04 23.88 -22.05
N GLY A 5 -1.29 23.88 -20.74
CA GLY A 5 -2.01 24.99 -20.13
C GLY A 5 -2.71 24.58 -18.84
N THR A 6 -3.46 23.48 -18.89
CA THR A 6 -4.17 22.99 -17.72
C THR A 6 -3.53 21.72 -17.17
N ALA A 7 -2.79 21.87 -16.09
CA ALA A 7 -2.12 20.73 -15.46
C ALA A 7 -3.12 19.64 -15.07
N GLU A 8 -4.04 19.99 -14.18
CA GLU A 8 -5.05 19.05 -13.72
C GLU A 8 -4.41 17.78 -13.16
N THR A 9 -3.70 17.92 -12.05
CA THR A 9 -3.03 16.79 -11.41
C THR A 9 -3.72 16.41 -10.12
N LYS A 10 -4.93 15.86 -10.24
CA LYS A 10 -5.69 15.44 -9.07
C LYS A 10 -5.83 13.92 -9.03
N GLN A 11 -4.82 13.22 -9.52
CA GLN A 11 -4.83 11.77 -9.55
C GLN A 11 -3.55 11.20 -8.94
N GLU A 12 -3.50 9.89 -8.79
CA GLU A 12 -2.34 9.22 -8.22
C GLU A 12 -1.68 8.29 -9.25
N LYS A 13 -0.44 8.59 -9.60
CA LYS A 13 0.29 7.79 -10.56
C LYS A 13 1.73 8.28 -10.70
N SER A 14 1.91 9.60 -10.63
CA SER A 14 3.24 10.19 -10.75
C SER A 14 4.09 9.87 -9.53
N PHE A 15 5.32 10.36 -9.53
CA PHE A 15 6.24 10.12 -8.42
C PHE A 15 5.61 10.51 -7.09
N VAL A 16 4.78 11.54 -7.12
CA VAL A 16 4.09 12.02 -5.92
C VAL A 16 3.25 10.90 -5.29
N ASP A 17 2.66 10.07 -6.13
CA ASP A 17 1.84 8.97 -5.65
C ASP A 17 2.64 8.01 -4.79
N TRP A 18 3.92 7.83 -5.15
CA TRP A 18 4.80 6.93 -4.40
C TRP A 18 5.46 7.67 -3.25
N LEU A 19 5.78 8.95 -3.47
CA LEU A 19 6.42 9.76 -2.44
C LEU A 19 5.48 10.00 -1.26
N LEU A 20 4.28 10.51 -1.56
CA LEU A 20 3.30 10.77 -0.53
C LEU A 20 2.90 9.49 0.20
N GLY A 21 3.04 8.36 -0.50
CA GLY A 21 2.70 7.08 0.09
C GLY A 21 3.62 6.70 1.24
N LYS A 22 4.80 7.33 1.28
CA LYS A 22 5.78 7.05 2.32
C LYS A 22 5.43 7.80 3.61
N ILE A 23 4.68 8.89 3.46
CA ILE A 23 4.28 9.69 4.60
C ILE A 23 2.92 9.24 5.14
N THR A 24 2.07 8.75 4.25
CA THR A 24 0.75 8.28 4.63
C THR A 24 0.61 6.78 4.40
N LYS A 25 1.69 6.05 4.62
CA LYS A 25 1.70 4.60 4.45
C LYS A 25 0.76 3.93 5.46
N GLU A 26 -0.02 2.97 4.98
CA GLU A 26 -0.95 2.25 5.83
C GLU A 26 -0.32 0.98 6.40
N ASP A 27 0.57 0.38 5.62
CA ASP A 27 1.26 -0.83 6.03
C ASP A 27 2.53 -1.05 5.24
N GLN A 28 3.16 -2.20 5.41
CA GLN A 28 4.39 -2.53 4.71
C GLN A 28 4.09 -3.15 3.35
N PHE A 29 5.14 -3.63 2.67
CA PHE A 29 4.98 -4.24 1.36
C PHE A 29 5.98 -5.39 1.17
N TYR A 30 7.21 -5.15 1.59
CA TYR A 30 8.26 -6.16 1.47
C TYR A 30 7.87 -7.44 2.20
N GLU A 31 8.40 -8.57 1.73
CA GLU A 31 8.11 -9.86 2.34
C GLU A 31 9.39 -10.60 2.70
N THR A 32 10.44 -9.83 3.01
CA THR A 32 11.73 -10.42 3.36
C THR A 32 12.26 -11.31 2.25
N ASP A 33 12.16 -10.83 1.01
CA ASP A 33 12.63 -11.58 -0.15
C ASP A 33 13.74 -10.82 -0.87
N PRO A 34 14.93 -10.78 -0.24
CA PRO A 34 16.09 -10.08 -0.81
C PRO A 34 16.65 -10.79 -2.04
N ILE A 35 16.72 -10.07 -3.14
CA ILE A 35 17.24 -10.64 -4.39
C ILE A 35 18.36 -9.77 -4.96
N LEU A 36 18.86 -10.15 -6.13
CA LEU A 36 19.93 -9.42 -6.78
C LEU A 36 19.37 -8.38 -7.75
N ARG A 37 18.87 -8.85 -8.89
CA ARG A 37 18.31 -7.97 -9.90
C ARG A 37 16.81 -8.22 -10.06
N GLY A 38 16.38 -9.43 -9.74
CA GLY A 38 14.97 -9.76 -9.86
C GLY A 38 14.74 -11.26 -9.99
N GLY A 39 15.78 -11.98 -10.41
CA GLY A 39 15.67 -13.41 -10.57
C GLY A 39 15.62 -13.83 -12.03
N ASP A 40 16.21 -14.97 -12.34
CA ASP A 40 16.24 -15.49 -13.70
C ASP A 40 16.94 -14.50 -14.64
N VAL A 41 18.25 -14.61 -14.72
CA VAL A 41 19.04 -13.73 -15.58
C VAL A 41 18.68 -13.93 -17.04
N LYS A 42 18.24 -15.14 -17.38
CA LYS A 42 17.87 -15.46 -18.76
C LYS A 42 18.83 -14.82 -19.74
N SER A 43 20.12 -14.86 -19.43
CA SER A 43 21.14 -14.28 -20.29
C SER A 43 21.02 -14.81 -21.72
N SER A 44 20.84 -13.90 -22.67
CA SER A 44 20.70 -14.29 -24.07
C SER A 44 20.74 -13.05 -24.97
N GLY A 45 21.48 -13.15 -26.08
CA GLY A 45 21.59 -12.05 -27.00
C GLY A 45 22.27 -12.44 -28.30
N SER A 46 22.54 -11.45 -29.15
CA SER A 46 23.18 -11.70 -30.43
C SER A 46 24.65 -12.03 -30.24
N THR A 47 25.25 -12.69 -31.24
CA THR A 47 26.65 -13.06 -31.18
C THR A 47 27.50 -12.13 -32.02
N SER A 48 27.36 -12.21 -33.34
CA SER A 48 28.12 -11.37 -34.25
C SER A 48 27.72 -11.64 -35.70
N GLY A 49 28.35 -10.92 -36.62
CA GLY A 49 28.05 -11.09 -38.03
C GLY A 49 27.87 -9.77 -38.75
N LYS A 50 28.96 -9.02 -38.89
CA LYS A 50 28.91 -7.73 -39.57
C LYS A 50 29.12 -7.89 -41.06
N LYS A 51 30.33 -8.26 -41.45
CA LYS A 51 30.65 -8.46 -42.87
C LYS A 51 32.04 -9.09 -43.03
N GLY A 52 32.26 -9.73 -44.17
CA GLY A 52 33.53 -10.37 -44.43
C GLY A 52 34.66 -9.37 -44.59
N GLY A 53 34.53 -8.51 -45.61
CA GLY A 53 35.56 -7.51 -45.86
C GLY A 53 36.85 -8.12 -46.37
N THR A 54 37.13 -7.91 -47.64
CA THR A 54 38.34 -8.44 -48.27
C THR A 54 38.64 -7.75 -49.59
N THR A 55 39.84 -7.97 -50.11
CA THR A 55 40.24 -7.36 -51.38
C THR A 55 41.64 -7.82 -51.78
N SER A 56 42.51 -7.98 -50.79
CA SER A 56 43.88 -8.41 -51.04
C SER A 56 44.59 -8.77 -49.74
N GLY A 57 44.44 -10.04 -49.32
CA GLY A 57 45.06 -10.50 -48.09
C GLY A 57 46.51 -10.89 -48.30
N LYS A 58 46.75 -12.19 -48.42
CA LYS A 58 48.10 -12.70 -48.61
C LYS A 58 48.25 -13.33 -49.99
N LYS A 59 47.17 -13.91 -50.50
CA LYS A 59 47.17 -14.54 -51.81
C LYS A 59 48.50 -15.26 -52.05
N GLY A 60 48.98 -15.97 -51.04
CA GLY A 60 50.23 -16.70 -51.16
C GLY A 60 50.05 -18.05 -51.83
N THR A 61 48.85 -18.30 -52.34
CA THR A 61 48.54 -19.56 -53.01
C THR A 61 48.11 -19.34 -54.45
N VAL A 62 47.42 -18.22 -54.69
CA VAL A 62 46.95 -17.89 -56.03
C VAL A 62 47.81 -16.80 -56.66
N SER A 63 49.05 -16.68 -56.19
CA SER A 63 49.97 -15.69 -56.72
C SER A 63 50.97 -16.32 -57.67
N ILE A 64 51.23 -17.61 -57.48
CA ILE A 64 52.17 -18.34 -58.33
C ILE A 64 51.47 -19.47 -59.08
N PRO A 65 52.06 -19.89 -60.21
CA PRO A 65 51.52 -20.96 -61.03
C PRO A 65 51.63 -22.33 -60.36
N SER A 66 52.75 -22.56 -59.67
CA SER A 66 52.97 -23.82 -58.98
C SER A 66 53.18 -24.95 -59.98
N LYS A 67 52.09 -25.40 -60.58
CA LYS A 67 52.15 -26.48 -61.57
C LYS A 67 51.59 -26.04 -62.91
N LYS A 68 51.92 -24.82 -63.32
CA LYS A 68 51.45 -24.29 -64.58
C LYS A 68 52.59 -24.14 -65.58
N LYS A 69 52.31 -23.47 -66.70
CA LYS A 69 53.32 -23.26 -67.73
C LYS A 69 54.33 -22.22 -67.28
N ASN A 70 55.28 -22.64 -66.46
CA ASN A 70 56.32 -21.74 -65.96
C ASN A 70 57.20 -21.23 -67.10
N GLY A 71 57.52 -22.12 -68.04
CA GLY A 71 58.34 -21.75 -69.17
C GLY A 71 59.75 -22.28 -69.07
N ASN A 72 59.89 -23.60 -69.21
CA ASN A 72 61.20 -24.24 -69.13
C ASN A 72 61.50 -25.04 -70.39
N GLY A 73 62.66 -25.69 -70.42
CA GLY A 73 63.04 -26.48 -71.57
C GLY A 73 64.09 -27.53 -71.24
N GLY A 74 64.49 -28.30 -72.24
CA GLY A 74 65.49 -29.33 -72.03
C GLY A 74 66.87 -28.91 -72.50
N VAL A 75 67.80 -28.79 -71.55
CA VAL A 75 69.16 -28.39 -71.87
C VAL A 75 70.10 -29.59 -71.89
N PHE A 76 69.75 -30.62 -71.12
CA PHE A 76 70.56 -31.83 -71.05
C PHE A 76 69.75 -32.99 -70.48
N GLY A 77 70.40 -34.14 -70.35
CA GLY A 77 69.72 -35.30 -69.81
C GLY A 77 69.48 -36.37 -70.87
N GLY A 78 69.18 -35.94 -72.08
CA GLY A 78 68.94 -36.88 -73.16
C GLY A 78 69.16 -36.25 -74.53
N LEU A 79 69.93 -35.17 -74.57
CA LEU A 79 70.21 -34.48 -75.82
C LEU A 79 71.50 -35.01 -76.45
N PHE A 80 72.49 -35.30 -75.61
CA PHE A 80 73.77 -35.82 -76.09
C PHE A 80 73.92 -37.30 -75.74
N ALA A 81 72.78 -37.98 -75.58
CA ALA A 81 72.79 -39.41 -75.26
C ALA A 81 73.57 -40.20 -76.30
N LYS A 82 74.73 -40.71 -75.90
CA LYS A 82 75.56 -41.49 -76.80
C LYS A 82 75.40 -42.99 -76.54
N LYS A 83 75.21 -43.76 -77.60
CA LYS A 83 75.05 -45.21 -77.48
C LYS A 83 73.82 -45.54 -76.63
N ASP A 84 72.64 -45.38 -77.23
CA ASP A 84 71.40 -45.67 -76.53
C ASP A 84 71.39 -47.10 -75.99
N SER A 1 13.65 30.56 3.56
CA SER A 1 13.04 29.36 3.01
C SER A 1 12.30 29.68 1.72
N ALA A 2 11.90 28.63 1.00
CA ALA A 2 11.18 28.80 -0.26
C ALA A 2 9.82 28.11 -0.21
N ALA A 3 8.93 28.50 -1.12
CA ALA A 3 7.60 27.91 -1.17
C ALA A 3 6.83 28.14 0.13
N LYS A 4 5.57 27.77 0.13
CA LYS A 4 4.73 27.93 1.32
C LYS A 4 3.89 26.68 1.56
N GLY A 5 3.10 26.29 0.57
CA GLY A 5 2.26 25.13 0.70
C GLY A 5 2.26 24.27 -0.54
N THR A 6 1.30 23.35 -0.63
CA THR A 6 1.19 22.46 -1.78
C THR A 6 -0.08 22.72 -2.57
N ALA A 7 -0.14 23.85 -3.25
CA ALA A 7 -1.31 24.22 -4.04
C ALA A 7 -1.51 23.25 -5.20
N GLU A 8 -0.43 22.62 -5.63
CA GLU A 8 -0.49 21.67 -6.73
C GLU A 8 -1.12 20.36 -6.28
N THR A 9 -2.40 20.18 -6.58
CA THR A 9 -3.12 18.98 -6.20
C THR A 9 -3.40 18.10 -7.41
N LYS A 10 -2.39 17.33 -7.83
CA LYS A 10 -2.53 16.45 -8.98
C LYS A 10 -1.42 15.40 -8.99
N GLN A 11 -1.82 14.13 -8.91
CA GLN A 11 -0.85 13.04 -8.90
C GLN A 11 -1.09 12.11 -10.09
N GLU A 12 -2.19 11.37 -10.05
CA GLU A 12 -2.54 10.44 -11.13
C GLU A 12 -1.57 9.26 -11.15
N LYS A 13 -0.37 9.50 -11.64
CA LYS A 13 0.65 8.44 -11.70
C LYS A 13 2.05 9.04 -11.75
N SER A 14 2.31 10.01 -10.87
CA SER A 14 3.60 10.67 -10.82
C SER A 14 4.38 10.23 -9.58
N PHE A 15 5.65 10.64 -9.51
CA PHE A 15 6.50 10.28 -8.38
C PHE A 15 5.82 10.64 -7.06
N VAL A 16 5.06 11.72 -7.06
CA VAL A 16 4.36 12.17 -5.86
C VAL A 16 3.49 11.06 -5.28
N ASP A 17 2.90 10.25 -6.16
CA ASP A 17 2.06 9.14 -5.73
C ASP A 17 2.85 8.16 -4.87
N TRP A 18 4.14 8.01 -5.17
CA TRP A 18 5.00 7.10 -4.43
C TRP A 18 5.58 7.78 -3.20
N LEU A 19 5.92 9.05 -3.34
CA LEU A 19 6.49 9.82 -2.24
C LEU A 19 5.46 10.03 -1.14
N LEU A 20 4.31 10.60 -1.50
CA LEU A 20 3.24 10.85 -0.55
C LEU A 20 2.81 9.56 0.16
N GLY A 21 2.98 8.44 -0.52
CA GLY A 21 2.62 7.16 0.04
C GLY A 21 3.51 6.78 1.22
N LYS A 22 4.68 7.39 1.30
CA LYS A 22 5.62 7.12 2.38
C LYS A 22 5.24 7.87 3.64
N ILE A 23 4.51 8.98 3.47
CA ILE A 23 4.08 9.79 4.60
C ILE A 23 2.62 9.54 4.92
N THR A 24 1.87 9.04 3.96
CA THR A 24 0.45 8.76 4.13
C THR A 24 -0.36 10.04 4.19
N LYS A 25 -0.17 10.81 5.26
CA LYS A 25 -0.89 12.07 5.43
C LYS A 25 -0.19 13.20 4.69
N GLU A 26 -0.98 14.16 4.21
CA GLU A 26 -0.44 15.30 3.48
C GLU A 26 -1.20 16.58 3.82
N ASP A 27 -1.73 16.63 5.03
CA ASP A 27 -2.48 17.80 5.47
C ASP A 27 -3.73 18.00 4.63
N GLN A 28 -4.51 16.93 4.46
CA GLN A 28 -5.73 17.00 3.68
C GLN A 28 -6.94 17.32 4.55
N PHE A 29 -8.11 17.35 3.94
CA PHE A 29 -9.34 17.66 4.67
C PHE A 29 -10.57 17.26 3.86
N TYR A 30 -10.87 15.95 3.86
CA TYR A 30 -12.01 15.44 3.12
C TYR A 30 -12.25 13.97 3.44
N GLU A 31 -13.47 13.49 3.19
CA GLU A 31 -13.81 12.10 3.46
C GLU A 31 -14.00 11.34 2.14
N THR A 32 -13.25 11.73 1.13
CA THR A 32 -13.34 11.08 -0.18
C THR A 32 -14.78 10.70 -0.51
N ASP A 33 -15.70 11.61 -0.23
CA ASP A 33 -17.12 11.38 -0.50
C ASP A 33 -17.71 12.52 -1.31
N PRO A 34 -17.38 12.55 -2.61
CA PRO A 34 -17.88 13.60 -3.53
C PRO A 34 -19.36 13.46 -3.81
N ILE A 35 -20.19 13.89 -2.85
CA ILE A 35 -21.63 13.82 -2.99
C ILE A 35 -22.09 14.55 -4.25
N LEU A 36 -21.29 15.50 -4.71
CA LEU A 36 -21.61 16.28 -5.90
C LEU A 36 -22.87 17.12 -5.67
N ARG A 37 -23.48 17.55 -6.76
CA ARG A 37 -24.69 18.36 -6.69
C ARG A 37 -25.94 17.47 -6.71
N GLY A 38 -25.79 16.24 -6.23
CA GLY A 38 -26.90 15.32 -6.21
C GLY A 38 -26.72 14.16 -7.17
N GLY A 39 -25.49 13.70 -7.31
CA GLY A 39 -25.21 12.60 -8.23
C GLY A 39 -23.76 12.55 -8.64
N ASP A 40 -23.52 12.29 -9.92
CA ASP A 40 -22.16 12.22 -10.45
C ASP A 40 -22.16 12.38 -11.97
N VAL A 41 -23.06 11.68 -12.64
CA VAL A 41 -23.17 11.75 -14.09
C VAL A 41 -23.93 12.99 -14.53
N LYS A 42 -24.88 13.42 -13.71
CA LYS A 42 -25.67 14.61 -14.01
C LYS A 42 -26.51 15.03 -12.80
N SER A 43 -27.47 14.18 -12.44
CA SER A 43 -28.34 14.46 -11.30
C SER A 43 -29.16 13.24 -10.92
N SER A 44 -29.87 12.68 -11.90
CA SER A 44 -30.68 11.50 -11.67
C SER A 44 -31.75 11.78 -10.62
N GLY A 45 -32.92 12.22 -11.07
CA GLY A 45 -34.01 12.51 -10.15
C GLY A 45 -35.27 12.96 -10.88
N SER A 46 -36.23 13.48 -10.11
CA SER A 46 -37.50 13.93 -10.69
C SER A 46 -38.18 12.80 -11.45
N THR A 47 -39.06 12.07 -10.77
CA THR A 47 -39.78 10.97 -11.38
C THR A 47 -41.21 11.37 -11.71
N SER A 48 -41.37 12.13 -12.80
CA SER A 48 -42.69 12.58 -13.22
C SER A 48 -42.61 13.26 -14.59
N GLY A 49 -43.72 13.28 -15.31
CA GLY A 49 -43.76 13.90 -16.61
C GLY A 49 -44.98 14.77 -16.80
N LYS A 50 -46.09 14.17 -17.25
CA LYS A 50 -47.32 14.91 -17.47
C LYS A 50 -48.35 14.57 -16.40
N LYS A 51 -48.42 13.30 -16.02
CA LYS A 51 -49.35 12.84 -15.00
C LYS A 51 -50.79 13.05 -15.46
N GLY A 52 -51.73 12.41 -14.76
CA GLY A 52 -53.13 12.53 -15.12
C GLY A 52 -53.92 13.36 -14.12
N GLY A 53 -53.73 14.68 -14.18
CA GLY A 53 -54.44 15.57 -13.27
C GLY A 53 -55.90 15.70 -13.61
N THR A 54 -56.24 15.52 -14.88
CA THR A 54 -57.62 15.63 -15.33
C THR A 54 -58.24 16.96 -14.92
N THR A 55 -59.53 17.11 -15.16
CA THR A 55 -60.23 18.34 -14.82
C THR A 55 -61.67 18.05 -14.41
N SER A 56 -62.47 17.57 -15.35
CA SER A 56 -63.87 17.25 -15.09
C SER A 56 -64.61 18.48 -14.58
N GLY A 57 -65.15 19.28 -15.50
CA GLY A 57 -65.87 20.47 -15.11
C GLY A 57 -66.57 21.13 -16.28
N LYS A 58 -67.39 22.13 -16.00
CA LYS A 58 -68.12 22.84 -17.04
C LYS A 58 -69.23 21.97 -17.63
N LYS A 59 -68.82 20.95 -18.39
CA LYS A 59 -69.78 20.04 -19.01
C LYS A 59 -70.73 20.79 -19.94
N GLY A 60 -70.27 21.93 -20.44
CA GLY A 60 -71.09 22.72 -21.34
C GLY A 60 -70.87 22.37 -22.80
N THR A 61 -70.26 21.21 -23.03
CA THR A 61 -69.99 20.75 -24.39
C THR A 61 -69.88 19.23 -24.45
N VAL A 62 -70.47 18.56 -23.46
CA VAL A 62 -70.44 17.10 -23.40
C VAL A 62 -71.84 16.53 -23.33
N SER A 63 -72.74 17.24 -22.64
CA SER A 63 -74.11 16.79 -22.49
C SER A 63 -74.85 16.88 -23.83
N ILE A 64 -74.40 17.78 -24.68
CA ILE A 64 -75.02 17.97 -26.00
C ILE A 64 -73.98 17.90 -27.11
N PRO A 65 -74.43 17.57 -28.33
CA PRO A 65 -73.57 17.47 -29.50
C PRO A 65 -73.03 18.83 -29.95
N SER A 66 -73.80 19.89 -29.66
CA SER A 66 -73.41 21.24 -30.04
C SER A 66 -73.23 21.35 -31.55
N LYS A 67 -74.29 21.80 -32.23
CA LYS A 67 -74.25 21.95 -33.68
C LYS A 67 -74.21 20.60 -34.37
N LYS A 68 -73.04 19.97 -34.34
CA LYS A 68 -72.86 18.66 -34.97
C LYS A 68 -71.53 18.04 -34.55
N LYS A 69 -71.52 16.71 -34.41
CA LYS A 69 -70.32 16.00 -34.02
C LYS A 69 -69.66 15.34 -35.24
N ASN A 70 -70.47 14.71 -36.08
CA ASN A 70 -69.97 14.05 -37.27
C ASN A 70 -70.07 14.97 -38.49
N GLY A 71 -69.59 14.48 -39.63
CA GLY A 71 -69.64 15.27 -40.85
C GLY A 71 -69.26 14.46 -42.08
N ASN A 72 -68.68 15.14 -43.06
CA ASN A 72 -68.27 14.48 -44.30
C ASN A 72 -69.46 13.81 -44.99
N GLY A 73 -70.09 14.54 -45.91
CA GLY A 73 -71.23 14.01 -46.63
C GLY A 73 -72.23 15.08 -47.00
N GLY A 74 -72.55 15.16 -48.29
CA GLY A 74 -73.50 16.16 -48.76
C GLY A 74 -74.42 15.62 -49.84
N VAL A 75 -74.75 14.33 -49.75
CA VAL A 75 -75.62 13.69 -50.72
C VAL A 75 -76.98 14.39 -50.77
N PHE A 76 -77.42 14.89 -49.62
CA PHE A 76 -78.70 15.59 -49.52
C PHE A 76 -78.93 16.12 -48.11
N GLY A 77 -80.07 16.79 -47.92
CA GLY A 77 -80.39 17.34 -46.62
C GLY A 77 -80.10 18.83 -46.53
N GLY A 78 -79.14 19.29 -47.33
CA GLY A 78 -78.80 20.70 -47.31
C GLY A 78 -78.10 21.12 -48.59
N LEU A 79 -78.37 20.42 -49.68
CA LEU A 79 -77.76 20.73 -50.97
C LEU A 79 -78.31 22.04 -51.53
N PHE A 80 -79.61 22.26 -51.34
CA PHE A 80 -80.26 23.47 -51.82
C PHE A 80 -80.59 24.42 -50.66
N ALA A 81 -79.84 24.29 -49.57
CA ALA A 81 -80.04 25.12 -48.41
C ALA A 81 -78.95 26.17 -48.27
N LYS A 82 -79.07 27.05 -47.28
CA LYS A 82 -78.10 28.09 -47.05
C LYS A 82 -77.96 29.01 -48.27
N LYS A 83 -78.87 29.97 -48.38
CA LYS A 83 -78.85 30.92 -49.49
C LYS A 83 -77.70 31.91 -49.36
N ASP A 84 -77.32 32.51 -50.48
CA ASP A 84 -76.23 33.49 -50.48
C ASP A 84 -76.62 34.73 -49.69
#